data_5AYD
#
_entry.id   5AYD
#
_cell.length_a   92.678
_cell.length_b   166.181
_cell.length_c   92.969
_cell.angle_alpha   90.00
_cell.angle_beta   118.91
_cell.angle_gamma   90.00
#
_symmetry.space_group_name_H-M   'P 1 21 1'
#
loop_
_entity.id
_entity.type
_entity.pdbx_description
1 polymer 'Beta-1,4-mannooligosaccharide phosphorylase'
2 non-polymer 'PHOSPHATE ION'
3 water water
#
_entity_poly.entity_id   1
_entity_poly.type   'polypeptide(L)'
_entity_poly.pdbx_seq_one_letter_code
;MKTQIINGVSLPNIPWQDKPADCKDVIWRYDANPIIPRDQLPTSNSIFNSAVVPYESEKGKFAGVFRVDDKCRNMELHAG
FSKDGIHWDINPDRIVFEQAEKSTEEVNQWGYGYDPRVCFIEDRFWVTWCNAYGWKPTIGVAYTFDFKTFYQCENAFLPF
NRNGVLFPRKINGKYVMFSRPSDSGHTPFGDMFISQSPDMKYWGEHRHVMGPLRAWESKKIGAGPIPIETSEGWLCFYHG
VLESCNGFVYSFSACILDKDEPWKVKYRCAEYLLSPQKIYECVGDVQNVTFPCATLVDADTGRIAIYYGCADTCVSMAFT
TVDDVVDYVKSHSSV
;
_entity_poly.pdbx_strand_id   A,B,C,D,E,F
#
# COMPACT_ATOMS: atom_id res chain seq x y z
N MET A 1 46.56 19.59 -17.85
CA MET A 1 45.14 19.48 -17.54
C MET A 1 44.69 20.56 -16.56
N LYS A 2 43.43 20.96 -16.66
CA LYS A 2 42.88 22.09 -15.89
C LYS A 2 42.58 21.73 -14.44
N THR A 3 42.01 20.55 -14.23
CA THR A 3 41.75 20.09 -12.87
C THR A 3 42.77 19.03 -12.50
N GLN A 4 43.44 19.24 -11.37
CA GLN A 4 44.50 18.32 -10.95
C GLN A 4 44.00 17.28 -9.96
N ILE A 5 44.51 16.06 -10.10
CA ILE A 5 44.26 14.97 -9.17
C ILE A 5 45.21 15.08 -7.98
N ILE A 6 44.66 14.95 -6.79
CA ILE A 6 45.44 15.06 -5.55
C ILE A 6 45.53 13.69 -4.85
N ASN A 7 46.73 13.39 -4.36
CA ASN A 7 46.98 12.10 -3.72
C ASN A 7 46.61 10.91 -4.60
N GLY A 8 46.82 11.04 -5.91
CA GLY A 8 46.48 9.98 -6.84
C GLY A 8 47.65 9.08 -7.19
N VAL A 9 47.45 8.21 -8.17
CA VAL A 9 48.50 7.28 -8.59
C VAL A 9 48.71 7.32 -10.10
N SER A 10 49.92 6.98 -10.51
CA SER A 10 50.27 6.92 -11.91
C SER A 10 49.76 5.60 -12.47
N LEU A 11 48.95 5.68 -13.51
CA LEU A 11 48.26 4.49 -14.01
C LEU A 11 48.31 4.45 -15.53
N PRO A 12 49.51 4.36 -16.09
CA PRO A 12 49.61 4.45 -17.54
C PRO A 12 48.91 3.29 -18.23
N ASN A 13 48.68 2.21 -17.50
CA ASN A 13 48.09 0.99 -18.04
C ASN A 13 46.58 0.89 -17.83
N ILE A 14 45.98 1.98 -17.33
CA ILE A 14 44.54 2.04 -17.12
C ILE A 14 43.77 1.50 -18.33
N PRO A 15 42.74 0.69 -18.09
CA PRO A 15 41.90 0.29 -19.22
C PRO A 15 41.34 1.55 -19.86
N TRP A 16 41.33 1.63 -21.18
CA TRP A 16 40.96 2.86 -21.84
C TRP A 16 40.58 2.72 -23.32
N GLN A 17 39.57 3.47 -23.73
CA GLN A 17 39.25 3.61 -25.14
C GLN A 17 38.93 5.08 -25.39
N ASP A 18 39.32 5.60 -26.55
CA ASP A 18 39.07 6.99 -26.85
C ASP A 18 37.62 7.26 -27.18
N LYS A 19 37.21 8.50 -26.93
CA LYS A 19 35.85 8.93 -27.23
C LYS A 19 35.57 8.92 -28.74
N PRO A 20 34.50 8.21 -29.14
CA PRO A 20 34.05 8.23 -30.54
C PRO A 20 33.79 9.65 -31.02
N ALA A 21 34.06 9.92 -32.30
CA ALA A 21 33.82 11.24 -32.86
C ALA A 21 32.33 11.57 -32.87
N ASP A 22 31.48 10.55 -32.86
CA ASP A 22 30.04 10.75 -32.92
C ASP A 22 29.42 10.90 -31.52
N CYS A 23 30.18 10.51 -30.51
CA CYS A 23 29.69 10.60 -29.14
C CYS A 23 29.61 12.06 -28.68
N LYS A 24 28.41 12.46 -28.26
CA LYS A 24 28.17 13.82 -27.79
C LYS A 24 28.04 13.89 -26.26
N ASP A 25 28.27 12.76 -25.61
CA ASP A 25 28.09 12.68 -24.18
C ASP A 25 29.40 12.92 -23.43
N VAL A 26 29.29 13.11 -22.13
CA VAL A 26 30.43 13.30 -21.25
C VAL A 26 31.13 11.98 -20.95
N ILE A 27 30.32 10.94 -20.85
CA ILE A 27 30.78 9.59 -20.55
C ILE A 27 30.44 8.67 -21.71
N TRP A 28 31.42 7.94 -22.22
CA TRP A 28 31.14 7.00 -23.30
C TRP A 28 31.47 5.57 -22.87
N ARG A 29 30.68 4.63 -23.38
CA ARG A 29 30.77 3.23 -22.98
C ARG A 29 31.87 2.46 -23.70
N TYR A 30 32.51 1.55 -22.98
CA TYR A 30 33.37 0.53 -23.57
C TYR A 30 32.61 -0.16 -24.68
N ASP A 31 33.29 -0.54 -25.75
CA ASP A 31 32.57 -1.01 -26.93
C ASP A 31 32.35 -2.52 -26.94
N ALA A 32 32.77 -3.22 -25.88
CA ALA A 32 32.46 -4.65 -25.81
C ALA A 32 31.87 -5.05 -24.45
N ASN A 33 30.91 -4.26 -23.97
CA ASN A 33 30.24 -4.57 -22.72
C ASN A 33 29.31 -5.76 -22.92
N PRO A 34 29.06 -6.55 -21.87
CA PRO A 34 29.71 -6.50 -20.56
C PRO A 34 31.16 -7.03 -20.58
N ILE A 35 31.98 -6.53 -19.65
CA ILE A 35 33.32 -7.04 -19.49
C ILE A 35 33.29 -8.28 -18.59
N ILE A 36 32.26 -8.38 -17.76
CA ILE A 36 32.01 -9.59 -16.99
C ILE A 36 30.55 -10.04 -17.18
N PRO A 37 30.36 -11.14 -17.92
CA PRO A 37 29.03 -11.70 -18.15
C PRO A 37 28.47 -12.34 -16.89
N ARG A 38 27.16 -12.57 -16.85
CA ARG A 38 26.48 -13.08 -15.66
C ARG A 38 26.93 -14.49 -15.29
N ASP A 39 27.46 -15.22 -16.27
CA ASP A 39 27.74 -16.64 -16.09
C ASP A 39 29.23 -16.96 -16.08
N GLN A 40 30.07 -16.01 -15.65
CA GLN A 40 31.50 -16.21 -15.75
C GLN A 40 31.97 -17.25 -14.75
N LEU A 41 31.22 -17.40 -13.66
CA LEU A 41 31.44 -18.46 -12.72
C LEU A 41 30.47 -19.60 -12.99
N PRO A 42 30.85 -20.85 -12.68
CA PRO A 42 29.95 -21.99 -12.87
C PRO A 42 28.71 -21.92 -11.98
N THR A 43 28.86 -21.22 -10.84
CA THR A 43 27.79 -21.08 -9.86
C THR A 43 27.03 -19.75 -9.91
N SER A 44 27.47 -18.81 -10.76
CA SER A 44 26.92 -17.47 -10.67
C SER A 44 25.63 -17.28 -11.48
N ASN A 45 24.61 -16.74 -10.81
CA ASN A 45 23.43 -16.23 -11.45
C ASN A 45 23.71 -14.89 -12.12
N SER A 46 24.42 -14.02 -11.40
CA SER A 46 24.70 -12.67 -11.84
C SER A 46 25.96 -12.17 -11.16
N ILE A 47 26.68 -11.28 -11.83
CA ILE A 47 27.88 -10.64 -11.27
C ILE A 47 27.80 -9.15 -11.60
N PHE A 48 27.71 -8.31 -10.59
CA PHE A 48 27.47 -6.89 -10.86
C PHE A 48 27.88 -6.02 -9.67
N ASN A 49 27.71 -4.70 -9.80
CA ASN A 49 27.98 -3.75 -8.70
C ASN A 49 29.28 -4.03 -7.92
N SER A 50 30.42 -3.97 -8.60
CA SER A 50 31.66 -4.56 -8.09
C SER A 50 32.83 -3.58 -7.85
N ALA A 51 33.73 -3.95 -6.94
CA ALA A 51 34.79 -3.05 -6.48
C ALA A 51 36.14 -3.40 -7.10
N VAL A 52 36.92 -2.38 -7.47
CA VAL A 52 38.15 -2.57 -8.22
C VAL A 52 39.19 -1.54 -7.80
N VAL A 53 40.44 -2.00 -7.61
CA VAL A 53 41.57 -1.09 -7.33
C VAL A 53 42.83 -1.51 -8.10
N PRO A 54 43.77 -0.56 -8.30
CA PRO A 54 45.10 -0.99 -8.74
C PRO A 54 45.74 -1.84 -7.65
N TYR A 55 46.41 -2.92 -8.04
CA TYR A 55 47.08 -3.80 -7.09
C TYR A 55 47.96 -4.79 -7.83
N GLU A 56 49.27 -4.73 -7.58
CA GLU A 56 50.22 -5.59 -8.26
C GLU A 56 50.26 -6.95 -7.56
N SER A 57 49.99 -8.03 -8.31
CA SER A 57 50.10 -9.38 -7.77
C SER A 57 50.48 -10.38 -8.87
N GLU A 58 50.56 -11.65 -8.51
CA GLU A 58 50.96 -12.69 -9.45
C GLU A 58 49.94 -12.88 -10.57
N LYS A 59 48.72 -12.37 -10.35
CA LYS A 59 47.67 -12.60 -11.33
C LYS A 59 47.33 -11.36 -12.16
N GLY A 60 47.97 -10.23 -11.85
CA GLY A 60 47.81 -9.04 -12.66
C GLY A 60 48.15 -7.72 -11.99
N LYS A 61 47.60 -6.64 -12.52
CA LYS A 61 47.88 -5.30 -12.03
C LYS A 61 46.69 -4.67 -11.30
N PHE A 62 45.51 -5.29 -11.44
CA PHE A 62 44.34 -4.84 -10.69
C PHE A 62 43.72 -5.97 -9.88
N ALA A 63 43.11 -5.62 -8.75
CA ALA A 63 42.39 -6.58 -7.93
C ALA A 63 41.01 -6.03 -7.58
N GLY A 64 40.11 -6.90 -7.16
CA GLY A 64 38.79 -6.41 -6.78
C GLY A 64 37.94 -7.32 -5.92
N VAL A 65 36.82 -6.77 -5.46
CA VAL A 65 35.84 -7.51 -4.69
C VAL A 65 34.53 -7.46 -5.45
N PHE A 66 33.98 -8.62 -5.75
CA PHE A 66 32.86 -8.72 -6.68
C PHE A 66 31.61 -9.26 -6.02
N ARG A 67 30.49 -8.58 -6.28
CA ARG A 67 29.19 -9.13 -5.90
C ARG A 67 28.78 -10.22 -6.87
N VAL A 68 28.70 -11.43 -6.34
CA VAL A 68 28.24 -12.58 -7.08
C VAL A 68 26.98 -13.10 -6.40
N ASP A 69 25.90 -13.21 -7.17
CA ASP A 69 24.69 -13.83 -6.67
C ASP A 69 24.63 -15.21 -7.30
N ASP A 70 24.53 -16.25 -6.47
CA ASP A 70 24.56 -17.60 -6.99
C ASP A 70 23.17 -18.06 -7.44
N LYS A 71 23.04 -19.34 -7.76
CA LYS A 71 21.81 -19.86 -8.32
C LYS A 71 20.74 -20.15 -7.25
N CYS A 72 21.09 -19.92 -5.99
CA CYS A 72 20.10 -19.79 -4.93
C CYS A 72 19.56 -18.35 -4.88
N ARG A 73 20.22 -17.46 -5.62
CA ARG A 73 20.06 -16.01 -5.48
C ARG A 73 20.54 -15.50 -4.10
N ASN A 74 21.39 -16.28 -3.43
CA ASN A 74 22.19 -15.76 -2.31
C ASN A 74 23.15 -14.69 -2.81
N MET A 75 23.37 -13.67 -2.00
CA MET A 75 24.33 -12.61 -2.34
C MET A 75 25.65 -12.80 -1.60
N GLU A 76 26.75 -12.81 -2.35
CA GLU A 76 28.09 -13.18 -1.87
C GLU A 76 29.18 -12.22 -2.37
N LEU A 77 30.35 -12.25 -1.72
CA LEU A 77 31.51 -11.48 -2.18
C LEU A 77 32.65 -12.39 -2.65
N HIS A 78 33.13 -12.20 -3.87
CA HIS A 78 34.26 -12.97 -4.38
C HIS A 78 35.44 -12.06 -4.72
N ALA A 79 36.64 -12.55 -4.44
CA ALA A 79 37.87 -11.86 -4.82
C ALA A 79 38.16 -12.11 -6.30
N GLY A 80 38.78 -11.14 -6.94
CA GLY A 80 39.12 -11.24 -8.35
C GLY A 80 40.38 -10.49 -8.75
N PHE A 81 40.96 -10.88 -9.88
CA PHE A 81 42.21 -10.33 -10.35
C PHE A 81 42.20 -10.16 -11.85
N SER A 82 42.90 -9.12 -12.33
CA SER A 82 42.95 -8.86 -13.75
C SER A 82 44.34 -8.32 -14.15
N LYS A 83 44.78 -8.69 -15.35
CA LYS A 83 46.02 -8.14 -15.90
C LYS A 83 45.78 -6.78 -16.59
N ASP A 84 44.59 -6.58 -17.13
CA ASP A 84 44.32 -5.39 -17.96
C ASP A 84 43.14 -4.55 -17.47
N GLY A 85 42.53 -4.96 -16.36
CA GLY A 85 41.37 -4.28 -15.82
C GLY A 85 40.06 -4.54 -16.54
N ILE A 86 40.07 -5.44 -17.53
CA ILE A 86 38.90 -5.68 -18.38
C ILE A 86 38.46 -7.14 -18.31
N HIS A 87 39.40 -8.02 -18.62
CA HIS A 87 39.19 -9.46 -18.46
C HIS A 87 39.57 -9.86 -17.04
N TRP A 88 38.64 -10.53 -16.36
CA TRP A 88 38.81 -10.76 -14.94
C TRP A 88 38.91 -12.22 -14.55
N ASP A 89 39.78 -12.50 -13.59
CA ASP A 89 39.89 -13.83 -13.04
C ASP A 89 39.28 -13.82 -11.64
N ILE A 90 38.06 -14.36 -11.55
CA ILE A 90 37.30 -14.24 -10.32
C ILE A 90 37.28 -15.57 -9.58
N ASN A 91 37.61 -15.53 -8.28
CA ASN A 91 37.61 -16.75 -7.47
C ASN A 91 36.25 -17.42 -7.51
N PRO A 92 36.22 -18.76 -7.66
CA PRO A 92 34.97 -19.49 -7.78
C PRO A 92 34.18 -19.47 -6.46
N ASP A 93 34.89 -19.28 -5.35
CA ASP A 93 34.28 -19.36 -4.04
C ASP A 93 34.25 -18.02 -3.33
N ARG A 94 33.30 -17.89 -2.41
CA ARG A 94 33.11 -16.63 -1.68
C ARG A 94 34.29 -16.33 -0.77
N ILE A 95 34.47 -15.05 -0.49
CA ILE A 95 35.32 -14.64 0.60
C ILE A 95 34.72 -15.11 1.91
N VAL A 96 35.48 -15.91 2.65
CA VAL A 96 35.13 -16.26 4.01
C VAL A 96 35.97 -15.40 4.96
N PHE A 97 35.31 -14.54 5.72
CA PHE A 97 36.01 -13.56 6.54
C PHE A 97 36.66 -14.14 7.80
N GLU A 98 37.79 -13.55 8.17
CA GLU A 98 38.42 -13.79 9.46
C GLU A 98 38.20 -12.55 10.30
N GLN A 99 37.88 -12.73 11.57
CA GLN A 99 37.64 -11.59 12.44
C GLN A 99 38.96 -10.91 12.83
N ALA A 100 39.00 -9.58 12.71
CA ALA A 100 40.19 -8.81 13.06
C ALA A 100 40.52 -9.01 14.54
N GLU A 101 39.52 -8.80 15.39
CA GLU A 101 39.64 -9.11 16.80
C GLU A 101 38.72 -10.27 17.13
N LYS A 102 39.01 -10.95 18.22
CA LYS A 102 38.23 -12.07 18.69
C LYS A 102 36.90 -11.60 19.26
N SER A 103 36.80 -10.32 19.59
CA SER A 103 35.62 -9.75 20.21
C SER A 103 34.41 -9.63 19.27
N THR A 104 34.60 -10.00 18.00
CA THR A 104 33.51 -9.99 17.03
C THR A 104 33.25 -11.39 16.47
N GLU A 105 33.83 -12.40 17.10
CA GLU A 105 33.64 -13.79 16.69
C GLU A 105 32.15 -14.16 16.74
N GLU A 106 31.48 -13.72 17.80
CA GLU A 106 30.07 -14.01 18.00
C GLU A 106 29.14 -13.25 17.04
N VAL A 107 29.20 -11.92 17.03
CA VAL A 107 28.29 -11.11 16.20
C VAL A 107 28.40 -11.34 14.71
N ASN A 108 29.62 -11.38 14.18
CA ASN A 108 29.78 -11.32 12.73
C ASN A 108 29.64 -12.66 12.04
N GLN A 109 28.56 -13.38 12.31
CA GLN A 109 28.21 -14.55 11.53
C GLN A 109 27.77 -14.12 10.14
N TRP A 110 28.12 -14.91 9.13
CA TRP A 110 27.85 -14.54 7.75
C TRP A 110 26.40 -14.80 7.38
N GLY A 111 25.74 -13.79 6.83
CA GLY A 111 24.42 -13.96 6.27
C GLY A 111 24.48 -13.73 4.77
N TYR A 112 24.73 -12.48 4.39
CA TYR A 112 24.93 -12.13 3.00
C TYR A 112 25.75 -10.84 2.91
N GLY A 113 26.19 -10.54 1.69
CA GLY A 113 26.92 -9.32 1.45
C GLY A 113 26.80 -8.91 -0.01
N TYR A 114 26.61 -7.61 -0.23
CA TYR A 114 26.58 -7.14 -1.60
C TYR A 114 27.10 -5.72 -1.73
N ASP A 115 27.29 -5.31 -2.97
CA ASP A 115 27.72 -3.96 -3.32
C ASP A 115 28.98 -3.46 -2.55
N PRO A 116 30.10 -4.17 -2.75
CA PRO A 116 31.32 -3.78 -2.05
C PRO A 116 31.97 -2.53 -2.63
N ARG A 117 32.55 -1.72 -1.78
CA ARG A 117 33.41 -0.66 -2.25
C ARG A 117 34.78 -0.84 -1.58
N VAL A 118 35.85 -0.61 -2.34
CA VAL A 118 37.21 -0.84 -1.86
C VAL A 118 38.13 0.34 -2.18
N CYS A 119 38.90 0.77 -1.19
CA CYS A 119 39.97 1.74 -1.40
C CYS A 119 41.12 1.49 -0.42
N PHE A 120 42.32 1.78 -0.90
CA PHE A 120 43.52 1.74 -0.09
C PHE A 120 43.59 2.94 0.84
N ILE A 121 43.83 2.70 2.14
CA ILE A 121 44.11 3.81 3.05
C ILE A 121 45.33 3.49 3.93
N GLU A 122 46.24 4.46 4.00
CA GLU A 122 47.57 4.38 4.62
C GLU A 122 48.38 3.10 4.31
N ASP A 123 47.91 1.95 4.77
CA ASP A 123 48.74 0.75 4.73
C ASP A 123 48.02 -0.52 4.27
N ARG A 124 46.70 -0.45 4.10
CA ARG A 124 45.93 -1.61 3.72
C ARG A 124 44.77 -1.23 2.81
N PHE A 125 44.08 -2.22 2.26
CA PHE A 125 42.87 -1.93 1.52
C PHE A 125 41.66 -2.10 2.44
N TRP A 126 40.81 -1.09 2.48
CA TRP A 126 39.61 -1.17 3.28
C TRP A 126 38.42 -1.58 2.42
N VAL A 127 37.60 -2.47 2.96
CA VAL A 127 36.43 -2.98 2.25
C VAL A 127 35.18 -2.67 3.05
N THR A 128 34.22 -2.00 2.40
CA THR A 128 32.87 -1.89 2.95
C THR A 128 31.89 -2.57 2.00
N TRP A 129 30.75 -3.01 2.52
CA TRP A 129 29.70 -3.61 1.70
C TRP A 129 28.41 -3.57 2.50
N CYS A 130 27.30 -3.92 1.87
CA CYS A 130 26.04 -4.07 2.59
C CYS A 130 26.00 -5.44 3.25
N ASN A 131 26.17 -5.46 4.58
CA ASN A 131 26.29 -6.70 5.33
C ASN A 131 25.03 -7.02 6.16
N ALA A 132 24.66 -8.28 6.18
CA ALA A 132 23.52 -8.72 6.98
C ALA A 132 23.89 -8.85 8.44
N TYR A 133 23.17 -8.12 9.29
CA TYR A 133 23.24 -8.38 10.71
C TYR A 133 21.86 -8.85 11.16
N GLY A 134 21.75 -10.15 11.46
CA GLY A 134 20.47 -10.74 11.79
C GLY A 134 19.52 -10.57 10.62
N TRP A 135 20.06 -10.75 9.41
CA TRP A 135 19.32 -10.63 8.16
C TRP A 135 18.72 -9.21 7.93
N LYS A 136 19.33 -8.20 8.52
CA LYS A 136 18.97 -6.82 8.24
C LYS A 136 20.16 -6.10 7.62
N PRO A 137 19.89 -5.20 6.65
CA PRO A 137 21.00 -4.56 5.95
C PRO A 137 21.68 -3.46 6.79
N THR A 138 23.00 -3.59 6.94
CA THR A 138 23.85 -2.53 7.44
C THR A 138 25.19 -2.56 6.73
N ILE A 139 26.12 -1.72 7.17
CA ILE A 139 27.40 -1.58 6.50
C ILE A 139 28.47 -2.41 7.20
N GLY A 140 29.05 -3.36 6.48
CA GLY A 140 30.16 -4.14 6.97
C GLY A 140 31.49 -3.47 6.70
N VAL A 141 32.48 -3.76 7.55
CA VAL A 141 33.82 -3.24 7.38
C VAL A 141 34.86 -4.37 7.55
N ALA A 142 35.90 -4.34 6.72
CA ALA A 142 36.95 -5.34 6.77
C ALA A 142 38.17 -4.80 6.05
N TYR A 143 39.33 -5.40 6.30
CA TYR A 143 40.55 -4.95 5.62
C TYR A 143 41.32 -6.13 5.11
N THR A 144 42.14 -5.88 4.09
CA THR A 144 43.04 -6.89 3.53
C THR A 144 44.37 -6.27 3.13
N PHE A 145 45.43 -7.08 3.16
CA PHE A 145 46.74 -6.65 2.70
C PHE A 145 47.08 -7.25 1.34
N ASP A 146 46.42 -8.33 0.97
CA ASP A 146 46.80 -9.03 -0.24
C ASP A 146 45.63 -9.52 -1.10
N PHE A 147 44.40 -9.16 -0.71
CA PHE A 147 43.18 -9.64 -1.37
C PHE A 147 43.13 -11.17 -1.37
N LYS A 148 43.69 -11.79 -0.34
CA LYS A 148 43.60 -13.23 -0.18
C LYS A 148 42.90 -13.55 1.14
N THR A 149 43.33 -12.88 2.19
CA THR A 149 42.73 -13.05 3.50
C THR A 149 42.11 -11.72 3.90
N PHE A 150 40.88 -11.77 4.40
CA PHE A 150 40.12 -10.55 4.68
C PHE A 150 39.72 -10.54 6.14
N TYR A 151 39.95 -9.40 6.81
CA TYR A 151 39.73 -9.31 8.25
C TYR A 151 38.53 -8.45 8.61
N GLN A 152 37.44 -9.10 9.00
CA GLN A 152 36.20 -8.40 9.32
C GLN A 152 36.30 -7.60 10.62
N CYS A 153 35.77 -6.39 10.59
CA CYS A 153 35.65 -5.55 11.79
C CYS A 153 34.19 -5.43 12.23
N GLU A 154 33.92 -4.53 13.17
CA GLU A 154 32.55 -4.22 13.58
C GLU A 154 31.75 -3.56 12.44
N ASN A 155 30.52 -4.00 12.22
CA ASN A 155 29.58 -3.25 11.37
C ASN A 155 29.52 -1.81 11.84
N ALA A 156 29.71 -0.87 10.92
CA ALA A 156 29.89 0.53 11.30
C ALA A 156 28.65 1.16 11.93
N PHE A 157 27.45 0.75 11.48
CA PHE A 157 26.20 1.33 11.97
C PHE A 157 25.15 0.29 12.35
N LEU A 158 24.08 0.80 12.92
CA LEU A 158 22.83 0.07 13.03
C LEU A 158 22.19 -0.09 11.65
N PRO A 159 21.41 -1.16 11.48
CA PRO A 159 20.45 -1.21 10.37
C PRO A 159 19.46 -0.04 10.54
N PHE A 160 18.80 0.43 9.48
CA PHE A 160 18.90 -0.10 8.12
C PHE A 160 19.71 0.88 7.27
N ASN A 161 20.72 0.38 6.56
CA ASN A 161 21.69 1.23 5.90
C ASN A 161 22.36 0.48 4.78
N ARG A 162 22.79 1.23 3.77
CA ARG A 162 23.33 0.67 2.54
C ARG A 162 24.20 1.75 1.92
N ASN A 163 25.02 1.40 0.95
CA ASN A 163 25.84 2.37 0.21
C ASN A 163 26.87 3.06 1.12
N GLY A 164 27.57 2.24 1.90
CA GLY A 164 28.68 2.68 2.74
C GLY A 164 29.96 2.74 1.93
N VAL A 165 30.47 3.96 1.76
CA VAL A 165 31.65 4.20 0.92
C VAL A 165 32.66 5.07 1.67
N LEU A 166 33.88 4.56 1.84
CA LEU A 166 34.93 5.30 2.58
C LEU A 166 35.60 6.35 1.72
N PHE A 167 35.94 7.50 2.29
CA PHE A 167 36.88 8.42 1.62
C PHE A 167 38.27 7.81 1.71
N PRO A 168 39.12 8.02 0.70
CA PRO A 168 40.35 7.24 0.65
C PRO A 168 41.48 7.76 1.57
N ARG A 169 41.19 8.72 2.44
CA ARG A 169 42.15 9.14 3.47
C ARG A 169 41.42 9.73 4.66
N LYS A 170 42.12 9.92 5.77
CA LYS A 170 41.53 10.61 6.91
C LYS A 170 41.37 12.09 6.55
N ILE A 171 40.42 12.75 7.22
CA ILE A 171 40.16 14.17 7.01
C ILE A 171 39.91 14.79 8.37
N ASN A 172 40.69 15.80 8.72
CA ASN A 172 40.73 16.28 10.11
C ASN A 172 40.99 15.12 11.09
N GLY A 173 41.91 14.24 10.71
CA GLY A 173 42.25 13.10 11.54
C GLY A 173 41.13 12.11 11.84
N LYS A 174 40.19 11.96 10.91
CA LYS A 174 39.09 10.98 11.08
C LYS A 174 38.74 10.27 9.78
N TYR A 175 38.46 8.97 9.88
CA TYR A 175 37.87 8.22 8.77
C TYR A 175 36.51 8.83 8.46
N VAL A 176 36.19 8.95 7.17
CA VAL A 176 34.92 9.51 6.71
C VAL A 176 34.22 8.54 5.78
N MET A 177 32.98 8.19 6.11
CA MET A 177 32.20 7.25 5.30
C MET A 177 30.81 7.78 4.90
N PHE A 178 30.58 7.87 3.59
CA PHE A 178 29.22 7.95 3.03
C PHE A 178 28.40 6.79 3.58
N SER A 179 27.15 7.04 3.94
CA SER A 179 26.17 5.94 4.03
C SER A 179 24.81 6.47 3.59
N ARG A 180 23.79 5.63 3.68
CA ARG A 180 22.50 5.95 3.08
C ARG A 180 21.40 5.23 3.83
N PRO A 181 20.87 5.87 4.87
CA PRO A 181 19.83 5.26 5.69
C PRO A 181 18.69 4.75 4.82
N SER A 182 18.29 3.51 5.11
CA SER A 182 17.35 2.77 4.28
C SER A 182 16.23 2.20 5.13
N ASP A 183 15.60 1.14 4.66
CA ASP A 183 14.59 0.43 5.45
C ASP A 183 14.74 -1.05 5.19
N SER A 184 13.72 -1.83 5.58
CA SER A 184 13.83 -3.30 5.54
C SER A 184 13.53 -3.92 4.16
N GLY A 185 12.96 -3.14 3.25
CA GLY A 185 12.65 -3.62 1.91
C GLY A 185 13.26 -2.82 0.77
N HIS A 186 12.51 -2.66 -0.31
CA HIS A 186 12.99 -1.91 -1.46
C HIS A 186 12.77 -0.43 -1.21
N THR A 187 13.68 0.13 -0.42
CA THR A 187 13.61 1.48 0.10
C THR A 187 13.14 2.52 -0.90
N PRO A 188 12.00 3.18 -0.60
CA PRO A 188 11.43 4.22 -1.48
C PRO A 188 11.84 5.64 -1.10
N PHE A 189 13.00 5.77 -0.46
CA PHE A 189 13.54 7.05 -0.04
C PHE A 189 15.06 6.91 0.08
N GLY A 190 15.77 8.02 0.26
CA GLY A 190 17.19 7.95 0.48
C GLY A 190 17.97 9.22 0.25
N ASP A 191 18.57 9.73 1.35
CA ASP A 191 19.52 10.84 1.34
C ASP A 191 20.95 10.32 1.61
N MET A 192 21.93 11.03 1.10
CA MET A 192 23.30 10.64 1.41
C MET A 192 23.74 11.33 2.69
N PHE A 193 24.49 10.58 3.51
CA PHE A 193 25.10 11.11 4.73
C PHE A 193 26.58 10.80 4.77
N ILE A 194 27.30 11.45 5.67
CA ILE A 194 28.61 10.95 6.08
C ILE A 194 28.61 10.77 7.58
N SER A 195 29.50 9.90 8.04
CA SER A 195 29.78 9.73 9.45
C SER A 195 31.30 9.73 9.63
N GLN A 196 31.75 10.00 10.85
CA GLN A 196 33.17 10.14 11.13
C GLN A 196 33.63 9.27 12.30
N SER A 197 34.84 8.73 12.18
CA SER A 197 35.38 7.77 13.14
C SER A 197 36.87 7.94 13.37
N PRO A 198 37.29 8.03 14.64
CA PRO A 198 38.73 8.12 14.87
C PRO A 198 39.45 6.78 14.69
N ASP A 199 38.70 5.67 14.69
CA ASP A 199 39.33 4.35 14.76
C ASP A 199 38.70 3.23 13.92
N MET A 200 37.73 3.58 13.08
CA MET A 200 36.96 2.61 12.29
C MET A 200 36.16 1.65 13.15
N LYS A 201 35.81 2.05 14.36
CA LYS A 201 34.96 1.20 15.19
C LYS A 201 33.80 1.99 15.74
N TYR A 202 34.09 3.19 16.23
CA TYR A 202 33.07 4.07 16.77
C TYR A 202 32.82 5.24 15.81
N TRP A 203 31.55 5.52 15.55
CA TRP A 203 31.18 6.44 14.49
C TRP A 203 30.28 7.51 15.04
N GLY A 204 30.44 8.74 14.58
CA GLY A 204 29.55 9.79 15.02
C GLY A 204 29.73 11.06 14.22
N GLU A 205 29.27 12.19 14.78
CA GLU A 205 29.30 13.45 14.08
C GLU A 205 28.70 13.26 12.69
N HIS A 206 27.45 12.84 12.65
CA HIS A 206 26.79 12.53 11.39
C HIS A 206 26.39 13.81 10.69
N ARG A 207 26.65 13.89 9.39
CA ARG A 207 26.28 15.07 8.62
C ARG A 207 25.52 14.70 7.35
N HIS A 208 24.42 15.40 7.14
CA HIS A 208 23.64 15.26 5.92
C HIS A 208 24.37 15.83 4.72
N VAL A 209 24.60 15.02 3.69
CA VAL A 209 25.22 15.53 2.48
C VAL A 209 24.17 16.17 1.54
N MET A 210 23.37 15.34 0.87
CA MET A 210 22.34 15.86 -0.03
C MET A 210 21.20 14.84 -0.18
N GLY A 211 20.11 15.27 -0.79
CA GLY A 211 18.92 14.46 -0.95
C GLY A 211 18.51 14.39 -2.41
N PRO A 212 17.42 13.66 -2.70
CA PRO A 212 16.86 13.65 -4.05
C PRO A 212 16.50 15.05 -4.46
N LEU A 213 16.70 15.37 -5.73
CA LEU A 213 16.54 16.75 -6.20
C LEU A 213 15.93 16.82 -7.59
N ARG A 214 16.69 16.47 -8.61
CA ARG A 214 16.19 16.54 -9.99
C ARG A 214 15.33 15.31 -10.31
N ALA A 215 14.54 15.41 -11.38
CA ALA A 215 13.60 14.35 -11.76
C ALA A 215 14.25 12.96 -11.84
N TRP A 216 15.42 12.87 -12.49
CA TRP A 216 16.07 11.57 -12.72
C TRP A 216 16.56 10.93 -11.40
N GLU A 217 16.56 11.76 -10.35
CA GLU A 217 17.08 11.39 -9.04
C GLU A 217 16.07 11.79 -7.97
N SER A 218 14.79 11.69 -8.28
CA SER A 218 13.75 12.25 -7.42
C SER A 218 13.30 11.31 -6.32
N LYS A 219 13.52 10.01 -6.52
CA LYS A 219 13.01 9.02 -5.58
C LYS A 219 14.03 8.74 -4.47
N LYS A 220 15.30 8.58 -4.83
CA LYS A 220 16.36 8.38 -3.86
C LYS A 220 17.71 8.48 -4.54
N ILE A 221 18.76 8.63 -3.74
CA ILE A 221 20.14 8.68 -4.22
C ILE A 221 21.03 7.83 -3.34
N GLY A 222 22.24 7.56 -3.82
CA GLY A 222 23.21 6.81 -3.04
C GLY A 222 24.60 7.01 -3.59
N ALA A 223 25.60 6.91 -2.70
CA ALA A 223 26.98 7.07 -3.10
C ALA A 223 27.41 5.95 -4.04
N GLY A 224 28.34 6.26 -4.95
CA GLY A 224 28.79 5.28 -5.90
C GLY A 224 30.17 4.75 -5.53
N PRO A 225 31.19 5.08 -6.35
CA PRO A 225 32.58 4.68 -6.13
C PRO A 225 33.30 5.57 -5.12
N ILE A 226 34.50 5.17 -4.73
CA ILE A 226 35.34 5.94 -3.80
C ILE A 226 35.49 7.37 -4.28
N PRO A 227 35.29 8.35 -3.39
CA PRO A 227 35.56 9.74 -3.78
C PRO A 227 36.97 9.92 -4.35
N ILE A 228 37.09 10.80 -5.33
CA ILE A 228 38.36 11.12 -5.95
C ILE A 228 38.78 12.55 -5.56
N GLU A 229 39.99 12.71 -5.05
CA GLU A 229 40.43 14.00 -4.55
C GLU A 229 40.99 14.88 -5.67
N THR A 230 40.43 16.07 -5.82
CA THR A 230 40.88 17.02 -6.84
C THR A 230 41.07 18.41 -6.23
N SER A 231 41.55 19.35 -7.03
CA SER A 231 41.72 20.73 -6.56
C SER A 231 40.43 21.51 -6.48
N GLU A 232 39.33 20.88 -6.92
CA GLU A 232 38.02 21.50 -6.79
C GLU A 232 37.33 20.97 -5.53
N GLY A 233 37.88 19.90 -4.98
CA GLY A 233 37.29 19.23 -3.84
C GLY A 233 37.11 17.77 -4.20
N TRP A 234 36.17 17.11 -3.54
CA TRP A 234 35.97 15.68 -3.79
C TRP A 234 35.01 15.41 -4.94
N LEU A 235 35.51 14.74 -5.97
CA LEU A 235 34.69 14.34 -7.11
C LEU A 235 33.99 13.03 -6.79
N CYS A 236 32.68 13.09 -6.63
CA CYS A 236 31.94 11.92 -6.18
C CYS A 236 30.84 11.52 -7.14
N PHE A 237 31.09 10.44 -7.87
CA PHE A 237 30.07 9.81 -8.66
C PHE A 237 29.03 9.20 -7.73
N TYR A 238 27.75 9.42 -8.05
CA TYR A 238 26.65 8.89 -7.24
C TYR A 238 25.49 8.41 -8.11
N HIS A 239 24.66 7.51 -7.57
CA HIS A 239 23.46 7.04 -8.27
C HIS A 239 22.21 7.72 -7.76
N GLY A 240 21.22 7.87 -8.65
CA GLY A 240 19.93 8.44 -8.31
C GLY A 240 18.80 7.71 -9.03
N VAL A 241 17.61 7.73 -8.45
CA VAL A 241 16.54 6.86 -8.92
C VAL A 241 15.31 7.66 -9.30
N LEU A 242 14.73 7.31 -10.46
CA LEU A 242 13.39 7.77 -10.84
C LEU A 242 12.39 6.61 -10.79
N GLU A 243 11.19 6.90 -10.29
CA GLU A 243 10.12 5.92 -10.24
C GLU A 243 9.13 6.12 -11.37
N SER A 244 9.01 5.11 -12.22
CA SER A 244 7.96 5.07 -13.23
C SER A 244 6.80 4.24 -12.73
N CYS A 245 5.77 4.06 -13.55
CA CYS A 245 4.67 3.20 -13.16
C CYS A 245 5.11 1.72 -13.12
N ASN A 246 6.22 1.39 -13.77
CA ASN A 246 6.68 0.00 -13.84
C ASN A 246 7.84 -0.35 -12.89
N GLY A 247 8.33 0.64 -12.15
CA GLY A 247 9.42 0.40 -11.22
C GLY A 247 10.43 1.51 -11.12
N PHE A 248 11.69 1.15 -10.89
CA PHE A 248 12.78 2.12 -10.71
C PHE A 248 13.69 2.19 -11.93
N VAL A 249 14.27 3.36 -12.14
CA VAL A 249 15.29 3.55 -13.15
C VAL A 249 16.53 4.13 -12.48
N TYR A 250 17.62 3.37 -12.51
CA TYR A 250 18.88 3.80 -11.87
C TYR A 250 19.86 4.45 -12.86
N SER A 251 20.14 5.73 -12.65
CA SER A 251 21.11 6.45 -13.46
C SER A 251 22.24 6.92 -12.53
N PHE A 252 23.32 7.49 -13.08
CA PHE A 252 24.30 8.08 -12.16
C PHE A 252 24.91 9.37 -12.73
N SER A 253 25.48 10.16 -11.83
CA SER A 253 26.01 11.47 -12.18
C SER A 253 27.20 11.78 -11.27
N ALA A 254 27.46 13.06 -11.05
CA ALA A 254 28.58 13.45 -10.19
C ALA A 254 28.35 14.80 -9.50
N CYS A 255 28.98 14.94 -8.33
CA CYS A 255 28.90 16.17 -7.56
C CYS A 255 30.30 16.45 -7.08
N ILE A 256 30.52 17.68 -6.62
CA ILE A 256 31.80 18.10 -6.06
C ILE A 256 31.61 18.64 -4.66
N LEU A 257 32.22 17.96 -3.70
CA LEU A 257 32.03 18.27 -2.29
C LEU A 257 33.24 19.04 -1.71
N ASP A 258 32.99 19.86 -0.70
CA ASP A 258 34.06 20.66 -0.11
C ASP A 258 35.22 19.81 0.41
N LYS A 259 36.45 20.32 0.32
CA LYS A 259 37.62 19.52 0.65
C LYS A 259 37.65 19.13 2.13
N ASP A 260 37.28 20.08 2.98
CA ASP A 260 37.49 19.96 4.41
C ASP A 260 36.29 19.35 5.13
N GLU A 261 35.10 19.70 4.67
CA GLU A 261 33.84 19.19 5.21
C GLU A 261 33.00 18.64 4.03
N PRO A 262 33.20 17.36 3.70
CA PRO A 262 32.67 16.81 2.44
C PRO A 262 31.13 16.70 2.41
N TRP A 263 30.46 17.07 3.50
CA TRP A 263 29.01 17.03 3.51
C TRP A 263 28.42 18.30 2.90
N LYS A 264 29.29 19.27 2.63
CA LYS A 264 28.91 20.52 1.99
C LYS A 264 29.13 20.39 0.49
N VAL A 265 28.05 20.55 -0.27
CA VAL A 265 28.10 20.42 -1.73
C VAL A 265 28.56 21.72 -2.41
N LYS A 266 29.60 21.64 -3.23
CA LYS A 266 30.02 22.81 -3.98
C LYS A 266 29.32 22.87 -5.34
N TYR A 267 29.33 21.75 -6.05
CA TYR A 267 28.56 21.60 -7.29
C TYR A 267 27.86 20.25 -7.31
N ARG A 268 26.79 20.19 -8.08
CA ARG A 268 26.00 18.98 -8.25
C ARG A 268 25.38 19.01 -9.65
N CYS A 269 25.75 18.05 -10.49
CA CYS A 269 25.27 18.05 -11.87
C CYS A 269 23.77 17.81 -11.94
N ALA A 270 23.09 18.61 -12.73
CA ALA A 270 21.63 18.57 -12.81
C ALA A 270 21.17 17.38 -13.65
N GLU A 271 21.99 17.01 -14.63
CA GLU A 271 21.70 15.89 -15.49
C GLU A 271 22.41 14.65 -15.01
N TYR A 272 21.89 13.48 -15.38
CA TYR A 272 22.63 12.26 -15.21
C TYR A 272 23.77 12.27 -16.24
N LEU A 273 24.83 11.53 -15.97
CA LEU A 273 25.92 11.39 -16.93
C LEU A 273 25.83 10.06 -17.67
N LEU A 274 25.10 9.10 -17.12
CA LEU A 274 24.82 7.83 -17.78
C LEU A 274 23.53 7.26 -17.21
N SER A 275 22.72 6.63 -18.06
CA SER A 275 21.43 6.07 -17.66
C SER A 275 21.19 4.80 -18.48
N PRO A 276 20.22 3.96 -18.07
CA PRO A 276 20.07 2.67 -18.77
C PRO A 276 19.49 2.86 -20.17
N GLN A 277 20.27 2.48 -21.18
CA GLN A 277 19.86 2.71 -22.55
C GLN A 277 20.16 1.53 -23.45
N LYS A 278 21.24 0.79 -23.15
CA LYS A 278 21.63 -0.38 -23.92
C LYS A 278 20.86 -1.63 -23.48
N ILE A 279 20.89 -2.67 -24.31
CA ILE A 279 20.11 -3.86 -24.05
C ILE A 279 20.56 -4.52 -22.71
N TYR A 280 21.87 -4.59 -22.45
CA TYR A 280 22.37 -5.20 -21.23
C TYR A 280 22.14 -4.34 -19.97
N GLU A 281 21.78 -3.08 -20.17
CA GLU A 281 21.42 -2.21 -19.04
C GLU A 281 19.91 -2.23 -18.77
N CYS A 282 19.14 -2.47 -19.83
CA CYS A 282 17.70 -2.38 -19.76
C CYS A 282 17.04 -3.74 -19.55
N VAL A 283 17.69 -4.82 -20.00
CA VAL A 283 17.17 -6.19 -19.84
C VAL A 283 18.08 -7.04 -18.96
N GLY A 284 17.47 -7.73 -17.99
CA GLY A 284 18.21 -8.53 -17.01
C GLY A 284 17.38 -8.80 -15.76
N ASP A 285 18.03 -9.26 -14.69
CA ASP A 285 17.30 -9.58 -13.47
C ASP A 285 16.53 -8.38 -12.88
N VAL A 286 17.09 -7.18 -13.04
CA VAL A 286 16.41 -5.95 -12.63
C VAL A 286 16.57 -4.88 -13.71
N GLN A 287 15.50 -4.65 -14.46
CA GLN A 287 15.56 -3.82 -15.66
C GLN A 287 15.94 -2.37 -15.34
N ASN A 288 16.58 -1.70 -16.30
CA ASN A 288 16.88 -0.29 -16.18
C ASN A 288 17.71 0.04 -14.96
N VAL A 289 18.90 -0.55 -14.90
CA VAL A 289 19.85 -0.26 -13.82
C VAL A 289 21.28 -0.07 -14.34
N THR A 290 21.85 1.09 -14.04
CA THR A 290 23.27 1.33 -14.27
C THR A 290 23.89 1.84 -12.96
N PHE A 291 24.75 1.03 -12.34
CA PHE A 291 25.09 1.20 -10.94
C PHE A 291 26.60 1.15 -10.70
N PRO A 292 27.24 2.32 -10.53
CA PRO A 292 28.70 2.44 -10.41
C PRO A 292 29.26 2.15 -9.01
N CYS A 293 30.20 1.21 -8.92
CA CYS A 293 30.79 0.92 -7.62
C CYS A 293 32.30 1.14 -7.60
N ALA A 294 32.89 1.45 -8.74
CA ALA A 294 34.33 1.64 -8.78
C ALA A 294 34.79 2.43 -9.98
N THR A 295 35.84 3.23 -9.75
CA THR A 295 36.57 3.88 -10.82
C THR A 295 38.07 3.70 -10.65
N LEU A 296 38.77 3.60 -11.77
CA LEU A 296 40.22 3.79 -11.80
C LEU A 296 40.50 5.21 -12.29
N VAL A 297 41.46 5.89 -11.68
CA VAL A 297 41.85 7.24 -12.10
C VAL A 297 43.37 7.33 -12.29
N ASP A 298 43.77 7.55 -13.54
CA ASP A 298 45.16 7.79 -13.89
C ASP A 298 45.50 9.26 -13.66
N ALA A 299 46.34 9.49 -12.68
CA ALA A 299 46.59 10.86 -12.25
C ALA A 299 47.43 11.71 -13.22
N ASP A 300 48.22 11.09 -14.08
CA ASP A 300 49.11 11.86 -14.97
C ASP A 300 48.39 12.39 -16.21
N THR A 301 47.16 11.91 -16.46
CA THR A 301 46.40 12.24 -17.67
C THR A 301 44.98 12.65 -17.34
N GLY A 302 44.48 12.27 -16.16
CA GLY A 302 43.10 12.54 -15.80
C GLY A 302 42.08 11.63 -16.47
N ARG A 303 42.56 10.48 -16.98
CA ARG A 303 41.68 9.47 -17.53
C ARG A 303 40.95 8.74 -16.40
N ILE A 304 39.69 8.37 -16.66
CA ILE A 304 38.88 7.64 -15.69
C ILE A 304 38.18 6.45 -16.36
N ALA A 305 38.38 5.26 -15.81
CA ALA A 305 37.63 4.10 -16.21
C ALA A 305 36.60 3.78 -15.11
N ILE A 306 35.33 3.66 -15.50
CA ILE A 306 34.23 3.40 -14.54
C ILE A 306 33.67 1.98 -14.68
N TYR A 307 33.66 1.23 -13.58
CA TYR A 307 33.01 -0.07 -13.53
C TYR A 307 31.60 0.16 -13.00
N TYR A 308 30.61 -0.49 -13.60
CA TYR A 308 29.24 -0.29 -13.13
C TYR A 308 28.32 -1.47 -13.43
N GLY A 309 27.44 -1.77 -12.48
CA GLY A 309 26.46 -2.83 -12.65
C GLY A 309 25.39 -2.53 -13.70
N CYS A 310 25.06 -3.53 -14.51
CA CYS A 310 24.04 -3.37 -15.55
C CYS A 310 22.88 -4.35 -15.34
N ALA A 311 21.71 -3.79 -15.06
CA ALA A 311 20.49 -4.55 -14.86
C ALA A 311 20.67 -5.66 -13.81
N ASP A 312 21.58 -5.43 -12.87
CA ASP A 312 21.87 -6.38 -11.78
C ASP A 312 22.17 -7.76 -12.33
N THR A 313 22.88 -7.78 -13.45
CA THR A 313 23.17 -9.00 -14.17
C THR A 313 24.66 -9.10 -14.50
N CYS A 314 25.26 -7.98 -14.90
CA CYS A 314 26.61 -8.02 -15.41
C CYS A 314 27.39 -6.75 -15.07
N VAL A 315 28.69 -6.77 -15.33
CA VAL A 315 29.53 -5.60 -15.06
C VAL A 315 29.99 -5.01 -16.37
N SER A 316 29.85 -3.70 -16.49
CA SER A 316 30.29 -3.02 -17.68
C SER A 316 31.26 -1.90 -17.34
N MET A 317 31.84 -1.32 -18.38
CA MET A 317 32.82 -0.27 -18.20
C MET A 317 32.49 0.94 -19.07
N ALA A 318 32.85 2.11 -18.59
CA ALA A 318 32.67 3.34 -19.35
C ALA A 318 33.88 4.27 -19.13
N PHE A 319 34.05 5.26 -20.00
CA PHE A 319 35.24 6.11 -19.95
C PHE A 319 34.89 7.59 -19.93
N THR A 320 35.72 8.37 -19.22
CA THR A 320 35.59 9.81 -19.19
C THR A 320 36.88 10.38 -18.59
N THR A 321 37.02 11.70 -18.61
CA THR A 321 38.18 12.32 -17.96
C THR A 321 37.74 13.22 -16.82
N VAL A 322 38.67 13.51 -15.91
CA VAL A 322 38.40 14.36 -14.77
C VAL A 322 38.00 15.76 -15.20
N ASP A 323 38.71 16.30 -16.18
CA ASP A 323 38.43 17.64 -16.71
C ASP A 323 37.04 17.73 -17.35
N ASP A 324 36.73 16.77 -18.21
CA ASP A 324 35.42 16.68 -18.84
C ASP A 324 34.29 16.66 -17.81
N VAL A 325 34.46 15.86 -16.76
CA VAL A 325 33.40 15.70 -15.78
C VAL A 325 33.33 16.94 -14.90
N VAL A 326 34.47 17.49 -14.49
CA VAL A 326 34.43 18.66 -13.62
C VAL A 326 33.84 19.87 -14.35
N ASP A 327 34.31 20.16 -15.56
CA ASP A 327 33.71 21.25 -16.35
C ASP A 327 32.19 21.10 -16.48
N TYR A 328 31.73 19.89 -16.83
CA TYR A 328 30.32 19.64 -17.04
C TYR A 328 29.52 19.74 -15.74
N VAL A 329 30.04 19.17 -14.66
CA VAL A 329 29.36 19.28 -13.36
C VAL A 329 29.19 20.76 -12.96
N LYS A 330 30.24 21.55 -13.13
CA LYS A 330 30.18 22.98 -12.79
C LYS A 330 29.24 23.80 -13.70
N SER A 331 29.29 23.57 -15.00
CA SER A 331 28.53 24.38 -15.94
C SER A 331 27.07 23.92 -16.07
N HIS A 332 26.74 22.80 -15.43
CA HIS A 332 25.36 22.33 -15.39
C HIS A 332 24.93 22.07 -13.95
N SER A 333 25.37 22.92 -13.03
CA SER A 333 25.15 22.65 -11.62
C SER A 333 23.72 22.95 -11.17
N SER A 334 23.25 22.13 -10.25
CA SER A 334 21.99 22.36 -9.56
C SER A 334 22.20 23.42 -8.48
N VAL A 335 22.28 22.99 -7.23
CA VAL A 335 22.40 23.94 -6.12
C VAL A 335 23.48 23.51 -5.11
N MET B 1 -14.90 4.15 -50.85
CA MET B 1 -14.89 4.09 -49.40
C MET B 1 -16.30 3.97 -48.85
N LYS B 2 -16.52 2.95 -48.02
CA LYS B 2 -17.81 2.72 -47.40
C LYS B 2 -18.12 3.84 -46.42
N THR B 3 -17.11 4.31 -45.71
CA THR B 3 -17.27 5.37 -44.73
C THR B 3 -16.60 6.66 -45.19
N GLN B 4 -17.29 7.79 -45.03
CA GLN B 4 -16.76 9.08 -45.45
C GLN B 4 -16.07 9.84 -44.33
N ILE B 5 -15.04 10.59 -44.71
CA ILE B 5 -14.37 11.52 -43.83
C ILE B 5 -14.98 12.91 -43.95
N ILE B 6 -15.53 13.40 -42.85
CA ILE B 6 -16.20 14.70 -42.83
C ILE B 6 -15.31 15.81 -42.28
N ASN B 7 -15.37 16.97 -42.92
CA ASN B 7 -14.52 18.10 -42.58
C ASN B 7 -13.03 17.70 -42.56
N GLY B 8 -12.66 16.84 -43.50
CA GLY B 8 -11.30 16.34 -43.60
C GLY B 8 -10.37 17.20 -44.40
N VAL B 9 -9.25 16.62 -44.79
CA VAL B 9 -8.20 17.33 -45.50
C VAL B 9 -7.65 16.40 -46.57
N SER B 10 -7.42 16.94 -47.76
CA SER B 10 -6.84 16.14 -48.82
C SER B 10 -5.34 15.99 -48.53
N LEU B 11 -4.90 14.76 -48.33
CA LEU B 11 -3.51 14.49 -47.97
C LEU B 11 -2.84 13.49 -48.89
N PRO B 12 -2.68 13.84 -50.16
CA PRO B 12 -2.09 12.84 -51.08
C PRO B 12 -0.66 12.47 -50.68
N ASN B 13 0.01 13.39 -49.97
CA ASN B 13 1.38 13.17 -49.50
C ASN B 13 1.49 12.60 -48.07
N ILE B 14 0.41 11.97 -47.60
CA ILE B 14 0.37 11.35 -46.29
C ILE B 14 1.45 10.26 -46.23
N PRO B 15 2.19 10.18 -45.10
CA PRO B 15 3.15 9.09 -45.05
C PRO B 15 2.39 7.80 -45.15
N TRP B 16 2.90 6.84 -45.90
CA TRP B 16 2.14 5.63 -46.14
C TRP B 16 3.01 4.47 -46.54
N GLN B 17 2.65 3.31 -46.01
CA GLN B 17 3.19 2.03 -46.46
C GLN B 17 2.05 1.04 -46.56
N ASP B 18 2.00 0.30 -47.66
CA ASP B 18 0.96 -0.70 -47.87
C ASP B 18 1.04 -1.82 -46.87
N LYS B 19 -0.12 -2.36 -46.53
CA LYS B 19 -0.19 -3.49 -45.62
C LYS B 19 0.65 -4.65 -46.14
N PRO B 20 1.41 -5.30 -45.25
CA PRO B 20 2.14 -6.51 -45.68
C PRO B 20 1.18 -7.67 -46.02
N ALA B 21 1.58 -8.49 -46.99
CA ALA B 21 0.76 -9.61 -47.41
C ALA B 21 0.47 -10.56 -46.26
N ASP B 22 1.44 -10.73 -45.36
CA ASP B 22 1.30 -11.66 -44.24
C ASP B 22 0.73 -11.01 -42.99
N CYS B 23 0.15 -9.82 -43.14
CA CYS B 23 -0.42 -9.13 -42.00
C CYS B 23 -1.88 -9.52 -41.76
N LYS B 24 -2.13 -10.17 -40.63
CA LYS B 24 -3.47 -10.57 -40.23
C LYS B 24 -4.05 -9.60 -39.20
N ASP B 25 -3.77 -8.31 -39.38
CA ASP B 25 -4.18 -7.32 -38.39
C ASP B 25 -4.84 -6.11 -39.02
N VAL B 26 -5.66 -5.42 -38.23
CA VAL B 26 -6.30 -4.19 -38.65
C VAL B 26 -5.25 -3.11 -38.93
N ILE B 27 -4.36 -2.91 -37.96
CA ILE B 27 -3.30 -1.92 -38.03
C ILE B 27 -1.94 -2.59 -38.27
N TRP B 28 -1.13 -2.06 -39.17
CA TRP B 28 0.22 -2.60 -39.35
C TRP B 28 1.27 -1.52 -39.11
N ARG B 29 2.42 -1.92 -38.57
CA ARG B 29 3.48 -0.96 -38.22
C ARG B 29 4.36 -0.59 -39.40
N TYR B 30 4.86 0.64 -39.39
CA TYR B 30 5.90 1.09 -40.30
C TYR B 30 7.16 0.23 -40.13
N ASP B 31 7.77 -0.16 -41.24
CA ASP B 31 8.80 -1.18 -41.18
C ASP B 31 10.18 -0.63 -40.82
N ALA B 32 10.26 0.65 -40.48
CA ALA B 32 11.54 1.22 -40.04
C ALA B 32 11.36 2.07 -38.79
N ASN B 33 10.61 1.52 -37.83
CA ASN B 33 10.43 2.14 -36.53
C ASN B 33 11.68 2.00 -35.66
N PRO B 34 11.92 3.00 -34.78
CA PRO B 34 11.18 4.25 -34.62
C PRO B 34 11.47 5.26 -35.74
N ILE B 35 10.54 6.19 -35.98
CA ILE B 35 10.78 7.31 -36.89
C ILE B 35 11.51 8.47 -36.18
N ILE B 36 11.42 8.52 -34.86
CA ILE B 36 12.19 9.47 -34.05
C ILE B 36 12.82 8.74 -32.86
N PRO B 37 14.15 8.57 -32.91
CA PRO B 37 14.88 7.91 -31.81
C PRO B 37 15.01 8.79 -30.57
N ARG B 38 15.33 8.15 -29.46
CA ARG B 38 15.46 8.81 -28.17
C ARG B 38 16.49 9.95 -28.15
N ASP B 39 17.47 9.88 -29.05
CA ASP B 39 18.61 10.79 -28.99
C ASP B 39 18.74 11.71 -30.19
N GLN B 40 17.62 12.05 -30.82
CA GLN B 40 17.70 12.88 -32.02
C GLN B 40 18.24 14.26 -31.69
N LEU B 41 17.83 14.79 -30.54
CA LEU B 41 18.35 16.05 -30.03
C LEU B 41 19.57 15.81 -29.12
N PRO B 42 20.48 16.79 -29.05
CA PRO B 42 21.68 16.66 -28.20
C PRO B 42 21.32 16.58 -26.72
N THR B 43 20.21 17.20 -26.36
CA THR B 43 19.78 17.26 -24.98
C THR B 43 18.77 16.15 -24.59
N SER B 44 18.24 15.42 -25.57
CA SER B 44 17.06 14.60 -25.30
C SER B 44 17.37 13.25 -24.68
N ASN B 45 16.75 12.98 -23.52
CA ASN B 45 16.70 11.65 -22.95
C ASN B 45 15.77 10.75 -23.75
N SER B 46 14.64 11.31 -24.15
CA SER B 46 13.63 10.54 -24.87
C SER B 46 12.66 11.50 -25.53
N ILE B 47 12.09 11.04 -26.64
CA ILE B 47 11.12 11.82 -27.41
C ILE B 47 9.96 10.90 -27.78
N PHE B 48 8.79 11.18 -27.25
CA PHE B 48 7.68 10.27 -27.49
C PHE B 48 6.38 11.00 -27.36
N ASN B 49 5.28 10.26 -27.40
CA ASN B 49 3.95 10.80 -27.15
C ASN B 49 3.72 12.21 -27.74
N SER B 50 3.87 12.34 -29.06
CA SER B 50 3.91 13.66 -29.71
C SER B 50 2.77 13.96 -30.70
N ALA B 51 2.54 15.24 -30.97
CA ALA B 51 1.36 15.70 -31.71
C ALA B 51 1.74 16.19 -33.11
N VAL B 52 0.94 15.83 -34.11
CA VAL B 52 1.27 16.10 -35.51
C VAL B 52 0.03 16.52 -36.31
N VAL B 53 0.17 17.59 -37.10
CA VAL B 53 -0.86 18.03 -38.06
C VAL B 53 -0.28 18.39 -39.42
N PRO B 54 -1.13 18.47 -40.47
CA PRO B 54 -0.62 19.05 -41.71
C PRO B 54 -0.42 20.55 -41.55
N TYR B 55 0.68 21.07 -42.07
CA TYR B 55 0.95 22.49 -42.01
C TYR B 55 2.02 22.88 -43.02
N GLU B 56 1.67 23.76 -43.94
CA GLU B 56 2.60 24.19 -44.97
C GLU B 56 3.49 25.28 -44.41
N SER B 57 4.77 25.00 -44.33
CA SER B 57 5.73 26.01 -43.93
C SER B 57 6.96 25.92 -44.81
N GLU B 58 7.98 26.70 -44.45
CA GLU B 58 9.23 26.70 -45.18
C GLU B 58 9.99 25.43 -44.88
N LYS B 59 9.75 24.86 -43.70
CA LYS B 59 10.48 23.67 -43.29
C LYS B 59 9.75 22.38 -43.65
N GLY B 60 8.56 22.51 -44.26
CA GLY B 60 7.90 21.32 -44.76
C GLY B 60 6.40 21.35 -44.92
N LYS B 61 5.81 20.17 -44.92
CA LYS B 61 4.39 19.99 -45.13
C LYS B 61 3.68 19.52 -43.87
N PHE B 62 4.44 19.23 -42.82
CA PHE B 62 3.87 18.85 -41.54
C PHE B 62 4.56 19.56 -40.40
N ALA B 63 3.81 19.84 -39.34
CA ALA B 63 4.37 20.40 -38.11
C ALA B 63 3.83 19.63 -36.89
N GLY B 64 4.35 19.97 -35.72
CA GLY B 64 3.84 19.38 -34.50
C GLY B 64 4.45 19.88 -33.21
N VAL B 65 3.86 19.45 -32.10
CA VAL B 65 4.43 19.69 -30.78
C VAL B 65 4.89 18.36 -30.21
N PHE B 66 6.14 18.33 -29.76
CA PHE B 66 6.77 17.09 -29.32
C PHE B 66 7.10 17.08 -27.84
N ARG B 67 6.76 15.98 -27.17
CA ARG B 67 7.20 15.78 -25.79
C ARG B 67 8.64 15.33 -25.79
N VAL B 68 9.50 16.15 -25.18
CA VAL B 68 10.89 15.83 -25.05
C VAL B 68 11.25 15.79 -23.57
N ASP B 69 11.76 14.65 -23.10
CA ASP B 69 12.28 14.60 -21.75
C ASP B 69 13.78 14.73 -21.86
N ASP B 70 14.36 15.71 -21.19
CA ASP B 70 15.80 15.94 -21.32
C ASP B 70 16.57 15.07 -20.33
N LYS B 71 17.86 15.35 -20.18
CA LYS B 71 18.74 14.50 -19.37
C LYS B 71 18.72 14.84 -17.87
N CYS B 72 17.86 15.79 -17.48
CA CYS B 72 17.45 15.92 -16.08
C CYS B 72 16.21 15.07 -15.83
N ARG B 73 15.66 14.50 -16.90
CA ARG B 73 14.33 13.87 -16.94
C ARG B 73 13.22 14.89 -16.74
N ASN B 74 13.53 16.17 -16.94
CA ASN B 74 12.48 17.19 -17.04
C ASN B 74 11.59 16.93 -18.26
N MET B 75 10.31 17.27 -18.15
CA MET B 75 9.35 17.06 -19.25
C MET B 75 9.00 18.37 -19.98
N GLU B 76 9.27 18.39 -21.29
CA GLU B 76 9.16 19.60 -22.13
C GLU B 76 8.37 19.44 -23.44
N LEU B 77 7.97 20.56 -24.01
CA LEU B 77 7.38 20.56 -25.35
C LEU B 77 8.27 21.32 -26.33
N HIS B 78 8.57 20.69 -27.47
CA HIS B 78 9.40 21.28 -28.53
C HIS B 78 8.62 21.34 -29.86
N ALA B 79 8.61 22.48 -30.53
CA ALA B 79 8.01 22.52 -31.88
C ALA B 79 8.90 21.75 -32.86
N GLY B 80 8.27 21.19 -33.89
CA GLY B 80 8.98 20.43 -34.90
C GLY B 80 8.38 20.55 -36.28
N PHE B 81 9.19 20.22 -37.28
CA PHE B 81 8.81 20.36 -38.68
C PHE B 81 9.30 19.20 -39.55
N SER B 82 8.51 18.89 -40.57
CA SER B 82 8.82 17.76 -41.44
C SER B 82 8.33 17.97 -42.87
N LYS B 83 9.09 17.45 -43.82
CA LYS B 83 8.71 17.48 -45.22
C LYS B 83 7.80 16.30 -45.59
N ASP B 84 8.11 15.13 -45.03
CA ASP B 84 7.43 13.90 -45.40
C ASP B 84 6.57 13.30 -44.29
N GLY B 85 6.71 13.83 -43.07
CA GLY B 85 5.95 13.31 -41.92
C GLY B 85 6.66 12.17 -41.21
N ILE B 86 7.84 11.81 -41.72
CA ILE B 86 8.58 10.69 -41.20
C ILE B 86 9.91 11.13 -40.63
N HIS B 87 10.59 12.04 -41.34
CA HIS B 87 11.86 12.61 -40.88
C HIS B 87 11.61 14.00 -40.33
N TRP B 88 11.93 14.18 -39.05
CA TRP B 88 11.53 15.38 -38.38
C TRP B 88 12.69 16.27 -37.99
N ASP B 89 12.48 17.58 -38.15
CA ASP B 89 13.40 18.58 -37.65
C ASP B 89 12.74 19.21 -36.43
N ILE B 90 13.27 18.86 -35.26
CA ILE B 90 12.67 19.27 -34.00
C ILE B 90 13.53 20.37 -33.39
N ASN B 91 12.91 21.48 -33.00
CA ASN B 91 13.65 22.55 -32.35
C ASN B 91 14.50 21.98 -31.22
N PRO B 92 15.76 22.42 -31.12
CA PRO B 92 16.67 21.96 -30.05
C PRO B 92 16.18 22.40 -28.68
N ASP B 93 15.36 23.44 -28.63
CA ASP B 93 14.96 24.06 -27.36
C ASP B 93 13.45 24.06 -27.14
N ARG B 94 13.04 24.23 -25.88
CA ARG B 94 11.64 24.12 -25.54
C ARG B 94 10.83 25.31 -26.01
N ILE B 95 9.55 25.06 -26.26
CA ILE B 95 8.59 26.12 -26.41
C ILE B 95 8.47 26.92 -25.13
N VAL B 96 8.79 28.22 -25.21
CA VAL B 96 8.53 29.15 -24.13
C VAL B 96 7.26 29.93 -24.45
N PHE B 97 6.21 29.72 -23.66
CA PHE B 97 4.91 30.29 -23.98
C PHE B 97 4.82 31.80 -23.76
N GLU B 98 4.10 32.46 -24.66
CA GLU B 98 3.59 33.80 -24.43
C GLU B 98 2.20 33.63 -23.82
N GLN B 99 1.82 34.52 -22.91
CA GLN B 99 0.46 34.51 -22.42
C GLN B 99 -0.46 35.27 -23.40
N ALA B 100 -1.54 34.62 -23.83
CA ALA B 100 -2.50 35.25 -24.74
C ALA B 100 -3.09 36.53 -24.13
N GLU B 101 -3.27 36.53 -22.81
CA GLU B 101 -3.74 37.69 -22.07
C GLU B 101 -2.88 37.89 -20.82
N LYS B 102 -2.74 39.14 -20.37
CA LYS B 102 -1.91 39.42 -19.20
C LYS B 102 -2.53 38.91 -17.90
N SER B 103 -3.82 38.62 -17.93
CA SER B 103 -4.52 38.10 -16.75
C SER B 103 -3.98 36.72 -16.33
N THR B 104 -3.17 36.09 -17.20
CA THR B 104 -2.56 34.81 -16.86
C THR B 104 -1.03 34.85 -16.73
N GLU B 105 -0.43 36.03 -16.58
CA GLU B 105 1.02 36.07 -16.46
C GLU B 105 1.49 35.59 -15.09
N GLU B 106 0.71 35.86 -14.06
CA GLU B 106 1.05 35.37 -12.74
C GLU B 106 0.83 33.86 -12.64
N VAL B 107 -0.36 33.41 -13.00
CA VAL B 107 -0.77 32.04 -12.74
C VAL B 107 -0.02 30.99 -13.57
N ASN B 108 0.34 31.31 -14.81
CA ASN B 108 0.86 30.29 -15.70
C ASN B 108 2.39 30.18 -15.77
N GLN B 109 3.03 30.16 -14.61
CA GLN B 109 4.45 29.87 -14.50
C GLN B 109 4.73 28.48 -15.06
N TRP B 110 5.86 28.31 -15.74
CA TRP B 110 6.21 27.01 -16.34
C TRP B 110 6.85 26.04 -15.35
N GLY B 111 6.28 24.84 -15.22
CA GLY B 111 6.88 23.80 -14.41
C GLY B 111 7.27 22.64 -15.30
N TYR B 112 6.27 22.03 -15.93
CA TYR B 112 6.52 20.99 -16.91
C TYR B 112 5.34 20.86 -17.85
N GLY B 113 5.53 20.07 -18.91
CA GLY B 113 4.45 19.79 -19.83
C GLY B 113 4.70 18.54 -20.61
N TYR B 114 3.65 17.76 -20.85
CA TYR B 114 3.82 16.57 -21.67
C TYR B 114 2.57 16.09 -22.35
N ASP B 115 2.77 15.11 -23.23
CA ASP B 115 1.71 14.50 -23.99
C ASP B 115 0.81 15.52 -24.70
N PRO B 116 1.40 16.31 -25.61
CA PRO B 116 0.60 17.30 -26.34
C PRO B 116 -0.35 16.67 -27.36
N ARG B 117 -1.49 17.30 -27.58
CA ARG B 117 -2.33 16.99 -28.73
C ARG B 117 -2.59 18.30 -29.48
N VAL B 118 -2.62 18.25 -30.81
CA VAL B 118 -2.81 19.45 -31.64
C VAL B 118 -3.83 19.23 -32.76
N CYS B 119 -4.72 20.21 -32.94
CA CYS B 119 -5.65 20.23 -34.07
C CYS B 119 -6.04 21.65 -34.45
N PHE B 120 -6.33 21.84 -35.74
CA PHE B 120 -6.84 23.10 -36.25
C PHE B 120 -8.33 23.27 -35.94
N ILE B 121 -8.70 24.46 -35.47
CA ILE B 121 -10.10 24.80 -35.30
C ILE B 121 -10.31 26.21 -35.83
N GLU B 122 -11.22 26.31 -36.81
CA GLU B 122 -11.58 27.52 -37.56
C GLU B 122 -10.39 28.39 -38.03
N ASP B 123 -9.65 29.03 -37.14
CA ASP B 123 -8.62 29.97 -37.61
C ASP B 123 -7.22 29.82 -37.02
N ARG B 124 -6.98 28.75 -36.26
CA ARG B 124 -5.68 28.60 -35.61
C ARG B 124 -5.46 27.17 -35.14
N PHE B 125 -4.23 26.87 -34.73
CA PHE B 125 -3.95 25.57 -34.18
C PHE B 125 -4.05 25.65 -32.67
N TRP B 126 -4.87 24.78 -32.10
CA TRP B 126 -5.01 24.70 -30.65
C TRP B 126 -4.12 23.59 -30.12
N VAL B 127 -3.49 23.86 -28.98
CA VAL B 127 -2.62 22.88 -28.32
C VAL B 127 -3.11 22.56 -26.91
N THR B 128 -3.36 21.29 -26.62
CA THR B 128 -3.57 20.88 -25.23
C THR B 128 -2.43 19.98 -24.78
N TRP B 129 -2.13 20.02 -23.48
CA TRP B 129 -1.15 19.12 -22.92
C TRP B 129 -1.38 18.96 -21.43
N CYS B 130 -0.66 18.01 -20.84
CA CYS B 130 -0.70 17.86 -19.39
C CYS B 130 0.21 18.91 -18.77
N ASN B 131 -0.36 19.94 -18.17
CA ASN B 131 0.44 21.08 -17.76
C ASN B 131 0.54 21.21 -16.24
N ALA B 132 1.76 21.41 -15.73
CA ALA B 132 1.92 21.60 -14.28
C ALA B 132 1.43 22.96 -13.82
N TYR B 133 0.43 22.95 -12.93
CA TYR B 133 0.06 24.14 -12.15
C TYR B 133 0.43 23.87 -10.69
N GLY B 134 1.47 24.55 -10.20
CA GLY B 134 2.00 24.27 -8.87
C GLY B 134 2.43 22.82 -8.71
N TRP B 135 3.06 22.30 -9.77
CA TRP B 135 3.51 20.91 -9.88
C TRP B 135 2.43 19.86 -9.75
N LYS B 136 1.19 20.22 -10.08
CA LYS B 136 0.11 19.26 -10.17
C LYS B 136 -0.39 19.18 -11.61
N PRO B 137 -0.50 17.95 -12.15
CA PRO B 137 -1.04 17.72 -13.50
C PRO B 137 -2.42 18.30 -13.72
N THR B 138 -2.57 19.11 -14.76
CA THR B 138 -3.86 19.50 -15.27
C THR B 138 -3.71 19.78 -16.76
N ILE B 139 -4.79 20.21 -17.42
CA ILE B 139 -4.77 20.37 -18.87
C ILE B 139 -4.47 21.79 -19.26
N GLY B 140 -3.30 21.97 -19.88
CA GLY B 140 -2.87 23.26 -20.41
C GLY B 140 -3.52 23.51 -21.76
N VAL B 141 -3.71 24.79 -22.07
CA VAL B 141 -4.31 25.21 -23.33
C VAL B 141 -3.53 26.36 -23.98
N ALA B 142 -3.24 26.22 -25.28
CA ALA B 142 -2.64 27.31 -26.03
C ALA B 142 -3.04 27.27 -27.52
N TYR B 143 -2.75 28.35 -28.23
CA TYR B 143 -2.95 28.36 -29.68
C TYR B 143 -1.76 28.94 -30.39
N THR B 144 -1.59 28.53 -31.64
CA THR B 144 -0.54 29.06 -32.50
C THR B 144 -1.06 29.19 -33.93
N PHE B 145 -0.53 30.17 -34.65
CA PHE B 145 -0.87 30.33 -36.06
C PHE B 145 0.21 29.74 -36.96
N ASP B 146 1.42 29.63 -36.42
CA ASP B 146 2.60 29.34 -37.25
C ASP B 146 3.58 28.31 -36.66
N PHE B 147 3.28 27.78 -35.48
CA PHE B 147 4.17 26.87 -34.76
C PHE B 147 5.52 27.52 -34.48
N LYS B 148 5.51 28.84 -34.36
CA LYS B 148 6.71 29.59 -33.99
C LYS B 148 6.46 30.29 -32.65
N THR B 149 5.31 30.97 -32.53
CA THR B 149 4.93 31.56 -31.26
C THR B 149 3.66 30.90 -30.73
N PHE B 150 3.70 30.50 -29.46
CA PHE B 150 2.56 29.81 -28.84
C PHE B 150 1.98 30.68 -27.73
N TYR B 151 0.67 30.89 -27.78
CA TYR B 151 -0.01 31.77 -26.84
C TYR B 151 -0.84 30.98 -25.83
N GLN B 152 -0.39 31.00 -24.59
CA GLN B 152 -1.01 30.19 -23.57
C GLN B 152 -2.28 30.83 -23.00
N CYS B 153 -3.32 30.00 -22.84
CA CYS B 153 -4.55 30.42 -22.17
C CYS B 153 -4.64 29.81 -20.75
N GLU B 154 -5.79 30.01 -20.10
CA GLU B 154 -6.15 29.40 -18.83
C GLU B 154 -6.15 27.87 -18.92
N ASN B 155 -5.58 27.20 -17.92
CA ASN B 155 -5.78 25.76 -17.75
C ASN B 155 -7.27 25.47 -17.75
N ALA B 156 -7.69 24.48 -18.52
CA ALA B 156 -9.11 24.18 -18.67
C ALA B 156 -9.76 23.80 -17.35
N PHE B 157 -9.06 22.97 -16.56
CA PHE B 157 -9.64 22.37 -15.37
C PHE B 157 -8.75 22.47 -14.14
N LEU B 158 -9.31 22.04 -13.02
CA LEU B 158 -8.56 21.85 -11.79
C LEU B 158 -7.70 20.63 -11.97
N PRO B 159 -6.58 20.57 -11.24
CA PRO B 159 -5.91 19.29 -11.02
C PRO B 159 -6.93 18.36 -10.32
N PHE B 160 -6.82 17.03 -10.41
CA PHE B 160 -5.76 16.31 -11.10
C PHE B 160 -6.33 15.68 -12.36
N ASN B 161 -5.72 15.97 -13.51
CA ASN B 161 -6.30 15.69 -14.80
C ASN B 161 -5.22 15.58 -15.89
N ARG B 162 -5.48 14.75 -16.89
CA ARG B 162 -4.51 14.43 -17.93
C ARG B 162 -5.28 13.97 -19.19
N ASN B 163 -4.60 13.80 -20.32
CA ASN B 163 -5.23 13.26 -21.53
C ASN B 163 -6.35 14.18 -22.01
N GLY B 164 -6.04 15.47 -22.05
CA GLY B 164 -7.01 16.45 -22.52
C GLY B 164 -6.94 16.48 -24.02
N VAL B 165 -8.06 16.20 -24.70
CA VAL B 165 -8.04 16.15 -26.16
C VAL B 165 -9.22 16.90 -26.77
N LEU B 166 -8.93 17.92 -27.56
CA LEU B 166 -9.98 18.77 -28.18
C LEU B 166 -10.64 18.13 -29.39
N PHE B 167 -11.96 18.20 -29.48
CA PHE B 167 -12.62 17.92 -30.75
C PHE B 167 -12.28 19.07 -31.71
N PRO B 168 -12.16 18.77 -33.02
CA PRO B 168 -11.62 19.73 -33.98
C PRO B 168 -12.67 20.72 -34.54
N ARG B 169 -13.85 20.78 -33.93
CA ARG B 169 -14.80 21.87 -34.22
C ARG B 169 -15.78 22.04 -33.07
N LYS B 170 -16.50 23.16 -33.03
CA LYS B 170 -17.58 23.30 -32.06
C LYS B 170 -18.69 22.30 -32.33
N ILE B 171 -19.32 21.83 -31.26
CA ILE B 171 -20.47 20.94 -31.37
C ILE B 171 -21.59 21.57 -30.56
N ASN B 172 -22.70 21.87 -31.24
CA ASN B 172 -23.82 22.61 -30.64
C ASN B 172 -23.40 23.98 -30.19
N GLY B 173 -22.42 24.56 -30.87
CA GLY B 173 -21.97 25.90 -30.55
C GLY B 173 -20.98 25.94 -29.41
N LYS B 174 -20.47 24.77 -29.01
CA LYS B 174 -19.51 24.72 -27.91
C LYS B 174 -18.26 23.92 -28.24
N TYR B 175 -17.12 24.37 -27.73
CA TYR B 175 -15.91 23.55 -27.77
C TYR B 175 -16.08 22.33 -26.86
N VAL B 176 -15.55 21.20 -27.31
CA VAL B 176 -15.67 19.96 -26.57
C VAL B 176 -14.30 19.32 -26.39
N MET B 177 -13.98 18.95 -25.16
CA MET B 177 -12.67 18.38 -24.88
C MET B 177 -12.76 17.12 -24.04
N PHE B 178 -12.18 16.04 -24.56
CA PHE B 178 -11.89 14.84 -23.76
C PHE B 178 -11.00 15.24 -22.60
N SER B 179 -11.25 14.68 -21.40
CA SER B 179 -10.19 14.64 -20.37
C SER B 179 -10.30 13.34 -19.57
N ARG B 180 -9.62 13.29 -18.43
CA ARG B 180 -9.42 12.02 -17.73
C ARG B 180 -8.94 12.28 -16.33
N PRO B 181 -9.89 12.51 -15.40
CA PRO B 181 -9.61 12.77 -13.99
C PRO B 181 -8.62 11.74 -13.45
N SER B 182 -7.52 12.24 -12.89
CA SER B 182 -6.45 11.38 -12.41
C SER B 182 -6.18 11.59 -10.92
N ASP B 183 -5.00 11.21 -10.46
CA ASP B 183 -4.55 11.60 -9.11
C ASP B 183 -3.18 12.23 -9.18
N SER B 184 -2.49 12.29 -8.04
CA SER B 184 -1.21 12.96 -7.97
C SER B 184 -0.02 12.02 -8.21
N GLY B 185 -0.29 10.76 -8.54
CA GLY B 185 0.79 9.81 -8.79
C GLY B 185 0.65 9.01 -10.07
N HIS B 186 1.04 7.74 -10.00
CA HIS B 186 0.79 6.78 -11.07
C HIS B 186 -0.64 6.26 -10.95
N THR B 187 -1.57 7.14 -11.31
CA THR B 187 -3.01 6.92 -11.28
C THR B 187 -3.44 5.46 -11.57
N PRO B 188 -3.96 4.77 -10.56
CA PRO B 188 -4.44 3.38 -10.70
C PRO B 188 -5.91 3.30 -11.13
N PHE B 189 -6.42 4.37 -11.75
CA PHE B 189 -7.78 4.38 -12.29
C PHE B 189 -7.85 5.32 -13.48
N GLY B 190 -9.02 5.40 -14.11
CA GLY B 190 -9.24 6.40 -15.13
C GLY B 190 -10.38 6.16 -16.09
N ASP B 191 -11.35 7.08 -16.08
CA ASP B 191 -12.45 7.13 -17.06
C ASP B 191 -12.34 8.33 -17.98
N MET B 192 -12.85 8.19 -19.20
CA MET B 192 -12.92 9.30 -20.13
C MET B 192 -14.16 10.13 -19.89
N PHE B 193 -13.97 11.44 -19.99
CA PHE B 193 -15.02 12.43 -19.86
C PHE B 193 -14.92 13.44 -21.01
N ILE B 194 -16.00 14.16 -21.29
CA ILE B 194 -15.86 15.39 -22.04
C ILE B 194 -16.38 16.55 -21.21
N SER B 195 -15.85 17.73 -21.51
CA SER B 195 -16.34 18.96 -20.93
C SER B 195 -16.64 19.95 -22.08
N GLN B 196 -17.47 20.95 -21.81
CA GLN B 196 -17.92 21.82 -22.90
C GLN B 196 -17.67 23.27 -22.54
N SER B 197 -17.39 24.09 -23.56
CA SER B 197 -17.05 25.49 -23.34
C SER B 197 -17.56 26.42 -24.44
N PRO B 198 -18.17 27.54 -24.04
CA PRO B 198 -18.55 28.56 -25.03
C PRO B 198 -17.33 29.27 -25.63
N ASP B 199 -16.25 29.43 -24.88
CA ASP B 199 -15.20 30.36 -25.27
C ASP B 199 -13.76 29.90 -25.08
N MET B 200 -13.57 28.60 -24.86
CA MET B 200 -12.26 28.04 -24.47
C MET B 200 -11.72 28.61 -23.17
N LYS B 201 -12.55 29.19 -22.32
CA LYS B 201 -12.06 29.66 -21.04
C LYS B 201 -12.80 29.02 -19.88
N TYR B 202 -14.11 28.96 -19.98
CA TYR B 202 -14.93 28.42 -18.90
C TYR B 202 -15.52 27.12 -19.36
N TRP B 203 -15.49 26.11 -18.50
CA TRP B 203 -15.90 24.76 -18.89
C TRP B 203 -16.98 24.22 -17.98
N GLY B 204 -17.85 23.38 -18.53
CA GLY B 204 -18.97 22.84 -17.80
C GLY B 204 -19.74 21.83 -18.63
N GLU B 205 -20.93 21.46 -18.15
CA GLU B 205 -21.74 20.41 -18.77
C GLU B 205 -20.87 19.17 -18.95
N HIS B 206 -20.29 18.70 -17.87
CA HIS B 206 -19.37 17.57 -17.96
C HIS B 206 -20.17 16.31 -18.22
N ARG B 207 -19.65 15.44 -19.08
CA ARG B 207 -20.34 14.21 -19.41
C ARG B 207 -19.39 13.00 -19.38
N HIS B 208 -19.87 11.94 -18.74
CA HIS B 208 -19.12 10.69 -18.70
C HIS B 208 -19.20 10.02 -20.08
N VAL B 209 -18.05 9.62 -20.61
CA VAL B 209 -18.01 8.93 -21.88
C VAL B 209 -17.98 7.42 -21.65
N MET B 210 -16.95 6.93 -20.99
CA MET B 210 -16.78 5.51 -20.74
C MET B 210 -15.59 5.25 -19.78
N GLY B 211 -15.51 4.02 -19.28
CA GLY B 211 -14.47 3.63 -18.36
C GLY B 211 -13.87 2.29 -18.74
N PRO B 212 -12.93 1.79 -17.92
CA PRO B 212 -12.29 0.50 -18.19
C PRO B 212 -13.33 -0.59 -18.44
N LEU B 213 -13.06 -1.52 -19.36
CA LEU B 213 -14.07 -2.54 -19.67
C LEU B 213 -13.44 -3.92 -19.88
N ARG B 214 -12.82 -4.13 -21.03
CA ARG B 214 -12.19 -5.42 -21.33
C ARG B 214 -10.83 -5.57 -20.62
N ALA B 215 -10.36 -6.81 -20.47
CA ALA B 215 -9.12 -7.10 -19.74
C ALA B 215 -7.94 -6.21 -20.14
N TRP B 216 -7.76 -5.98 -21.45
CA TRP B 216 -6.61 -5.20 -21.95
C TRP B 216 -6.68 -3.73 -21.53
N GLU B 217 -7.86 -3.33 -21.06
CA GLU B 217 -8.15 -1.96 -20.68
C GLU B 217 -8.87 -2.00 -19.34
N SER B 218 -8.44 -2.91 -18.47
CA SER B 218 -9.17 -3.15 -17.25
C SER B 218 -8.81 -2.15 -16.16
N LYS B 219 -7.64 -1.51 -16.30
CA LYS B 219 -7.10 -0.69 -15.22
C LYS B 219 -7.52 0.76 -15.36
N LYS B 220 -7.38 1.28 -16.58
CA LYS B 220 -7.71 2.66 -16.90
C LYS B 220 -7.62 2.91 -18.41
N ILE B 221 -8.32 3.94 -18.86
CA ILE B 221 -8.30 4.32 -20.27
C ILE B 221 -8.10 5.82 -20.42
N GLY B 222 -7.80 6.24 -21.65
CA GLY B 222 -7.68 7.67 -21.90
C GLY B 222 -7.69 8.00 -23.38
N ALA B 223 -8.17 9.20 -23.69
CA ALA B 223 -8.20 9.70 -25.06
C ALA B 223 -6.80 9.69 -25.65
N GLY B 224 -6.69 9.36 -26.93
CA GLY B 224 -5.41 9.38 -27.65
C GLY B 224 -5.29 10.61 -28.55
N PRO B 225 -5.27 10.39 -29.87
CA PRO B 225 -5.19 11.53 -30.83
C PRO B 225 -6.50 12.31 -30.99
N ILE B 226 -6.50 13.30 -31.85
CA ILE B 226 -7.69 14.09 -32.10
C ILE B 226 -8.81 13.19 -32.63
N PRO B 227 -10.06 13.43 -32.20
CA PRO B 227 -11.18 12.69 -32.80
C PRO B 227 -11.30 12.95 -34.32
N ILE B 228 -11.58 11.91 -35.08
CA ILE B 228 -11.77 12.00 -36.54
C ILE B 228 -13.27 11.94 -36.88
N GLU B 229 -13.79 12.95 -37.59
CA GLU B 229 -15.22 12.98 -37.94
C GLU B 229 -15.52 12.08 -39.15
N THR B 230 -16.63 11.34 -39.07
CA THR B 230 -16.90 10.19 -39.94
C THR B 230 -18.42 9.98 -40.16
N SER B 231 -18.83 9.42 -41.30
CA SER B 231 -20.27 9.16 -41.57
C SER B 231 -20.94 8.45 -40.41
N GLU B 232 -20.16 7.61 -39.73
CA GLU B 232 -20.65 6.81 -38.60
C GLU B 232 -20.63 7.54 -37.26
N GLY B 233 -19.95 8.70 -37.22
CA GLY B 233 -19.78 9.45 -36.00
C GLY B 233 -18.31 9.75 -35.76
N TRP B 234 -17.95 10.06 -34.52
CA TRP B 234 -16.55 10.35 -34.20
C TRP B 234 -15.71 9.09 -33.97
N LEU B 235 -14.70 8.91 -34.82
CA LEU B 235 -13.74 7.80 -34.70
C LEU B 235 -12.64 8.24 -33.75
N CYS B 236 -12.54 7.53 -32.63
CA CYS B 236 -11.63 7.94 -31.56
C CYS B 236 -10.75 6.79 -31.12
N PHE B 237 -9.46 6.90 -31.46
CA PHE B 237 -8.46 5.98 -30.94
C PHE B 237 -8.22 6.36 -29.49
N TYR B 238 -8.03 5.36 -28.65
CA TYR B 238 -7.82 5.62 -27.23
C TYR B 238 -6.89 4.56 -26.64
N HIS B 239 -6.17 4.89 -25.56
CA HIS B 239 -5.32 3.89 -24.94
C HIS B 239 -6.02 3.24 -23.77
N GLY B 240 -5.60 2.01 -23.48
CA GLY B 240 -6.15 1.25 -22.38
C GLY B 240 -5.04 0.52 -21.65
N VAL B 241 -5.21 0.30 -20.35
CA VAL B 241 -4.12 -0.25 -19.56
C VAL B 241 -4.52 -1.55 -18.86
N LEU B 242 -3.64 -2.54 -18.95
CA LEU B 242 -3.75 -3.77 -18.17
C LEU B 242 -2.61 -3.78 -17.14
N GLU B 243 -2.90 -4.28 -15.95
CA GLU B 243 -1.90 -4.33 -14.89
C GLU B 243 -1.48 -5.76 -14.61
N SER B 244 -0.19 -6.04 -14.79
CA SER B 244 0.38 -7.34 -14.41
C SER B 244 1.05 -7.24 -13.06
N CYS B 245 1.67 -8.32 -12.62
CA CYS B 245 2.45 -8.30 -11.41
C CYS B 245 3.69 -7.37 -11.54
N ASN B 246 4.01 -6.96 -12.76
CA ASN B 246 5.24 -6.22 -12.99
C ASN B 246 5.03 -4.78 -13.41
N GLY B 247 3.77 -4.38 -13.50
CA GLY B 247 3.46 -2.99 -13.81
C GLY B 247 2.35 -2.86 -14.81
N PHE B 248 2.45 -1.84 -15.65
CA PHE B 248 1.40 -1.54 -16.62
C PHE B 248 1.76 -1.97 -18.03
N VAL B 249 0.74 -2.43 -18.76
CA VAL B 249 0.82 -2.58 -20.21
C VAL B 249 -0.15 -1.62 -20.91
N TYR B 250 0.41 -0.72 -21.72
CA TYR B 250 -0.37 0.28 -22.45
C TYR B 250 -0.61 -0.18 -23.89
N SER B 251 -1.86 -0.45 -24.23
CA SER B 251 -2.26 -0.83 -25.59
C SER B 251 -3.22 0.23 -26.13
N PHE B 252 -3.61 0.16 -27.41
CA PHE B 252 -4.65 1.08 -27.82
C PHE B 252 -5.58 0.50 -28.88
N SER B 253 -6.77 1.10 -28.99
CA SER B 253 -7.84 0.60 -29.87
C SER B 253 -8.66 1.76 -30.44
N ALA B 254 -9.91 1.50 -30.77
CA ALA B 254 -10.78 2.58 -31.25
C ALA B 254 -12.24 2.38 -30.84
N CYS B 255 -12.95 3.50 -30.71
CA CYS B 255 -14.39 3.48 -30.48
C CYS B 255 -15.06 4.47 -31.45
N ILE B 256 -16.38 4.37 -31.57
CA ILE B 256 -17.15 5.34 -32.34
C ILE B 256 -18.19 6.02 -31.44
N LEU B 257 -18.13 7.34 -31.38
CA LEU B 257 -19.04 8.12 -30.54
C LEU B 257 -20.08 8.87 -31.37
N ASP B 258 -21.25 9.07 -30.78
CA ASP B 258 -22.34 9.83 -31.40
C ASP B 258 -21.89 11.20 -31.90
N LYS B 259 -22.23 11.49 -33.16
CA LYS B 259 -21.85 12.74 -33.82
C LYS B 259 -22.26 13.99 -33.04
N ASP B 260 -23.45 13.96 -32.45
CA ASP B 260 -24.01 15.14 -31.79
C ASP B 260 -23.76 15.17 -30.29
N GLU B 261 -23.82 14.00 -29.65
CA GLU B 261 -23.56 13.86 -28.22
C GLU B 261 -22.41 12.87 -27.99
N PRO B 262 -21.17 13.35 -28.07
CA PRO B 262 -19.99 12.49 -28.21
C PRO B 262 -19.69 11.62 -26.97
N TRP B 263 -20.32 11.91 -25.84
CA TRP B 263 -20.15 11.06 -24.66
C TRP B 263 -20.98 9.79 -24.79
N LYS B 264 -21.74 9.66 -25.87
CA LYS B 264 -22.53 8.45 -26.06
C LYS B 264 -21.83 7.50 -27.02
N VAL B 265 -21.49 6.33 -26.51
CA VAL B 265 -20.71 5.36 -27.27
C VAL B 265 -21.61 4.54 -28.18
N LYS B 266 -21.35 4.60 -29.48
CA LYS B 266 -22.10 3.80 -30.44
C LYS B 266 -21.45 2.43 -30.57
N TYR B 267 -20.16 2.40 -30.91
CA TYR B 267 -19.42 1.15 -30.96
C TYR B 267 -18.11 1.29 -30.19
N ARG B 268 -17.61 0.16 -29.71
CA ARG B 268 -16.37 0.13 -28.95
C ARG B 268 -15.64 -1.20 -29.20
N CYS B 269 -14.50 -1.16 -29.86
CA CYS B 269 -13.79 -2.39 -30.16
C CYS B 269 -13.37 -3.15 -28.90
N ALA B 270 -13.78 -4.41 -28.81
CA ALA B 270 -13.50 -5.23 -27.64
C ALA B 270 -12.03 -5.62 -27.55
N GLU B 271 -11.36 -5.66 -28.70
CA GLU B 271 -9.96 -6.03 -28.77
C GLU B 271 -9.09 -4.79 -28.90
N TYR B 272 -7.83 -4.89 -28.47
CA TYR B 272 -6.87 -3.85 -28.79
C TYR B 272 -6.60 -3.92 -30.29
N LEU B 273 -6.13 -2.82 -30.88
CA LEU B 273 -5.74 -2.81 -32.27
C LEU B 273 -4.23 -2.72 -32.41
N LEU B 274 -3.57 -2.35 -31.33
CA LEU B 274 -2.12 -2.45 -31.27
C LEU B 274 -1.65 -2.51 -29.81
N SER B 275 -0.78 -3.47 -29.53
CA SER B 275 -0.24 -3.63 -28.19
C SER B 275 1.30 -3.64 -28.24
N PRO B 276 1.98 -3.54 -27.09
CA PRO B 276 3.46 -3.59 -27.08
C PRO B 276 4.00 -4.99 -27.39
N GLN B 277 4.66 -5.15 -28.53
CA GLN B 277 5.16 -6.45 -28.95
C GLN B 277 6.55 -6.42 -29.58
N LYS B 278 6.94 -5.28 -30.14
CA LYS B 278 8.28 -5.18 -30.74
C LYS B 278 9.28 -4.70 -29.71
N ILE B 279 10.55 -4.95 -29.99
CA ILE B 279 11.61 -4.63 -29.06
C ILE B 279 11.60 -3.13 -28.64
N TYR B 280 11.20 -2.23 -29.54
CA TYR B 280 11.23 -0.81 -29.23
C TYR B 280 9.97 -0.41 -28.46
N GLU B 281 9.01 -1.32 -28.42
CA GLU B 281 7.77 -1.09 -27.66
C GLU B 281 7.87 -1.67 -26.26
N CYS B 282 8.65 -2.73 -26.10
CA CYS B 282 8.67 -3.51 -24.88
C CYS B 282 9.82 -3.11 -23.96
N VAL B 283 10.92 -2.65 -24.57
CA VAL B 283 12.11 -2.26 -23.83
C VAL B 283 12.40 -0.77 -23.97
N GLY B 284 12.69 -0.15 -22.83
CA GLY B 284 13.07 1.26 -22.77
C GLY B 284 12.77 1.85 -21.40
N ASP B 285 12.66 3.18 -21.34
CA ASP B 285 12.40 3.88 -20.08
C ASP B 285 11.20 3.35 -19.31
N VAL B 286 10.09 3.11 -20.02
CA VAL B 286 8.92 2.50 -19.40
C VAL B 286 8.48 1.33 -20.27
N GLN B 287 8.68 0.12 -19.76
CA GLN B 287 8.45 -1.08 -20.57
C GLN B 287 6.98 -1.20 -20.99
N ASN B 288 6.77 -1.80 -22.15
CA ASN B 288 5.43 -2.20 -22.58
C ASN B 288 4.46 -1.04 -22.76
N VAL B 289 4.88 -0.05 -23.53
CA VAL B 289 4.01 1.10 -23.80
C VAL B 289 3.87 1.40 -25.27
N THR B 290 2.63 1.48 -25.73
CA THR B 290 2.33 2.00 -27.06
C THR B 290 1.18 3.01 -26.90
N PHE B 291 1.48 4.28 -27.15
CA PHE B 291 0.65 5.41 -26.72
C PHE B 291 0.42 6.39 -27.87
N PRO B 292 -0.76 6.34 -28.49
CA PRO B 292 -1.03 7.21 -29.65
C PRO B 292 -1.45 8.64 -29.30
N CYS B 293 -0.83 9.65 -29.91
CA CYS B 293 -1.22 11.03 -29.65
C CYS B 293 -1.58 11.81 -30.94
N ALA B 294 -1.38 11.20 -32.10
CA ALA B 294 -1.69 11.87 -33.37
C ALA B 294 -1.95 10.90 -34.52
N THR B 295 -2.97 11.21 -35.32
CA THR B 295 -3.12 10.57 -36.62
C THR B 295 -3.14 11.62 -37.73
N LEU B 296 -2.66 11.22 -38.91
CA LEU B 296 -2.92 11.93 -40.15
C LEU B 296 -3.98 11.17 -40.94
N VAL B 297 -4.94 11.92 -41.49
CA VAL B 297 -6.01 11.30 -42.25
C VAL B 297 -6.15 11.93 -43.64
N ASP B 298 -5.99 11.10 -44.66
CA ASP B 298 -6.24 11.52 -46.05
C ASP B 298 -7.70 11.27 -46.37
N ALA B 299 -8.48 12.36 -46.40
CA ALA B 299 -9.92 12.25 -46.61
C ALA B 299 -10.24 11.68 -48.00
N ASP B 300 -9.33 11.86 -48.94
CA ASP B 300 -9.53 11.34 -50.29
C ASP B 300 -9.55 9.82 -50.33
N THR B 301 -8.69 9.20 -49.53
CA THR B 301 -8.46 7.75 -49.65
C THR B 301 -8.90 6.97 -48.40
N GLY B 302 -8.92 7.65 -47.26
CA GLY B 302 -9.24 7.00 -46.00
C GLY B 302 -8.01 6.45 -45.31
N ARG B 303 -6.84 6.71 -45.89
CA ARG B 303 -5.58 6.29 -45.29
C ARG B 303 -5.32 7.03 -43.97
N ILE B 304 -4.93 6.26 -42.95
CA ILE B 304 -4.58 6.82 -41.65
C ILE B 304 -3.13 6.52 -41.30
N ALA B 305 -2.38 7.56 -40.97
CA ALA B 305 -1.02 7.41 -40.46
C ALA B 305 -0.99 7.72 -38.97
N ILE B 306 -0.59 6.75 -38.16
CA ILE B 306 -0.68 6.89 -36.70
C ILE B 306 0.68 7.13 -36.06
N TYR B 307 0.78 8.18 -35.26
CA TYR B 307 1.96 8.43 -34.46
C TYR B 307 1.74 7.90 -33.06
N TYR B 308 2.73 7.20 -32.51
CA TYR B 308 2.57 6.72 -31.15
C TYR B 308 3.90 6.57 -30.43
N GLY B 309 3.87 6.86 -29.14
CA GLY B 309 5.05 6.71 -28.31
C GLY B 309 5.26 5.25 -27.97
N CYS B 310 6.53 4.88 -27.91
CA CYS B 310 6.91 3.51 -27.61
C CYS B 310 7.83 3.46 -26.40
N ALA B 311 7.37 2.74 -25.38
CA ALA B 311 8.18 2.51 -24.20
C ALA B 311 8.64 3.82 -23.53
N ASP B 312 7.87 4.90 -23.72
CA ASP B 312 8.21 6.24 -23.21
C ASP B 312 9.63 6.62 -23.63
N THR B 313 9.99 6.22 -24.84
CA THR B 313 11.38 6.27 -25.30
C THR B 313 11.50 6.90 -26.68
N CYS B 314 10.69 6.45 -27.62
CA CYS B 314 10.75 6.93 -29.00
C CYS B 314 9.36 7.05 -29.63
N VAL B 315 9.29 7.62 -30.83
CA VAL B 315 8.05 7.69 -31.59
C VAL B 315 8.05 6.73 -32.77
N SER B 316 6.97 5.98 -32.91
CA SER B 316 6.82 5.11 -34.06
C SER B 316 5.57 5.45 -34.91
N MET B 317 5.49 4.82 -36.07
CA MET B 317 4.37 5.03 -36.96
C MET B 317 3.65 3.71 -37.28
N ALA B 318 2.32 3.78 -37.38
CA ALA B 318 1.54 2.64 -37.82
C ALA B 318 0.58 3.08 -38.91
N PHE B 319 0.00 2.10 -39.61
CA PHE B 319 -0.85 2.42 -40.75
C PHE B 319 -2.15 1.62 -40.73
N THR B 320 -3.21 2.27 -41.20
CA THR B 320 -4.51 1.65 -41.36
C THR B 320 -5.42 2.53 -42.23
N THR B 321 -6.66 2.10 -42.40
CA THR B 321 -7.66 2.91 -43.11
C THR B 321 -8.92 3.08 -42.27
N VAL B 322 -9.68 4.12 -42.59
CA VAL B 322 -10.93 4.39 -41.90
C VAL B 322 -11.94 3.25 -42.03
N ASP B 323 -12.09 2.72 -43.25
CA ASP B 323 -13.01 1.61 -43.48
C ASP B 323 -12.59 0.34 -42.73
N ASP B 324 -11.30 0.02 -42.77
CA ASP B 324 -10.79 -1.14 -42.05
C ASP B 324 -11.08 -1.02 -40.55
N VAL B 325 -10.82 0.16 -39.97
CA VAL B 325 -10.97 0.36 -38.53
C VAL B 325 -12.44 0.38 -38.13
N VAL B 326 -13.24 1.11 -38.88
CA VAL B 326 -14.67 1.20 -38.63
C VAL B 326 -15.38 -0.15 -38.75
N ASP B 327 -15.01 -0.93 -39.77
CA ASP B 327 -15.60 -2.26 -39.93
C ASP B 327 -15.21 -3.17 -38.78
N TYR B 328 -13.93 -3.19 -38.43
CA TYR B 328 -13.49 -4.04 -37.35
C TYR B 328 -14.10 -3.60 -36.02
N VAL B 329 -14.16 -2.28 -35.81
CA VAL B 329 -14.73 -1.77 -34.57
C VAL B 329 -16.21 -2.17 -34.46
N LYS B 330 -16.96 -1.98 -35.53
CA LYS B 330 -18.38 -2.35 -35.55
C LYS B 330 -18.59 -3.85 -35.39
N SER B 331 -17.83 -4.69 -36.09
CA SER B 331 -18.06 -6.13 -35.99
C SER B 331 -17.48 -6.79 -34.72
N HIS B 332 -16.57 -6.09 -34.04
CA HIS B 332 -16.02 -6.59 -32.78
C HIS B 332 -16.36 -5.70 -31.60
N SER B 333 -17.59 -5.24 -31.50
CA SER B 333 -17.94 -4.22 -30.53
C SER B 333 -18.28 -4.80 -29.16
N SER B 334 -17.74 -4.15 -28.12
CA SER B 334 -18.05 -4.44 -26.72
C SER B 334 -19.49 -4.11 -26.36
N VAL B 335 -19.73 -2.88 -25.91
CA VAL B 335 -21.05 -2.46 -25.44
C VAL B 335 -21.44 -1.08 -25.97
N MET C 1 19.94 -46.94 -15.65
CA MET C 1 19.70 -45.68 -14.94
C MET C 1 19.64 -45.92 -13.43
N LYS C 2 20.11 -44.95 -12.66
CA LYS C 2 20.28 -45.09 -11.21
C LYS C 2 18.97 -44.96 -10.46
N THR C 3 18.12 -44.07 -10.92
CA THR C 3 16.81 -43.88 -10.32
C THR C 3 15.76 -44.42 -11.28
N GLN C 4 14.85 -45.25 -10.79
CA GLN C 4 13.90 -45.87 -11.71
C GLN C 4 12.62 -45.06 -11.81
N ILE C 5 12.00 -45.11 -12.97
CA ILE C 5 10.69 -44.52 -13.21
C ILE C 5 9.59 -45.53 -12.96
N ILE C 6 8.67 -45.22 -12.06
CA ILE C 6 7.57 -46.10 -11.73
C ILE C 6 6.27 -45.66 -12.40
N ASN C 7 5.55 -46.63 -12.98
CA ASN C 7 4.26 -46.36 -13.62
C ASN C 7 4.36 -45.30 -14.69
N GLY C 8 5.48 -45.30 -15.39
CA GLY C 8 5.69 -44.38 -16.49
C GLY C 8 5.36 -45.07 -17.80
N VAL C 9 5.77 -44.45 -18.89
CA VAL C 9 5.48 -44.94 -20.22
C VAL C 9 6.73 -44.95 -21.09
N SER C 10 6.68 -45.78 -22.13
CA SER C 10 7.77 -45.88 -23.08
C SER C 10 7.57 -44.80 -24.15
N LEU C 11 8.48 -43.84 -24.19
CA LEU C 11 8.36 -42.70 -25.09
C LEU C 11 9.61 -42.53 -25.95
N PRO C 12 9.89 -43.51 -26.82
CA PRO C 12 11.11 -43.40 -27.64
C PRO C 12 11.03 -42.22 -28.59
N ASN C 13 9.80 -41.77 -28.84
CA ASN C 13 9.53 -40.63 -29.69
C ASN C 13 9.55 -39.26 -28.99
N ILE C 14 9.98 -39.22 -27.72
CA ILE C 14 10.02 -37.98 -26.95
C ILE C 14 10.86 -36.92 -27.65
N PRO C 15 10.36 -35.68 -27.72
CA PRO C 15 11.19 -34.60 -28.24
C PRO C 15 12.46 -34.50 -27.43
N TRP C 16 13.59 -34.32 -28.10
CA TRP C 16 14.86 -34.41 -27.43
C TRP C 16 15.99 -33.77 -28.19
N GLN C 17 16.92 -33.22 -27.44
CA GLN C 17 18.21 -32.80 -27.97
C GLN C 17 19.25 -33.13 -26.89
N ASP C 18 20.43 -33.60 -27.29
CA ASP C 18 21.45 -33.95 -26.30
C ASP C 18 22.03 -32.70 -25.65
N LYS C 19 22.51 -32.87 -24.43
CA LYS C 19 23.14 -31.79 -23.67
C LYS C 19 24.42 -31.30 -24.34
N PRO C 20 24.46 -30.00 -24.75
CA PRO C 20 25.66 -29.42 -25.37
C PRO C 20 26.89 -29.60 -24.49
N ALA C 21 28.06 -29.73 -25.12
CA ALA C 21 29.30 -29.99 -24.40
C ALA C 21 29.65 -28.84 -23.47
N ASP C 22 29.37 -27.62 -23.92
CA ASP C 22 29.74 -26.44 -23.16
C ASP C 22 28.70 -26.08 -22.10
N CYS C 23 27.75 -26.99 -21.87
CA CYS C 23 26.69 -26.74 -20.89
C CYS C 23 27.08 -27.27 -19.51
N LYS C 24 26.81 -26.46 -18.50
CA LYS C 24 27.20 -26.78 -17.13
C LYS C 24 25.96 -27.04 -16.25
N ASP C 25 24.79 -26.67 -16.76
CA ASP C 25 23.57 -26.71 -15.99
C ASP C 25 22.89 -28.07 -16.01
N VAL C 26 22.07 -28.32 -15.00
CA VAL C 26 21.29 -29.55 -14.90
C VAL C 26 20.26 -29.66 -16.02
N ILE C 27 19.77 -28.51 -16.47
CA ILE C 27 18.73 -28.40 -17.48
C ILE C 27 19.18 -27.55 -18.67
N TRP C 28 19.04 -28.05 -19.88
CA TRP C 28 19.44 -27.24 -21.03
C TRP C 28 18.25 -26.94 -21.90
N ARG C 29 18.29 -25.81 -22.59
CA ARG C 29 17.16 -25.36 -23.39
C ARG C 29 17.22 -25.89 -24.81
N TYR C 30 16.04 -26.12 -25.37
CA TYR C 30 15.89 -26.37 -26.80
C TYR C 30 16.52 -25.23 -27.59
N ASP C 31 17.17 -25.55 -28.71
CA ASP C 31 17.98 -24.54 -29.40
C ASP C 31 17.20 -23.70 -30.41
N ALA C 32 15.91 -23.92 -30.53
CA ALA C 32 15.12 -23.06 -31.42
C ALA C 32 13.85 -22.55 -30.70
N ASN C 33 14.01 -22.21 -29.43
CA ASN C 33 12.91 -21.63 -28.65
C ASN C 33 12.51 -20.29 -29.24
N PRO C 34 11.23 -19.93 -29.13
CA PRO C 34 10.16 -20.75 -28.54
C PRO C 34 9.59 -21.74 -29.55
N ILE C 35 8.98 -22.82 -29.08
CA ILE C 35 8.37 -23.77 -29.99
C ILE C 35 6.96 -23.33 -30.40
N ILE C 36 6.30 -22.58 -29.54
CA ILE C 36 5.02 -21.98 -29.90
C ILE C 36 5.09 -20.49 -29.68
N PRO C 37 5.07 -19.70 -30.77
CA PRO C 37 5.20 -18.24 -30.72
C PRO C 37 3.87 -17.61 -30.38
N ARG C 38 3.90 -16.37 -29.91
CA ARG C 38 2.73 -15.70 -29.36
C ARG C 38 1.60 -15.58 -30.38
N ASP C 39 1.93 -15.63 -31.66
CA ASP C 39 0.97 -15.25 -32.70
C ASP C 39 0.65 -16.44 -33.58
N GLN C 40 0.77 -17.63 -33.04
CA GLN C 40 0.51 -18.81 -33.86
C GLN C 40 -0.95 -18.90 -34.28
N LEU C 41 -1.86 -18.40 -33.46
CA LEU C 41 -3.27 -18.40 -33.84
C LEU C 41 -3.60 -17.01 -34.35
N PRO C 42 -4.58 -16.90 -35.26
CA PRO C 42 -5.00 -15.58 -35.75
C PRO C 42 -5.51 -14.64 -34.64
N THR C 43 -6.16 -15.20 -33.62
CA THR C 43 -6.68 -14.42 -32.51
C THR C 43 -5.77 -14.32 -31.26
N SER C 44 -4.63 -14.98 -31.26
CA SER C 44 -3.86 -15.08 -30.03
C SER C 44 -2.96 -13.87 -29.78
N ASN C 45 -3.01 -13.38 -28.54
CA ASN C 45 -2.09 -12.36 -28.03
C ASN C 45 -0.83 -13.04 -27.52
N SER C 46 -1.05 -14.21 -26.96
CA SER C 46 0.00 -14.99 -26.33
C SER C 46 -0.47 -16.41 -26.10
N ILE C 47 0.49 -17.32 -26.06
CA ILE C 47 0.20 -18.71 -25.81
C ILE C 47 1.31 -19.20 -24.89
N PHE C 48 0.97 -19.62 -23.67
CA PHE C 48 2.01 -20.00 -22.71
C PHE C 48 1.45 -20.94 -21.64
N ASN C 49 2.26 -21.24 -20.62
CA ASN C 49 1.79 -22.08 -19.50
C ASN C 49 0.83 -23.22 -19.89
N SER C 50 1.30 -24.19 -20.67
CA SER C 50 0.41 -25.17 -21.31
C SER C 50 0.68 -26.65 -21.02
N ALA C 51 -0.33 -27.49 -21.23
CA ALA C 51 -0.32 -28.89 -20.76
C ALA C 51 -0.15 -29.87 -21.89
N VAL C 52 0.71 -30.88 -21.69
CA VAL C 52 1.02 -31.85 -22.74
C VAL C 52 1.08 -33.29 -22.20
N VAL C 53 0.53 -34.23 -22.99
CA VAL C 53 0.59 -35.65 -22.66
C VAL C 53 0.75 -36.51 -23.91
N PRO C 54 1.33 -37.71 -23.75
CA PRO C 54 1.24 -38.66 -24.86
C PRO C 54 -0.21 -38.99 -25.16
N TYR C 55 -0.62 -38.83 -26.41
CA TYR C 55 -1.94 -39.24 -26.83
C TYR C 55 -1.94 -39.54 -28.31
N GLU C 56 -2.35 -40.76 -28.66
CA GLU C 56 -2.37 -41.18 -30.06
C GLU C 56 -3.68 -40.75 -30.72
N SER C 57 -3.57 -39.91 -31.73
CA SER C 57 -4.73 -39.47 -32.49
C SER C 57 -4.42 -39.41 -33.98
N GLU C 58 -5.40 -39.01 -34.78
CA GLU C 58 -5.19 -38.84 -36.22
C GLU C 58 -4.29 -37.63 -36.45
N LYS C 59 -4.34 -36.67 -35.54
CA LYS C 59 -3.53 -35.48 -35.72
C LYS C 59 -2.16 -35.61 -35.08
N GLY C 60 -1.83 -36.81 -34.61
CA GLY C 60 -0.48 -37.05 -34.13
C GLY C 60 -0.30 -37.95 -32.93
N LYS C 61 0.80 -37.72 -32.21
CA LYS C 61 1.24 -38.59 -31.13
C LYS C 61 1.18 -37.90 -29.77
N PHE C 62 0.86 -36.61 -29.78
CA PHE C 62 0.79 -35.82 -28.56
C PHE C 62 -0.42 -34.93 -28.58
N ALA C 63 -1.01 -34.70 -27.41
CA ALA C 63 -2.15 -33.80 -27.27
C ALA C 63 -1.91 -32.79 -26.17
N GLY C 64 -2.70 -31.75 -26.14
CA GLY C 64 -2.57 -30.81 -25.07
C GLY C 64 -3.70 -29.82 -24.88
N VAL C 65 -3.65 -29.15 -23.73
CA VAL C 65 -4.56 -28.05 -23.42
C VAL C 65 -3.70 -26.79 -23.27
N PHE C 66 -3.96 -25.78 -24.10
CA PHE C 66 -3.07 -24.65 -24.15
C PHE C 66 -3.73 -23.40 -23.60
N ARG C 67 -2.99 -22.64 -22.79
CA ARG C 67 -3.52 -21.35 -22.38
C ARG C 67 -3.32 -20.34 -23.51
N VAL C 68 -4.41 -19.77 -23.97
CA VAL C 68 -4.37 -18.77 -25.03
C VAL C 68 -5.01 -17.50 -24.53
N ASP C 69 -4.27 -16.39 -24.57
CA ASP C 69 -4.87 -15.10 -24.28
C ASP C 69 -5.15 -14.43 -25.60
N ASP C 70 -6.35 -13.89 -25.76
CA ASP C 70 -6.72 -13.37 -27.08
C ASP C 70 -6.46 -11.88 -27.12
N LYS C 71 -6.91 -11.22 -28.18
CA LYS C 71 -6.56 -9.82 -28.35
C LYS C 71 -7.49 -8.90 -27.57
N CYS C 72 -8.35 -9.50 -26.74
CA CYS C 72 -9.09 -8.79 -25.69
C CYS C 72 -8.31 -8.90 -24.38
N ARG C 73 -7.28 -9.74 -24.41
CA ARG C 73 -6.56 -10.22 -23.22
C ARG C 73 -7.43 -11.15 -22.33
N ASN C 74 -8.49 -11.71 -22.89
CA ASN C 74 -9.23 -12.77 -22.22
C ASN C 74 -8.38 -14.02 -22.12
N MET C 75 -8.57 -14.78 -21.04
CA MET C 75 -7.83 -16.03 -20.81
C MET C 75 -8.69 -17.25 -21.13
N GLU C 76 -8.20 -18.06 -22.07
CA GLU C 76 -8.94 -19.20 -22.65
C GLU C 76 -8.12 -20.46 -22.69
N LEU C 77 -8.79 -21.59 -22.84
CA LEU C 77 -8.10 -22.85 -23.07
C LEU C 77 -8.42 -23.40 -24.48
N HIS C 78 -7.38 -23.76 -25.23
CA HIS C 78 -7.54 -24.40 -26.53
C HIS C 78 -6.88 -25.79 -26.55
N ALA C 79 -7.57 -26.78 -27.12
CA ALA C 79 -7.00 -28.12 -27.29
C ALA C 79 -6.03 -28.13 -28.47
N GLY C 80 -5.01 -28.97 -28.39
CA GLY C 80 -4.00 -29.02 -29.44
C GLY C 80 -3.40 -30.41 -29.69
N PHE C 81 -2.78 -30.56 -30.85
CA PHE C 81 -2.19 -31.84 -31.22
C PHE C 81 -0.85 -31.68 -31.94
N SER C 82 -0.01 -32.70 -31.84
CA SER C 82 1.32 -32.66 -32.45
C SER C 82 1.87 -34.06 -32.75
N LYS C 83 2.61 -34.17 -33.86
CA LYS C 83 3.23 -35.43 -34.23
C LYS C 83 4.60 -35.63 -33.60
N ASP C 84 5.32 -34.54 -33.38
CA ASP C 84 6.67 -34.64 -32.85
C ASP C 84 6.83 -34.06 -31.45
N GLY C 85 5.79 -33.39 -30.95
CA GLY C 85 5.83 -32.77 -29.63
C GLY C 85 6.38 -31.35 -29.64
N ILE C 86 6.81 -30.89 -30.82
CA ILE C 86 7.48 -29.61 -30.95
C ILE C 86 6.69 -28.63 -31.82
N HIS C 87 6.20 -29.12 -32.95
CA HIS C 87 5.33 -28.34 -33.83
C HIS C 87 3.88 -28.67 -33.50
N TRP C 88 3.09 -27.64 -33.23
CA TRP C 88 1.79 -27.86 -32.64
C TRP C 88 0.66 -27.38 -33.51
N ASP C 89 -0.32 -28.25 -33.72
CA ASP C 89 -1.57 -27.86 -34.35
C ASP C 89 -2.57 -27.50 -33.28
N ILE C 90 -2.78 -26.21 -33.04
CA ILE C 90 -3.65 -25.81 -31.95
C ILE C 90 -4.99 -25.35 -32.51
N ASN C 91 -6.07 -25.81 -31.88
CA ASN C 91 -7.41 -25.37 -32.25
C ASN C 91 -7.54 -23.86 -32.22
N PRO C 92 -8.19 -23.29 -33.24
CA PRO C 92 -8.35 -21.84 -33.32
C PRO C 92 -9.35 -21.31 -32.31
N ASP C 93 -10.22 -22.19 -31.80
CA ASP C 93 -11.30 -21.78 -30.92
C ASP C 93 -11.16 -22.39 -29.52
N ARG C 94 -11.80 -21.76 -28.54
CA ARG C 94 -11.75 -22.22 -27.17
C ARG C 94 -12.52 -23.53 -27.00
N ILE C 95 -11.98 -24.40 -26.16
CA ILE C 95 -12.75 -25.44 -25.54
C ILE C 95 -14.05 -24.84 -24.99
N VAL C 96 -15.19 -25.39 -25.42
CA VAL C 96 -16.47 -25.04 -24.80
C VAL C 96 -16.92 -26.25 -23.99
N PHE C 97 -16.80 -26.15 -22.67
CA PHE C 97 -17.00 -27.32 -21.82
C PHE C 97 -18.43 -27.81 -21.82
N GLU C 98 -18.60 -29.12 -21.69
CA GLU C 98 -19.90 -29.69 -21.39
C GLU C 98 -19.90 -30.14 -19.94
N GLN C 99 -21.01 -29.92 -19.24
CA GLN C 99 -21.15 -30.37 -17.88
C GLN C 99 -21.31 -31.88 -17.78
N ALA C 100 -20.46 -32.53 -16.98
CA ALA C 100 -20.52 -33.97 -16.82
C ALA C 100 -21.84 -34.37 -16.21
N GLU C 101 -22.24 -33.67 -15.15
CA GLU C 101 -23.53 -33.92 -14.54
C GLU C 101 -24.39 -32.68 -14.66
N LYS C 102 -25.70 -32.89 -14.61
CA LYS C 102 -26.65 -31.81 -14.71
C LYS C 102 -26.57 -30.93 -13.47
N SER C 103 -26.04 -31.47 -12.39
CA SER C 103 -25.98 -30.75 -11.13
C SER C 103 -25.06 -29.53 -11.18
N THR C 104 -24.27 -29.37 -12.24
CA THR C 104 -23.41 -28.19 -12.36
C THR C 104 -23.80 -27.25 -13.51
N GLU C 105 -24.96 -27.47 -14.11
CA GLU C 105 -25.36 -26.62 -15.25
C GLU C 105 -25.55 -25.17 -14.81
N GLU C 106 -26.06 -24.95 -13.60
CA GLU C 106 -26.24 -23.60 -13.07
C GLU C 106 -24.93 -22.95 -12.63
N VAL C 107 -24.14 -23.68 -11.87
CA VAL C 107 -22.99 -23.10 -11.21
C VAL C 107 -21.84 -22.80 -12.18
N ASN C 108 -21.58 -23.69 -13.13
CA ASN C 108 -20.41 -23.55 -14.01
C ASN C 108 -20.72 -22.75 -15.26
N GLN C 109 -20.66 -21.43 -15.15
CA GLN C 109 -20.69 -20.55 -16.30
C GLN C 109 -19.24 -20.26 -16.68
N TRP C 110 -18.97 -20.06 -17.97
CA TRP C 110 -17.61 -19.75 -18.37
C TRP C 110 -17.29 -18.28 -18.13
N GLY C 111 -16.21 -18.04 -17.38
CA GLY C 111 -15.68 -16.70 -17.17
C GLY C 111 -14.32 -16.58 -17.83
N TYR C 112 -13.36 -17.32 -17.32
CA TYR C 112 -12.02 -17.39 -17.91
C TYR C 112 -11.34 -18.66 -17.43
N GLY C 113 -10.22 -19.01 -18.05
CA GLY C 113 -9.45 -20.16 -17.61
C GLY C 113 -7.99 -20.06 -18.02
N TYR C 114 -7.08 -20.43 -17.12
CA TYR C 114 -5.67 -20.45 -17.47
C TYR C 114 -4.82 -21.46 -16.69
N ASP C 115 -3.63 -21.69 -17.22
CA ASP C 115 -2.62 -22.57 -16.65
C ASP C 115 -3.11 -24.01 -16.40
N PRO C 116 -3.51 -24.69 -17.49
CA PRO C 116 -3.97 -26.08 -17.41
C PRO C 116 -2.87 -27.04 -16.99
N ARG C 117 -3.25 -28.07 -16.27
CA ARG C 117 -2.39 -29.22 -16.15
C ARG C 117 -3.24 -30.43 -16.50
N VAL C 118 -2.61 -31.44 -17.09
CA VAL C 118 -3.33 -32.60 -17.62
C VAL C 118 -2.54 -33.88 -17.37
N CYS C 119 -3.25 -34.93 -16.95
CA CYS C 119 -2.65 -36.25 -16.88
C CYS C 119 -3.72 -37.32 -17.05
N PHE C 120 -3.29 -38.48 -17.54
CA PHE C 120 -4.15 -39.64 -17.65
C PHE C 120 -4.20 -40.30 -16.29
N ILE C 121 -5.40 -40.52 -15.78
CA ILE C 121 -5.55 -41.35 -14.57
C ILE C 121 -6.52 -42.50 -14.83
N GLU C 122 -6.00 -43.72 -14.66
CA GLU C 122 -6.69 -45.01 -14.88
C GLU C 122 -7.53 -45.20 -16.17
N ASP C 123 -8.45 -44.29 -16.52
CA ASP C 123 -9.25 -44.51 -17.71
C ASP C 123 -9.57 -43.27 -18.54
N ARG C 124 -8.95 -42.14 -18.20
CA ARG C 124 -9.20 -40.90 -18.94
C ARG C 124 -8.18 -39.82 -18.57
N PHE C 125 -8.22 -38.72 -19.31
CA PHE C 125 -7.36 -37.58 -19.04
C PHE C 125 -8.11 -36.58 -18.18
N TRP C 126 -7.50 -36.22 -17.07
CA TRP C 126 -8.07 -35.24 -16.18
C TRP C 126 -7.40 -33.89 -16.41
N VAL C 127 -8.22 -32.84 -16.47
CA VAL C 127 -7.74 -31.49 -16.69
C VAL C 127 -8.04 -30.59 -15.49
N THR C 128 -7.02 -29.91 -14.99
CA THR C 128 -7.24 -28.88 -14.00
C THR C 128 -6.72 -27.55 -14.53
N TRP C 129 -7.30 -26.46 -14.05
CA TRP C 129 -6.87 -25.14 -14.48
C TRP C 129 -7.34 -24.14 -13.45
N CYS C 130 -6.85 -22.91 -13.57
CA CYS C 130 -7.38 -21.82 -12.77
C CYS C 130 -8.67 -21.34 -13.44
N ASN C 131 -9.79 -21.57 -12.77
CA ASN C 131 -11.10 -21.31 -13.33
C ASN C 131 -11.81 -20.18 -12.60
N ALA C 132 -12.40 -19.25 -13.35
CA ALA C 132 -13.22 -18.21 -12.73
C ALA C 132 -14.55 -18.78 -12.26
N TYR C 133 -14.86 -18.59 -10.97
CA TYR C 133 -16.22 -18.80 -10.46
C TYR C 133 -16.69 -17.46 -9.93
N GLY C 134 -17.68 -16.86 -10.58
CA GLY C 134 -18.07 -15.50 -10.26
C GLY C 134 -16.86 -14.57 -10.30
N TRP C 135 -16.00 -14.77 -11.29
CA TRP C 135 -14.78 -13.96 -11.50
C TRP C 135 -13.79 -14.01 -10.34
N LYS C 136 -13.79 -15.12 -9.60
CA LYS C 136 -12.78 -15.35 -8.58
C LYS C 136 -12.04 -16.63 -8.93
N PRO C 137 -10.71 -16.61 -8.80
CA PRO C 137 -9.89 -17.75 -9.19
C PRO C 137 -10.06 -18.95 -8.27
N THR C 138 -10.39 -20.10 -8.85
CA THR C 138 -10.25 -21.34 -8.12
C THR C 138 -9.77 -22.44 -9.07
N ILE C 139 -9.78 -23.68 -8.61
CA ILE C 139 -9.31 -24.78 -9.45
C ILE C 139 -10.47 -25.44 -10.20
N GLY C 140 -10.48 -25.30 -11.52
CA GLY C 140 -11.44 -26.01 -12.34
C GLY C 140 -11.03 -27.48 -12.55
N VAL C 141 -12.04 -28.34 -12.72
CA VAL C 141 -11.81 -29.77 -12.96
C VAL C 141 -12.63 -30.30 -14.15
N ALA C 142 -11.97 -31.01 -15.06
CA ALA C 142 -12.66 -31.57 -16.21
C ALA C 142 -12.01 -32.88 -16.65
N TYR C 143 -12.71 -33.68 -17.45
CA TYR C 143 -12.04 -34.82 -18.05
C TYR C 143 -12.38 -34.94 -19.53
N THR C 144 -11.56 -35.71 -20.23
CA THR C 144 -11.72 -35.95 -21.66
C THR C 144 -11.11 -37.29 -22.01
N PHE C 145 -11.74 -37.99 -22.95
CA PHE C 145 -11.23 -39.26 -23.44
C PHE C 145 -10.50 -39.05 -24.75
N ASP C 146 -10.89 -38.03 -25.49
CA ASP C 146 -10.45 -37.85 -26.87
C ASP C 146 -9.90 -36.47 -27.22
N PHE C 147 -9.75 -35.61 -26.21
CA PHE C 147 -9.30 -34.22 -26.41
C PHE C 147 -10.14 -33.46 -27.44
N LYS C 148 -11.34 -33.96 -27.66
CA LYS C 148 -12.28 -33.31 -28.57
C LYS C 148 -13.46 -32.79 -27.77
N THR C 149 -14.00 -33.64 -26.90
CA THR C 149 -15.05 -33.21 -25.99
C THR C 149 -14.52 -33.15 -24.55
N PHE C 150 -14.85 -32.05 -23.85
CA PHE C 150 -14.37 -31.87 -22.48
C PHE C 150 -15.53 -31.78 -21.49
N TYR C 151 -15.46 -32.59 -20.45
CA TYR C 151 -16.55 -32.71 -19.49
C TYR C 151 -16.19 -32.05 -18.15
N GLN C 152 -16.81 -30.91 -17.88
CA GLN C 152 -16.49 -30.16 -16.69
C GLN C 152 -17.19 -30.72 -15.46
N CYS C 153 -16.44 -30.80 -14.37
CA CYS C 153 -16.96 -31.27 -13.09
C CYS C 153 -17.02 -30.10 -12.10
N GLU C 154 -17.22 -30.40 -10.82
CA GLU C 154 -17.22 -29.35 -9.81
C GLU C 154 -15.83 -28.73 -9.65
N ASN C 155 -15.78 -27.41 -9.44
CA ASN C 155 -14.55 -26.77 -8.96
C ASN C 155 -14.14 -27.45 -7.67
N ALA C 156 -12.88 -27.86 -7.58
CA ALA C 156 -12.44 -28.61 -6.40
C ALA C 156 -12.51 -27.79 -5.12
N PHE C 157 -12.29 -26.48 -5.22
CA PHE C 157 -12.18 -25.67 -4.02
C PHE C 157 -12.93 -24.34 -4.07
N LEU C 158 -12.98 -23.72 -2.91
CA LEU C 158 -13.33 -22.32 -2.80
C LEU C 158 -12.24 -21.43 -3.39
N PRO C 159 -12.62 -20.26 -3.90
CA PRO C 159 -11.59 -19.24 -4.13
C PRO C 159 -10.97 -18.90 -2.78
N PHE C 160 -9.81 -18.26 -2.74
CA PHE C 160 -9.01 -17.98 -3.92
C PHE C 160 -7.87 -19.00 -3.98
N ASN C 161 -7.73 -19.64 -5.14
CA ASN C 161 -6.78 -20.73 -5.29
C ASN C 161 -6.30 -20.81 -6.73
N ARG C 162 -5.11 -21.37 -6.91
CA ARG C 162 -4.48 -21.43 -8.21
C ARG C 162 -3.45 -22.55 -8.17
N ASN C 163 -2.93 -22.93 -9.33
CA ASN C 163 -1.89 -23.94 -9.41
C ASN C 163 -2.37 -25.29 -8.88
N GLY C 164 -3.55 -25.71 -9.32
CA GLY C 164 -4.07 -27.03 -8.99
C GLY C 164 -3.44 -28.08 -9.90
N VAL C 165 -2.78 -29.09 -9.31
CA VAL C 165 -2.10 -30.12 -10.10
C VAL C 165 -2.35 -31.53 -9.52
N LEU C 166 -2.96 -32.41 -10.33
CA LEU C 166 -3.21 -33.78 -9.89
C LEU C 166 -1.97 -34.69 -9.91
N PHE C 167 -1.86 -35.55 -8.90
CA PHE C 167 -0.95 -36.69 -8.96
C PHE C 167 -1.57 -37.70 -9.93
N PRO C 168 -0.74 -38.45 -10.67
CA PRO C 168 -1.32 -39.19 -11.80
C PRO C 168 -1.92 -40.55 -11.42
N ARG C 169 -1.97 -40.87 -10.14
CA ARG C 169 -2.74 -42.01 -9.64
C ARG C 169 -3.29 -41.74 -8.24
N LYS C 170 -4.23 -42.57 -7.82
CA LYS C 170 -4.70 -42.55 -6.44
C LYS C 170 -3.58 -42.98 -5.52
N ILE C 171 -3.57 -42.40 -4.31
CA ILE C 171 -2.62 -42.79 -3.27
C ILE C 171 -3.44 -43.11 -2.04
N ASN C 172 -3.33 -44.36 -1.58
CA ASN C 172 -4.15 -44.84 -0.47
C ASN C 172 -5.63 -44.66 -0.75
N GLY C 173 -6.03 -44.95 -1.98
CA GLY C 173 -7.42 -44.96 -2.37
C GLY C 173 -8.01 -43.62 -2.70
N LYS C 174 -7.20 -42.58 -2.60
CA LYS C 174 -7.70 -41.22 -2.79
C LYS C 174 -6.97 -40.46 -3.89
N TYR C 175 -7.69 -39.64 -4.63
CA TYR C 175 -7.08 -38.66 -5.54
C TYR C 175 -6.39 -37.59 -4.70
N VAL C 176 -5.27 -37.10 -5.21
CA VAL C 176 -4.47 -36.09 -4.51
C VAL C 176 -4.14 -34.93 -5.44
N MET C 177 -4.36 -33.70 -4.98
CA MET C 177 -4.10 -32.53 -5.82
C MET C 177 -3.27 -31.46 -5.09
N PHE C 178 -2.16 -31.07 -5.70
CA PHE C 178 -1.47 -29.83 -5.35
C PHE C 178 -2.45 -28.68 -5.54
N SER C 179 -2.42 -27.73 -4.62
CA SER C 179 -3.01 -26.43 -4.90
C SER C 179 -2.21 -25.35 -4.13
N ARG C 180 -2.64 -24.10 -4.26
CA ARG C 180 -1.85 -23.02 -3.71
C ARG C 180 -2.80 -21.86 -3.32
N PRO C 181 -3.25 -21.86 -2.07
CA PRO C 181 -4.14 -20.80 -1.60
C PRO C 181 -3.59 -19.42 -1.99
N SER C 182 -4.44 -18.60 -2.59
CA SER C 182 -4.04 -17.31 -3.14
C SER C 182 -4.94 -16.19 -2.64
N ASP C 183 -5.03 -15.12 -3.41
CA ASP C 183 -5.97 -14.04 -3.10
C ASP C 183 -6.55 -13.49 -4.39
N SER C 184 -7.23 -12.34 -4.30
CA SER C 184 -7.95 -11.79 -5.45
C SER C 184 -7.11 -10.94 -6.41
N GLY C 185 -5.83 -10.76 -6.11
CA GLY C 185 -4.97 -9.93 -6.96
C GLY C 185 -3.71 -10.64 -7.38
N HIS C 186 -2.61 -9.88 -7.52
CA HIS C 186 -1.30 -10.45 -7.81
C HIS C 186 -0.66 -10.92 -6.51
N THR C 187 -1.07 -12.11 -6.09
CA THR C 187 -0.79 -12.67 -4.78
C THR C 187 0.68 -12.56 -4.31
N PRO C 188 0.91 -11.83 -3.20
CA PRO C 188 2.23 -11.62 -2.62
C PRO C 188 2.62 -12.68 -1.59
N PHE C 189 2.11 -13.89 -1.75
CA PHE C 189 2.40 -15.01 -0.84
C PHE C 189 2.12 -16.32 -1.55
N GLY C 190 2.52 -17.45 -0.96
CA GLY C 190 2.09 -18.73 -1.49
C GLY C 190 2.82 -19.98 -1.05
N ASP C 191 2.13 -20.84 -0.29
CA ASP C 191 2.61 -22.18 0.03
C ASP C 191 1.90 -23.26 -0.79
N MET C 192 2.59 -24.36 -1.02
CA MET C 192 1.98 -25.50 -1.67
C MET C 192 1.26 -26.40 -0.64
N PHE C 193 0.04 -26.81 -0.97
CA PHE C 193 -0.71 -27.82 -0.20
C PHE C 193 -1.09 -29.02 -1.09
N ILE C 194 -1.44 -30.13 -0.47
CA ILE C 194 -2.25 -31.12 -1.16
C ILE C 194 -3.62 -31.28 -0.45
N SER C 195 -4.59 -31.74 -1.21
CA SER C 195 -5.90 -32.06 -0.70
C SER C 195 -6.26 -33.43 -1.26
N GLN C 196 -7.17 -34.13 -0.61
CA GLN C 196 -7.44 -35.49 -0.99
C GLN C 196 -8.93 -35.69 -1.20
N SER C 197 -9.28 -36.59 -2.11
CA SER C 197 -10.66 -36.85 -2.52
C SER C 197 -10.90 -38.33 -2.84
N PRO C 198 -11.95 -38.93 -2.27
CA PRO C 198 -12.30 -40.29 -2.71
C PRO C 198 -12.86 -40.35 -4.14
N ASP C 199 -13.53 -39.29 -4.60
CA ASP C 199 -14.31 -39.36 -5.83
C ASP C 199 -14.17 -38.19 -6.81
N MET C 200 -13.10 -37.40 -6.68
CA MET C 200 -12.94 -36.21 -7.52
C MET C 200 -14.03 -35.15 -7.39
N LYS C 201 -14.85 -35.21 -6.35
CA LYS C 201 -15.87 -34.16 -6.14
C LYS C 201 -15.76 -33.50 -4.77
N TYR C 202 -15.55 -34.30 -3.72
CA TYR C 202 -15.40 -33.74 -2.38
C TYR C 202 -13.96 -33.85 -1.91
N TRP C 203 -13.45 -32.76 -1.34
CA TRP C 203 -12.04 -32.67 -0.97
C TRP C 203 -11.83 -32.41 0.53
N GLY C 204 -10.80 -33.02 1.09
CA GLY C 204 -10.52 -32.87 2.50
C GLY C 204 -9.15 -33.41 2.85
N GLU C 205 -8.87 -33.52 4.15
CA GLU C 205 -7.56 -33.94 4.63
C GLU C 205 -6.46 -33.10 3.99
N HIS C 206 -6.58 -31.78 4.09
CA HIS C 206 -5.62 -30.86 3.48
C HIS C 206 -4.31 -30.94 4.24
N ARG C 207 -3.19 -31.02 3.52
CA ARG C 207 -1.88 -31.07 4.17
C ARG C 207 -0.92 -30.04 3.58
N HIS C 208 -0.10 -29.44 4.44
CA HIS C 208 0.90 -28.47 3.99
C HIS C 208 2.12 -29.19 3.42
N VAL C 209 2.51 -28.82 2.21
CA VAL C 209 3.72 -29.35 1.62
C VAL C 209 4.95 -28.54 2.04
N MET C 210 5.05 -27.30 1.54
CA MET C 210 6.21 -26.43 1.84
C MET C 210 5.95 -24.97 1.43
N GLY C 211 6.80 -24.07 1.89
CA GLY C 211 6.60 -22.66 1.60
C GLY C 211 7.86 -22.02 1.05
N PRO C 212 7.82 -20.70 0.80
CA PRO C 212 9.00 -19.95 0.39
C PRO C 212 10.21 -20.28 1.29
N LEU C 213 11.38 -20.51 0.69
CA LEU C 213 12.55 -20.84 1.50
C LEU C 213 13.76 -20.03 1.08
N ARG C 214 14.44 -20.45 0.02
CA ARG C 214 15.66 -19.77 -0.44
C ARG C 214 15.30 -18.48 -1.16
N ALA C 215 16.29 -17.63 -1.41
CA ALA C 215 16.07 -16.29 -1.98
C ALA C 215 15.34 -16.28 -3.32
N TRP C 216 15.63 -17.25 -4.17
CA TRP C 216 15.08 -17.31 -5.53
C TRP C 216 13.58 -17.64 -5.52
N GLU C 217 13.13 -18.18 -4.38
CA GLU C 217 11.76 -18.62 -4.17
C GLU C 217 11.23 -18.01 -2.86
N SER C 218 11.62 -16.77 -2.59
CA SER C 218 11.34 -16.21 -1.26
C SER C 218 9.98 -15.52 -1.15
N LYS C 219 9.34 -15.22 -2.28
CA LYS C 219 8.06 -14.51 -2.25
C LYS C 219 6.90 -15.48 -2.25
N LYS C 220 6.96 -16.47 -3.14
CA LYS C 220 5.91 -17.47 -3.20
C LYS C 220 6.34 -18.65 -4.06
N ILE C 221 5.70 -19.80 -3.84
CA ILE C 221 5.94 -20.97 -4.66
C ILE C 221 4.64 -21.58 -5.14
N GLY C 222 4.75 -22.49 -6.11
CA GLY C 222 3.59 -23.19 -6.65
C GLY C 222 3.99 -24.38 -7.50
N ALA C 223 3.15 -25.41 -7.46
CA ALA C 223 3.35 -26.62 -8.26
C ALA C 223 3.46 -26.30 -9.72
N GLY C 224 4.27 -27.07 -10.42
CA GLY C 224 4.35 -26.93 -11.86
C GLY C 224 3.61 -28.04 -12.58
N PRO C 225 4.36 -28.94 -13.23
CA PRO C 225 3.85 -30.06 -14.02
C PRO C 225 3.42 -31.23 -13.15
N ILE C 226 2.77 -32.23 -13.75
CA ILE C 226 2.32 -33.43 -13.03
C ILE C 226 3.50 -34.08 -12.31
N PRO C 227 3.30 -34.47 -11.04
CA PRO C 227 4.32 -35.23 -10.33
C PRO C 227 4.75 -36.50 -11.10
N ILE C 228 6.03 -36.78 -11.03
CA ILE C 228 6.60 -37.94 -11.68
C ILE C 228 6.91 -38.98 -10.63
N GLU C 229 6.42 -40.21 -10.79
CA GLU C 229 6.74 -41.25 -9.80
C GLU C 229 8.08 -41.91 -10.07
N THR C 230 8.79 -42.22 -9.00
CA THR C 230 10.23 -42.43 -9.02
C THR C 230 10.62 -43.41 -7.89
N SER C 231 11.80 -44.03 -7.98
CA SER C 231 12.32 -44.85 -6.88
C SER C 231 12.56 -44.06 -5.60
N GLU C 232 12.78 -42.76 -5.75
CA GLU C 232 13.09 -41.85 -4.65
C GLU C 232 11.83 -41.26 -4.03
N GLY C 233 10.72 -41.41 -4.74
CA GLY C 233 9.46 -40.82 -4.34
C GLY C 233 8.94 -39.95 -5.45
N TRP C 234 8.09 -38.98 -5.13
CA TRP C 234 7.53 -38.13 -6.19
C TRP C 234 8.48 -37.00 -6.58
N LEU C 235 8.91 -36.99 -7.84
CA LEU C 235 9.73 -35.92 -8.38
C LEU C 235 8.84 -34.78 -8.88
N CYS C 236 8.97 -33.61 -8.24
CA CYS C 236 8.08 -32.51 -8.54
C CYS C 236 8.80 -31.21 -8.85
N PHE C 237 8.71 -30.79 -10.11
CA PHE C 237 9.11 -29.45 -10.50
C PHE C 237 8.06 -28.45 -10.02
N TYR C 238 8.55 -27.36 -9.43
CA TYR C 238 7.72 -26.29 -8.92
C TYR C 238 8.36 -24.95 -9.25
N HIS C 239 7.54 -23.92 -9.39
CA HIS C 239 8.06 -22.57 -9.59
C HIS C 239 8.19 -21.84 -8.27
N GLY C 240 9.14 -20.92 -8.20
CA GLY C 240 9.27 -20.01 -7.07
C GLY C 240 9.52 -18.57 -7.51
N VAL C 241 9.20 -17.61 -6.64
CA VAL C 241 9.28 -16.20 -7.01
C VAL C 241 10.22 -15.39 -6.10
N LEU C 242 11.06 -14.56 -6.73
CA LEU C 242 11.82 -13.54 -6.03
C LEU C 242 11.23 -12.16 -6.39
N GLU C 243 11.10 -11.28 -5.40
CA GLU C 243 10.60 -9.94 -5.67
C GLU C 243 11.72 -8.90 -5.75
N SER C 244 11.90 -8.29 -6.91
CA SER C 244 12.84 -7.18 -7.03
C SER C 244 12.11 -5.89 -6.77
N CYS C 245 12.78 -4.75 -6.95
CA CYS C 245 12.09 -3.48 -6.81
C CYS C 245 11.19 -3.21 -8.03
N ASN C 246 11.40 -3.94 -9.11
CA ASN C 246 10.63 -3.73 -10.34
C ASN C 246 9.53 -4.76 -10.58
N GLY C 247 9.42 -5.78 -9.72
CA GLY C 247 8.43 -6.82 -9.96
C GLY C 247 8.85 -8.22 -9.54
N PHE C 248 8.27 -9.22 -10.21
CA PHE C 248 8.53 -10.61 -9.84
C PHE C 248 9.50 -11.30 -10.80
N VAL C 249 10.30 -12.22 -10.30
CA VAL C 249 11.12 -13.10 -11.15
C VAL C 249 10.71 -14.57 -10.90
N TYR C 250 10.13 -15.21 -11.91
CA TYR C 250 9.71 -16.62 -11.82
C TYR C 250 10.79 -17.57 -12.32
N SER C 251 11.37 -18.37 -11.43
CA SER C 251 12.28 -19.43 -11.83
C SER C 251 11.61 -20.75 -11.49
N PHE C 252 12.23 -21.87 -11.83
CA PHE C 252 11.72 -23.13 -11.30
C PHE C 252 12.83 -24.13 -10.98
N SER C 253 12.48 -25.08 -10.11
CA SER C 253 13.42 -26.09 -9.63
C SER C 253 12.67 -27.41 -9.43
N ALA C 254 13.14 -28.25 -8.50
CA ALA C 254 12.47 -29.52 -8.23
C ALA C 254 12.69 -30.01 -6.80
N CYS C 255 11.71 -30.73 -6.29
CA CYS C 255 11.82 -31.39 -5.01
C CYS C 255 11.46 -32.86 -5.17
N ILE C 256 11.74 -33.64 -4.12
CA ILE C 256 11.30 -35.03 -4.05
C ILE C 256 10.43 -35.25 -2.83
N LEU C 257 9.22 -35.76 -3.04
CA LEU C 257 8.26 -35.95 -1.96
C LEU C 257 8.06 -37.41 -1.59
N ASP C 258 7.70 -37.67 -0.34
CA ASP C 258 7.45 -39.03 0.13
C ASP C 258 6.38 -39.73 -0.73
N LYS C 259 6.67 -40.97 -1.12
CA LYS C 259 5.77 -41.75 -1.98
C LYS C 259 4.37 -41.90 -1.41
N ASP C 260 4.31 -42.20 -0.11
CA ASP C 260 3.05 -42.48 0.57
C ASP C 260 2.28 -41.23 1.03
N GLU C 261 3.03 -40.28 1.58
CA GLU C 261 2.50 -39.03 2.11
C GLU C 261 3.20 -37.85 1.46
N PRO C 262 2.75 -37.45 0.27
CA PRO C 262 3.47 -36.50 -0.58
C PRO C 262 3.56 -35.07 -0.02
N TRP C 263 2.94 -34.77 1.11
CA TRP C 263 3.12 -33.48 1.74
C TRP C 263 4.43 -33.44 2.53
N LYS C 264 5.05 -34.60 2.70
CA LYS C 264 6.31 -34.68 3.44
C LYS C 264 7.48 -34.63 2.47
N VAL C 265 8.34 -33.65 2.66
CA VAL C 265 9.43 -33.37 1.72
C VAL C 265 10.67 -34.20 2.04
N LYS C 266 11.15 -34.99 1.08
CA LYS C 266 12.34 -35.77 1.33
C LYS C 266 13.58 -34.97 0.94
N TYR C 267 13.55 -34.41 -0.27
CA TYR C 267 14.60 -33.51 -0.74
C TYR C 267 13.97 -32.32 -1.46
N ARG C 268 14.69 -31.19 -1.45
CA ARG C 268 14.26 -29.97 -2.08
C ARG C 268 15.48 -29.18 -2.50
N CYS C 269 15.59 -28.89 -3.79
CA CYS C 269 16.81 -28.28 -4.33
C CYS C 269 16.94 -26.82 -3.90
N ALA C 270 18.11 -26.47 -3.39
CA ALA C 270 18.39 -25.13 -2.89
C ALA C 270 18.49 -24.09 -4.01
N GLU C 271 18.97 -24.52 -5.17
CA GLU C 271 19.10 -23.62 -6.31
C GLU C 271 17.93 -23.80 -7.26
N TYR C 272 17.64 -22.76 -8.05
CA TYR C 272 16.76 -22.98 -9.20
C TYR C 272 17.47 -23.89 -10.20
N LEU C 273 16.70 -24.58 -11.04
CA LEU C 273 17.26 -25.37 -12.13
C LEU C 273 17.16 -24.61 -13.46
N LEU C 274 16.25 -23.64 -13.51
CA LEU C 274 16.14 -22.77 -14.68
C LEU C 274 15.53 -21.42 -14.26
N SER C 275 15.94 -20.35 -14.94
CA SER C 275 15.44 -19.04 -14.57
C SER C 275 15.41 -18.12 -15.80
N PRO C 276 14.82 -16.92 -15.67
CA PRO C 276 14.72 -16.16 -16.92
C PRO C 276 16.05 -15.52 -17.29
N GLN C 277 16.59 -15.91 -18.44
CA GLN C 277 17.87 -15.40 -18.92
C GLN C 277 17.90 -15.08 -20.41
N LYS C 278 17.10 -15.77 -21.22
CA LYS C 278 17.11 -15.52 -22.66
C LYS C 278 16.16 -14.38 -22.99
N ILE C 279 16.30 -13.83 -24.19
CA ILE C 279 15.54 -12.65 -24.57
C ILE C 279 14.04 -12.94 -24.54
N TYR C 280 13.65 -14.16 -24.91
CA TYR C 280 12.23 -14.54 -24.98
C TYR C 280 11.66 -14.88 -23.60
N GLU C 281 12.55 -14.99 -22.62
CA GLU C 281 12.16 -15.20 -21.22
C GLU C 281 12.15 -13.86 -20.45
N CYS C 282 12.93 -12.91 -20.92
CA CYS C 282 13.07 -11.66 -20.17
C CYS C 282 12.21 -10.52 -20.73
N VAL C 283 11.90 -10.57 -22.02
CA VAL C 283 11.07 -9.54 -22.62
C VAL C 283 9.74 -10.12 -23.11
N GLY C 284 8.67 -9.38 -22.85
CA GLY C 284 7.34 -9.80 -23.24
C GLY C 284 6.27 -9.25 -22.30
N ASP C 285 5.07 -9.85 -22.38
CA ASP C 285 3.88 -9.33 -21.69
C ASP C 285 4.07 -9.22 -20.19
N VAL C 286 4.78 -10.18 -19.60
CA VAL C 286 5.20 -10.13 -18.20
C VAL C 286 6.65 -10.54 -18.19
N GLN C 287 7.56 -9.60 -17.90
CA GLN C 287 9.00 -9.86 -17.97
C GLN C 287 9.47 -10.85 -16.91
N ASN C 288 10.57 -11.54 -17.21
CA ASN C 288 11.22 -12.46 -16.28
C ASN C 288 10.28 -13.52 -15.72
N VAL C 289 9.69 -14.29 -16.63
CA VAL C 289 8.84 -15.40 -16.25
C VAL C 289 9.29 -16.70 -16.94
N THR C 290 9.49 -17.71 -16.12
CA THR C 290 9.94 -19.02 -16.56
C THR C 290 9.03 -20.03 -15.80
N PHE C 291 8.04 -20.61 -16.48
CA PHE C 291 6.89 -21.22 -15.80
C PHE C 291 6.46 -22.58 -16.39
N PRO C 292 6.90 -23.69 -15.77
CA PRO C 292 6.65 -25.02 -16.35
C PRO C 292 5.29 -25.59 -15.99
N CYS C 293 4.50 -25.97 -16.99
CA CYS C 293 3.21 -26.60 -16.72
C CYS C 293 3.09 -28.06 -17.21
N ALA C 294 4.12 -28.56 -17.91
CA ALA C 294 4.13 -29.97 -18.31
C ALA C 294 5.53 -30.51 -18.60
N THR C 295 5.70 -31.80 -18.32
CA THR C 295 6.84 -32.56 -18.80
C THR C 295 6.40 -33.89 -19.43
N LEU C 296 7.16 -34.33 -20.44
CA LEU C 296 7.08 -35.69 -20.95
C LEU C 296 8.28 -36.45 -20.39
N VAL C 297 8.05 -37.68 -19.98
CA VAL C 297 9.10 -38.52 -19.42
C VAL C 297 9.17 -39.83 -20.17
N ASP C 298 10.34 -40.17 -20.72
CA ASP C 298 10.53 -41.48 -21.31
C ASP C 298 11.10 -42.42 -20.26
N ALA C 299 10.27 -43.33 -19.76
CA ALA C 299 10.65 -44.21 -18.66
C ALA C 299 11.82 -45.13 -19.01
N ASP C 300 12.01 -45.39 -20.30
CA ASP C 300 13.04 -46.33 -20.73
C ASP C 300 14.45 -45.78 -20.57
N THR C 301 14.58 -44.46 -20.53
CA THR C 301 15.89 -43.82 -20.54
C THR C 301 16.04 -42.73 -19.48
N GLY C 302 14.92 -42.24 -18.98
CA GLY C 302 14.92 -41.16 -18.00
C GLY C 302 14.94 -39.79 -18.64
N ARG C 303 14.70 -39.74 -19.95
CA ARG C 303 14.68 -38.46 -20.65
C ARG C 303 13.43 -37.65 -20.25
N ILE C 304 13.63 -36.36 -20.00
CA ILE C 304 12.54 -35.44 -19.68
C ILE C 304 12.53 -34.25 -20.61
N ALA C 305 11.38 -33.96 -21.19
CA ALA C 305 11.17 -32.79 -22.04
C ALA C 305 10.22 -31.83 -21.33
N ILE C 306 10.72 -30.65 -21.00
CA ILE C 306 9.98 -29.71 -20.17
C ILE C 306 9.35 -28.61 -21.01
N TYR C 307 8.02 -28.51 -20.98
CA TYR C 307 7.33 -27.36 -21.58
C TYR C 307 7.19 -26.25 -20.53
N TYR C 308 7.50 -25.01 -20.93
CA TYR C 308 7.38 -23.88 -19.99
C TYR C 308 7.07 -22.55 -20.67
N GLY C 309 6.12 -21.82 -20.09
CA GLY C 309 5.79 -20.50 -20.56
C GLY C 309 6.93 -19.53 -20.35
N CYS C 310 7.13 -18.65 -21.32
CA CYS C 310 8.21 -17.67 -21.28
C CYS C 310 7.63 -16.28 -21.35
N ALA C 311 7.94 -15.46 -20.33
CA ALA C 311 7.49 -14.08 -20.28
C ALA C 311 5.97 -13.90 -20.49
N ASP C 312 5.20 -14.89 -20.07
CA ASP C 312 3.75 -14.93 -20.31
C ASP C 312 3.41 -14.63 -21.78
N THR C 313 4.30 -15.01 -22.68
CA THR C 313 4.21 -14.63 -24.08
C THR C 313 4.17 -15.83 -25.03
N CYS C 314 5.00 -16.84 -24.76
CA CYS C 314 5.22 -17.97 -25.67
C CYS C 314 5.53 -19.28 -24.94
N VAL C 315 5.50 -20.41 -25.65
CA VAL C 315 5.88 -21.70 -25.05
C VAL C 315 7.26 -22.13 -25.53
N SER C 316 8.07 -22.64 -24.62
CA SER C 316 9.43 -23.09 -24.91
C SER C 316 9.68 -24.48 -24.34
N MET C 317 10.78 -25.08 -24.76
CA MET C 317 11.13 -26.42 -24.32
C MET C 317 12.52 -26.42 -23.71
N ALA C 318 12.72 -27.31 -22.74
CA ALA C 318 14.04 -27.57 -22.16
C ALA C 318 14.19 -29.07 -21.92
N PHE C 319 15.41 -29.52 -21.68
CA PHE C 319 15.69 -30.95 -21.52
C PHE C 319 16.58 -31.24 -20.32
N THR C 320 16.34 -32.40 -19.71
CA THR C 320 17.15 -32.91 -18.62
C THR C 320 16.85 -34.41 -18.47
N THR C 321 17.50 -35.08 -17.53
CA THR C 321 17.18 -36.47 -17.24
C THR C 321 16.72 -36.61 -15.80
N VAL C 322 15.99 -37.68 -15.51
CA VAL C 322 15.57 -37.98 -14.14
C VAL C 322 16.78 -38.15 -13.21
N ASP C 323 17.80 -38.88 -13.66
CA ASP C 323 18.98 -39.12 -12.81
C ASP C 323 19.72 -37.83 -12.50
N ASP C 324 19.84 -36.95 -13.49
CA ASP C 324 20.54 -35.69 -13.29
C ASP C 324 19.82 -34.82 -12.29
N VAL C 325 18.50 -34.68 -12.46
CA VAL C 325 17.70 -33.86 -11.56
C VAL C 325 17.72 -34.45 -10.16
N VAL C 326 17.46 -35.75 -10.05
CA VAL C 326 17.49 -36.43 -8.77
C VAL C 326 18.86 -36.29 -8.07
N ASP C 327 19.95 -36.54 -8.80
CA ASP C 327 21.27 -36.47 -8.18
C ASP C 327 21.52 -35.07 -7.64
N TYR C 328 21.13 -34.08 -8.45
CA TYR C 328 21.42 -32.68 -8.13
C TYR C 328 20.53 -32.16 -7.01
N VAL C 329 19.24 -32.51 -7.04
CA VAL C 329 18.34 -32.12 -5.96
C VAL C 329 18.84 -32.68 -4.64
N LYS C 330 19.15 -33.98 -4.60
CA LYS C 330 19.63 -34.63 -3.38
C LYS C 330 20.96 -34.07 -2.87
N SER C 331 21.86 -33.70 -3.78
CA SER C 331 23.19 -33.21 -3.41
C SER C 331 23.25 -31.70 -3.19
N HIS C 332 22.16 -31.02 -3.51
CA HIS C 332 22.03 -29.58 -3.29
C HIS C 332 20.77 -29.26 -2.49
N SER C 333 20.49 -30.07 -1.47
CA SER C 333 19.18 -30.04 -0.81
C SER C 333 19.11 -29.02 0.33
N SER C 334 17.93 -28.45 0.52
CA SER C 334 17.65 -27.45 1.54
C SER C 334 17.37 -28.06 2.91
N VAL C 335 16.09 -28.39 3.15
CA VAL C 335 15.63 -28.93 4.43
C VAL C 335 14.58 -30.03 4.19
N MET D 1 13.20 -7.76 50.82
CA MET D 1 12.94 -8.11 49.43
C MET D 1 13.80 -9.27 48.96
N LYS D 2 13.33 -9.99 47.94
CA LYS D 2 14.04 -11.14 47.41
C LYS D 2 15.09 -10.70 46.39
N THR D 3 14.76 -9.70 45.60
CA THR D 3 15.70 -9.12 44.64
C THR D 3 16.10 -7.74 45.11
N GLN D 4 17.40 -7.45 45.04
CA GLN D 4 17.90 -6.17 45.53
C GLN D 4 18.10 -5.20 44.39
N ILE D 5 17.92 -3.92 44.71
CA ILE D 5 18.22 -2.84 43.78
C ILE D 5 19.67 -2.43 43.93
N ILE D 6 20.42 -2.54 42.83
CA ILE D 6 21.83 -2.17 42.77
C ILE D 6 22.02 -0.72 42.28
N ASN D 7 22.91 0.01 42.95
CA ASN D 7 23.23 1.39 42.57
C ASN D 7 22.00 2.29 42.48
N GLY D 8 21.07 2.09 43.40
CA GLY D 8 19.83 2.85 43.40
C GLY D 8 19.86 4.01 44.36
N VAL D 9 18.68 4.52 44.69
CA VAL D 9 18.57 5.66 45.59
C VAL D 9 17.47 5.43 46.61
N SER D 10 17.63 6.04 47.78
CA SER D 10 16.63 5.94 48.83
C SER D 10 15.53 6.93 48.56
N LEU D 11 14.31 6.44 48.37
CA LEU D 11 13.20 7.30 47.98
C LEU D 11 11.96 7.11 48.82
N PRO D 12 12.05 7.40 50.12
CA PRO D 12 10.88 7.15 50.97
C PRO D 12 9.70 8.07 50.62
N ASN D 13 10.00 9.14 49.87
CA ASN D 13 8.95 10.07 49.46
C ASN D 13 8.36 9.75 48.08
N ILE D 14 8.63 8.54 47.59
CA ILE D 14 8.14 8.13 46.28
C ILE D 14 6.62 8.17 46.24
N PRO D 15 6.05 8.74 45.16
CA PRO D 15 4.59 8.66 45.03
C PRO D 15 4.17 7.19 45.12
N TRP D 16 3.10 6.91 45.86
CA TRP D 16 2.75 5.53 46.14
C TRP D 16 1.32 5.35 46.59
N GLN D 17 0.70 4.27 46.12
CA GLN D 17 -0.59 3.85 46.62
C GLN D 17 -0.51 2.34 46.73
N ASP D 18 -1.18 1.75 47.72
CA ASP D 18 -1.09 0.31 47.90
C ASP D 18 -1.96 -0.41 46.89
N LYS D 19 -1.53 -1.61 46.54
CA LYS D 19 -2.33 -2.47 45.68
C LYS D 19 -3.68 -2.75 46.30
N PRO D 20 -4.76 -2.45 45.57
CA PRO D 20 -6.12 -2.78 46.02
C PRO D 20 -6.26 -4.28 46.25
N ALA D 21 -7.15 -4.66 47.17
CA ALA D 21 -7.36 -6.06 47.50
C ALA D 21 -8.01 -6.83 46.36
N ASP D 22 -8.74 -6.12 45.51
CA ASP D 22 -9.41 -6.75 44.37
C ASP D 22 -8.51 -6.79 43.14
N CYS D 23 -7.35 -6.12 43.20
CA CYS D 23 -6.44 -6.13 42.06
C CYS D 23 -5.75 -7.49 41.92
N LYS D 24 -5.92 -8.07 40.76
CA LYS D 24 -5.33 -9.36 40.42
C LYS D 24 -4.22 -9.19 39.38
N ASP D 25 -3.62 -8.00 39.34
CA ASP D 25 -2.60 -7.70 38.35
C ASP D 25 -1.24 -7.41 39.00
N VAL D 26 -0.17 -7.58 38.21
CA VAL D 26 1.17 -7.27 38.67
C VAL D 26 1.31 -5.77 38.90
N ILE D 27 0.65 -5.00 38.03
CA ILE D 27 0.71 -3.55 38.09
C ILE D 27 -0.68 -2.96 38.28
N TRP D 28 -0.81 -2.04 39.24
CA TRP D 28 -2.09 -1.38 39.44
C TRP D 28 -1.96 0.11 39.14
N ARG D 29 -3.08 0.72 38.76
CA ARG D 29 -3.10 2.12 38.36
C ARG D 29 -3.40 3.04 39.53
N TYR D 30 -2.70 4.16 39.56
CA TYR D 30 -3.10 5.29 40.37
C TYR D 30 -4.59 5.55 40.18
N ASP D 31 -5.30 5.91 41.25
CA ASP D 31 -6.75 5.96 41.19
C ASP D 31 -7.34 7.32 40.83
N ALA D 32 -6.47 8.27 40.44
CA ALA D 32 -6.95 9.59 40.03
C ALA D 32 -6.26 10.05 38.75
N ASN D 33 -6.01 9.09 37.88
CA ASN D 33 -5.44 9.37 36.57
C ASN D 33 -6.38 10.22 35.73
N PRO D 34 -5.81 11.04 34.82
CA PRO D 34 -4.38 11.24 34.67
C PRO D 34 -3.80 12.18 35.72
N ILE D 35 -2.47 12.22 35.86
CA ILE D 35 -1.83 13.13 36.80
C ILE D 35 -1.39 14.40 36.10
N ILE D 36 -1.21 14.35 34.78
CA ILE D 36 -1.00 15.55 33.99
C ILE D 36 -1.98 15.52 32.82
N PRO D 37 -3.02 16.38 32.86
CA PRO D 37 -4.05 16.47 31.80
C PRO D 37 -3.49 17.15 30.55
N ARG D 38 -4.17 16.98 29.42
CA ARG D 38 -3.67 17.50 28.13
C ARG D 38 -3.53 19.02 28.15
N ASP D 39 -4.35 19.70 28.94
CA ASP D 39 -4.43 21.14 28.86
C ASP D 39 -3.85 21.83 30.09
N GLN D 40 -2.83 21.22 30.70
CA GLN D 40 -2.22 21.81 31.88
C GLN D 40 -1.55 23.14 31.55
N LEU D 41 -1.02 23.26 30.32
CA LEU D 41 -0.44 24.51 29.84
C LEU D 41 -1.43 25.23 28.95
N PRO D 42 -1.35 26.57 28.90
CA PRO D 42 -2.23 27.34 28.02
C PRO D 42 -2.00 27.02 26.55
N THR D 43 -0.78 26.60 26.20
CA THR D 43 -0.43 26.31 24.80
C THR D 43 -0.44 24.81 24.45
N SER D 44 -0.72 23.96 25.43
CA SER D 44 -0.56 22.52 25.24
C SER D 44 -1.79 21.86 24.62
N ASN D 45 -1.59 21.15 23.53
CA ASN D 45 -2.64 20.29 22.98
C ASN D 45 -2.66 18.97 23.73
N SER D 46 -1.48 18.55 24.17
CA SER D 46 -1.31 17.26 24.79
C SER D 46 0.05 17.16 25.49
N ILE D 47 0.08 16.43 26.60
CA ILE D 47 1.31 16.20 27.36
C ILE D 47 1.41 14.72 27.72
N PHE D 48 2.42 14.03 27.20
CA PHE D 48 2.51 12.60 27.43
C PHE D 48 3.95 12.08 27.34
N ASN D 49 4.10 10.77 27.31
CA ASN D 49 5.42 10.13 27.16
C ASN D 49 6.62 10.87 27.81
N SER D 50 6.62 11.00 29.15
CA SER D 50 7.53 11.95 29.83
C SER D 50 8.49 11.44 30.92
N ALA D 51 9.66 12.09 31.00
CA ALA D 51 10.82 11.63 31.76
C ALA D 51 10.93 12.28 33.14
N VAL D 52 11.11 11.45 34.18
CA VAL D 52 11.16 11.95 35.55
C VAL D 52 12.31 11.32 36.31
N VAL D 53 12.99 12.12 37.13
CA VAL D 53 14.02 11.63 38.05
C VAL D 53 13.87 12.32 39.40
N PRO D 54 14.45 11.73 40.46
CA PRO D 54 14.57 12.48 41.71
C PRO D 54 15.57 13.63 41.56
N TYR D 55 15.19 14.84 41.96
CA TYR D 55 16.09 15.98 41.92
C TYR D 55 15.67 17.10 42.87
N GLU D 56 16.57 17.46 43.78
CA GLU D 56 16.25 18.47 44.79
C GLU D 56 16.41 19.88 44.24
N SER D 57 15.35 20.68 44.33
CA SER D 57 15.42 22.06 43.90
C SER D 57 14.54 22.95 44.80
N GLU D 58 14.35 24.21 44.41
CA GLU D 58 13.46 25.09 45.14
C GLU D 58 12.01 24.76 44.84
N LYS D 59 11.77 24.14 43.68
CA LYS D 59 10.40 23.86 43.25
C LYS D 59 9.92 22.47 43.65
N GLY D 60 10.83 21.59 44.07
CA GLY D 60 10.42 20.29 44.56
C GLY D 60 11.49 19.25 44.81
N LYS D 61 11.09 17.98 44.74
CA LYS D 61 11.97 16.83 44.99
C LYS D 61 12.21 16.01 43.73
N PHE D 62 11.46 16.31 42.67
CA PHE D 62 11.59 15.60 41.40
C PHE D 62 11.62 16.61 40.26
N ALA D 63 12.42 16.32 39.24
CA ALA D 63 12.41 17.12 38.03
C ALA D 63 12.07 16.25 36.82
N GLY D 64 11.75 16.90 35.71
CA GLY D 64 11.50 16.16 34.50
C GLY D 64 11.69 16.91 33.21
N VAL D 65 11.75 16.13 32.14
CA VAL D 65 11.64 16.65 30.78
C VAL D 65 10.37 16.06 30.17
N PHE D 66 9.47 16.92 29.72
CA PHE D 66 8.16 16.50 29.26
C PHE D 66 7.93 16.78 27.78
N ARG D 67 7.39 15.77 27.10
CA ARG D 67 6.92 15.98 25.74
C ARG D 67 5.65 16.80 25.77
N VAL D 68 5.66 17.94 25.10
CA VAL D 68 4.48 18.76 24.99
C VAL D 68 4.20 19.02 23.53
N ASP D 69 2.99 18.69 23.09
CA ASP D 69 2.58 19.06 21.75
C ASP D 69 1.67 20.27 21.86
N ASP D 70 2.05 21.34 21.16
CA ASP D 70 1.31 22.61 21.24
C ASP D 70 0.14 22.59 20.26
N LYS D 71 -0.57 23.72 20.15
CA LYS D 71 -1.79 23.73 19.36
C LYS D 71 -1.51 23.93 17.87
N CYS D 72 -0.24 23.90 17.47
CA CYS D 72 0.11 23.71 16.06
C CYS D 72 0.39 22.22 15.79
N ARG D 73 0.39 21.44 16.87
CA ARG D 73 0.80 20.02 16.90
C ARG D 73 2.31 19.87 16.67
N ASN D 74 3.06 20.92 16.96
CA ASN D 74 4.51 20.78 17.06
C ASN D 74 4.91 19.96 18.27
N MET D 75 6.04 19.27 18.17
CA MET D 75 6.56 18.44 19.27
C MET D 75 7.77 19.08 19.93
N GLU D 76 7.63 19.41 21.22
CA GLU D 76 8.69 20.09 21.97
C GLU D 76 8.95 19.42 23.32
N LEU D 77 10.03 19.84 23.97
CA LEU D 77 10.35 19.42 25.31
C LEU D 77 10.23 20.58 26.30
N HIS D 78 9.56 20.34 27.44
CA HIS D 78 9.52 21.32 28.52
C HIS D 78 10.02 20.68 29.82
N ALA D 79 10.90 21.38 30.53
CA ALA D 79 11.34 20.92 31.83
C ALA D 79 10.26 21.21 32.86
N GLY D 80 10.18 20.38 33.89
CA GLY D 80 9.16 20.52 34.91
C GLY D 80 9.65 20.15 36.29
N PHE D 81 8.88 20.52 37.30
CA PHE D 81 9.28 20.28 38.68
C PHE D 81 8.09 19.88 39.55
N SER D 82 8.38 19.07 40.56
CA SER D 82 7.32 18.59 41.45
C SER D 82 7.82 18.32 42.86
N LYS D 83 6.95 18.57 43.84
CA LYS D 83 7.24 18.29 45.24
C LYS D 83 6.97 16.83 45.64
N ASP D 84 5.93 16.23 45.05
CA ASP D 84 5.49 14.87 45.42
C ASP D 84 5.56 13.87 44.27
N GLY D 85 5.81 14.39 43.06
CA GLY D 85 5.92 13.57 41.88
C GLY D 85 4.59 13.30 41.19
N ILE D 86 3.54 13.96 41.67
CA ILE D 86 2.19 13.74 41.14
C ILE D 86 1.56 15.04 40.61
N HIS D 87 1.71 16.13 41.37
CA HIS D 87 1.31 17.44 40.90
C HIS D 87 2.54 18.13 40.34
N TRP D 88 2.47 18.56 39.09
CA TRP D 88 3.67 19.01 38.40
C TRP D 88 3.60 20.47 37.95
N ASP D 89 4.69 21.17 38.18
CA ASP D 89 4.84 22.54 37.70
C ASP D 89 5.73 22.49 36.48
N ILE D 90 5.12 22.54 35.30
CA ILE D 90 5.86 22.44 34.04
C ILE D 90 6.07 23.82 33.43
N ASN D 91 7.30 24.08 32.97
CA ASN D 91 7.62 25.37 32.32
C ASN D 91 6.68 25.65 31.17
N PRO D 92 6.18 26.89 31.07
CA PRO D 92 5.25 27.28 30.00
C PRO D 92 5.90 27.16 28.63
N ASP D 93 7.22 27.21 28.59
CA ASP D 93 7.96 27.35 27.34
C ASP D 93 8.95 26.21 27.16
N ARG D 94 9.34 25.98 25.91
CA ARG D 94 10.17 24.85 25.57
C ARG D 94 11.60 24.99 26.06
N ILE D 95 12.29 23.87 26.17
CA ILE D 95 13.73 23.91 26.39
C ILE D 95 14.38 24.46 25.13
N VAL D 96 15.15 25.53 25.27
CA VAL D 96 15.99 26.01 24.19
C VAL D 96 17.41 25.56 24.47
N PHE D 97 17.93 24.63 23.66
CA PHE D 97 19.20 24.02 23.98
C PHE D 97 20.38 24.93 23.72
N GLU D 98 21.44 24.72 24.50
CA GLU D 98 22.75 25.29 24.23
C GLU D 98 23.65 24.17 23.76
N GLN D 99 24.61 24.49 22.93
CA GLN D 99 25.55 23.46 22.48
C GLN D 99 26.69 23.32 23.48
N ALA D 100 27.12 22.09 23.72
CA ALA D 100 28.17 21.82 24.69
C ALA D 100 29.55 22.18 24.14
N GLU D 101 29.80 21.83 22.89
CA GLU D 101 30.97 22.29 22.17
C GLU D 101 30.52 23.16 21.00
N LYS D 102 31.39 24.02 20.50
CA LYS D 102 31.06 24.88 19.38
C LYS D 102 30.92 24.07 18.11
N SER D 103 31.50 22.88 18.11
CA SER D 103 31.57 22.04 16.91
C SER D 103 30.19 21.60 16.39
N THR D 104 29.17 21.66 17.24
CA THR D 104 27.82 21.24 16.85
C THR D 104 26.89 22.43 16.65
N GLU D 105 27.45 23.64 16.69
CA GLU D 105 26.67 24.86 16.52
C GLU D 105 25.93 24.88 15.20
N GLU D 106 26.59 24.38 14.17
CA GLU D 106 26.01 24.36 12.84
C GLU D 106 24.89 23.32 12.68
N VAL D 107 25.16 22.07 13.03
CA VAL D 107 24.21 21.01 12.69
C VAL D 107 23.00 20.88 13.59
N ASN D 108 23.12 21.30 14.83
CA ASN D 108 22.01 21.12 15.75
C ASN D 108 21.02 22.28 15.71
N GLN D 109 20.34 22.40 14.59
CA GLN D 109 19.20 23.28 14.49
C GLN D 109 17.98 22.59 15.09
N TRP D 110 17.18 23.34 15.82
CA TRP D 110 15.97 22.80 16.40
C TRP D 110 14.85 22.61 15.37
N GLY D 111 14.31 21.40 15.30
CA GLY D 111 13.13 21.15 14.49
C GLY D 111 11.98 20.64 15.33
N TYR D 112 12.18 19.49 15.96
CA TYR D 112 11.22 18.95 16.92
C TYR D 112 11.92 17.96 17.84
N GLY D 113 11.26 17.62 18.94
CA GLY D 113 11.76 16.62 19.86
C GLY D 113 10.63 15.98 20.64
N TYR D 114 10.68 14.67 20.78
CA TYR D 114 9.66 14.02 21.57
C TYR D 114 10.22 12.78 22.24
N ASP D 115 9.39 12.22 23.12
CA ASP D 115 9.69 11.02 23.93
C ASP D 115 11.05 11.04 24.63
N PRO D 116 11.25 12.00 25.55
CA PRO D 116 12.52 12.07 26.26
C PRO D 116 12.68 10.98 27.31
N ARG D 117 13.92 10.56 27.50
CA ARG D 117 14.29 9.73 28.64
C ARG D 117 15.45 10.42 29.36
N VAL D 118 15.46 10.34 30.69
CA VAL D 118 16.46 11.03 31.52
C VAL D 118 17.00 10.13 32.63
N CYS D 119 18.32 10.11 32.80
CA CYS D 119 18.93 9.42 33.94
C CYS D 119 20.25 10.07 34.34
N PHE D 120 20.58 9.93 35.62
CA PHE D 120 21.81 10.47 36.19
C PHE D 120 23.01 9.57 35.89
N ILE D 121 24.07 10.15 35.34
CA ILE D 121 25.28 9.34 35.18
C ILE D 121 26.49 10.09 35.75
N GLU D 122 27.11 9.43 36.73
CA GLU D 122 28.20 9.94 37.60
C GLU D 122 28.13 11.40 38.07
N ASP D 123 28.05 12.37 37.17
CA ASP D 123 28.11 13.78 37.58
C ASP D 123 27.07 14.70 36.97
N ARG D 124 26.13 14.14 36.20
CA ARG D 124 25.12 14.98 35.57
C ARG D 124 23.93 14.16 35.11
N PHE D 125 22.86 14.86 34.71
CA PHE D 125 21.68 14.22 34.15
C PHE D 125 21.77 14.20 32.63
N TRP D 126 21.67 13.01 32.04
CA TRP D 126 21.64 12.91 30.59
C TRP D 126 20.19 12.85 30.08
N VAL D 127 19.95 13.55 28.97
CA VAL D 127 18.66 13.50 28.27
C VAL D 127 18.86 12.90 26.87
N THR D 128 18.08 11.85 26.55
CA THR D 128 17.98 11.42 25.15
C THR D 128 16.55 11.66 24.70
N TRP D 129 16.38 12.01 23.43
CA TRP D 129 15.03 12.13 22.89
C TRP D 129 15.03 11.84 21.39
N CYS D 130 13.84 11.78 20.81
CA CYS D 130 13.75 11.63 19.37
C CYS D 130 13.83 13.03 18.77
N ASN D 131 15.00 13.32 18.21
CA ASN D 131 15.33 14.65 17.72
C ASN D 131 15.31 14.72 16.20
N ALA D 132 14.74 15.78 15.66
CA ALA D 132 14.76 15.99 14.21
C ALA D 132 16.15 16.43 13.75
N TYR D 133 16.69 15.72 12.77
CA TYR D 133 17.85 16.21 12.03
C TYR D 133 17.46 16.32 10.56
N GLY D 134 17.20 17.53 10.10
CA GLY D 134 16.65 17.72 8.76
C GLY D 134 15.30 17.05 8.61
N TRP D 135 14.51 17.15 9.67
CA TRP D 135 13.18 16.57 9.79
C TRP D 135 13.13 15.06 9.58
N LYS D 136 14.24 14.40 9.92
CA LYS D 136 14.26 12.95 10.01
C LYS D 136 14.51 12.63 11.46
N PRO D 137 13.80 11.63 11.99
CA PRO D 137 13.98 11.30 13.41
C PRO D 137 15.31 10.63 13.69
N THR D 138 16.01 11.10 14.71
CA THR D 138 17.14 10.34 15.23
C THR D 138 17.17 10.50 16.73
N ILE D 139 18.28 10.16 17.36
CA ILE D 139 18.36 10.25 18.82
C ILE D 139 19.21 11.46 19.25
N GLY D 140 18.54 12.48 19.79
CA GLY D 140 19.23 13.64 20.31
C GLY D 140 19.84 13.32 21.67
N VAL D 141 20.96 13.96 21.98
CA VAL D 141 21.69 13.71 23.23
C VAL D 141 22.04 15.03 23.90
N ALA D 142 21.74 15.13 25.19
CA ALA D 142 22.14 16.31 25.94
C ALA D 142 22.49 15.97 27.40
N TYR D 143 22.93 16.97 28.15
CA TYR D 143 23.09 16.81 29.59
C TYR D 143 22.68 18.09 30.30
N THR D 144 22.35 17.95 31.57
CA THR D 144 22.01 19.08 32.42
C THR D 144 22.51 18.81 33.84
N PHE D 145 22.79 19.87 34.59
CA PHE D 145 23.17 19.75 36.00
C PHE D 145 22.00 20.16 36.89
N ASP D 146 21.15 21.04 36.38
CA ASP D 146 20.12 21.69 37.18
C ASP D 146 18.70 21.65 36.59
N PHE D 147 18.57 21.11 35.38
CA PHE D 147 17.30 21.13 34.63
C PHE D 147 16.84 22.55 34.33
N LYS D 148 17.79 23.50 34.29
CA LYS D 148 17.46 24.86 33.90
C LYS D 148 18.17 25.22 32.59
N THR D 149 19.43 24.82 32.47
CA THR D 149 20.15 24.93 31.21
C THR D 149 20.50 23.54 30.69
N PHE D 150 20.19 23.30 29.42
CA PHE D 150 20.43 22.00 28.81
C PHE D 150 21.48 22.11 27.71
N TYR D 151 22.47 21.21 27.73
CA TYR D 151 23.60 21.28 26.82
C TYR D 151 23.58 20.15 25.78
N GLN D 152 23.33 20.49 24.52
CA GLN D 152 23.12 19.48 23.48
C GLN D 152 24.45 18.96 22.91
N CYS D 153 24.55 17.65 22.78
CA CYS D 153 25.72 17.04 22.14
C CYS D 153 25.42 16.62 20.72
N GLU D 154 26.31 15.83 20.12
CA GLU D 154 26.07 15.22 18.82
C GLU D 154 24.93 14.20 18.87
N ASN D 155 24.08 14.23 17.83
CA ASN D 155 23.08 13.18 17.65
C ASN D 155 23.82 11.86 17.65
N ALA D 156 23.33 10.90 18.43
CA ALA D 156 24.05 9.66 18.61
C ALA D 156 24.17 8.85 17.32
N PHE D 157 23.08 8.77 16.56
CA PHE D 157 23.06 7.94 15.36
C PHE D 157 22.55 8.67 14.12
N LEU D 158 22.72 8.03 12.97
CA LEU D 158 22.00 8.41 11.76
C LEU D 158 20.51 8.16 11.94
N PRO D 159 19.68 8.97 11.26
CA PRO D 159 18.27 8.58 11.03
C PRO D 159 18.25 7.22 10.31
N PHE D 160 17.17 6.44 10.40
CA PHE D 160 15.96 6.79 11.13
C PHE D 160 15.92 5.97 12.42
N ASN D 161 15.75 6.64 13.54
CA ASN D 161 15.85 5.96 14.83
C ASN D 161 15.03 6.67 15.90
N ARG D 162 14.54 5.90 16.85
CA ARG D 162 13.61 6.37 17.87
C ARG D 162 13.79 5.51 19.15
N ASN D 163 13.22 5.96 20.28
CA ASN D 163 13.28 5.21 21.54
C ASN D 163 14.72 4.97 22.03
N GLY D 164 15.53 6.02 22.01
CA GLY D 164 16.90 5.94 22.49
C GLY D 164 16.89 6.07 24.01
N VAL D 165 17.45 5.08 24.68
CA VAL D 165 17.41 5.06 26.13
C VAL D 165 18.76 4.64 26.70
N LEU D 166 19.28 5.45 27.64
CA LEU D 166 20.59 5.18 28.22
C LEU D 166 20.50 4.25 29.43
N PHE D 167 21.45 3.33 29.52
CA PHE D 167 21.69 2.62 30.77
C PHE D 167 22.31 3.60 31.76
N PRO D 168 21.92 3.51 33.05
CA PRO D 168 22.32 4.53 34.05
C PRO D 168 23.77 4.45 34.54
N ARG D 169 24.64 3.74 33.83
CA ARG D 169 26.07 3.73 34.18
C ARG D 169 26.84 3.13 33.03
N LYS D 170 28.16 3.22 33.10
CA LYS D 170 29.03 2.57 32.11
C LYS D 170 29.03 1.07 32.30
N ILE D 171 29.22 0.33 31.20
CA ILE D 171 29.29 -1.12 31.27
C ILE D 171 30.46 -1.58 30.43
N ASN D 172 31.34 -2.38 31.04
CA ASN D 172 32.62 -2.76 30.44
C ASN D 172 33.37 -1.55 29.88
N GLY D 173 33.31 -0.44 30.61
CA GLY D 173 34.07 0.75 30.29
C GLY D 173 33.39 1.69 29.31
N LYS D 174 32.16 1.34 28.91
CA LYS D 174 31.49 2.03 27.82
C LYS D 174 30.08 2.46 28.18
N TYR D 175 29.64 3.59 27.65
CA TYR D 175 28.22 3.96 27.71
C TYR D 175 27.41 3.03 26.81
N VAL D 176 26.21 2.69 27.24
CA VAL D 176 25.35 1.78 26.51
C VAL D 176 24.00 2.43 26.29
N MET D 177 23.53 2.42 25.05
CA MET D 177 22.21 3.01 24.75
C MET D 177 21.31 2.07 23.91
N PHE D 178 20.10 1.83 24.41
CA PHE D 178 19.00 1.28 23.62
C PHE D 178 18.71 2.23 22.46
N SER D 179 18.36 1.68 21.30
CA SER D 179 17.65 2.45 20.28
C SER D 179 16.79 1.48 19.47
N ARG D 180 16.18 1.98 18.40
CA ARG D 180 15.19 1.20 17.69
C ARG D 180 15.11 1.73 16.27
N PRO D 181 15.90 1.12 15.37
CA PRO D 181 15.87 1.42 13.94
C PRO D 181 14.43 1.51 13.43
N SER D 182 14.10 2.63 12.84
CA SER D 182 12.73 2.90 12.42
C SER D 182 12.76 3.30 10.93
N ASP D 183 11.70 3.96 10.45
CA ASP D 183 11.72 4.51 9.08
C ASP D 183 11.23 5.95 9.10
N SER D 184 10.82 6.45 7.94
CA SER D 184 10.40 7.86 7.83
C SER D 184 8.92 8.13 8.14
N GLY D 185 8.15 7.09 8.50
CA GLY D 185 6.74 7.28 8.80
C GLY D 185 6.30 6.56 10.07
N HIS D 186 5.08 6.04 10.06
CA HIS D 186 4.59 5.22 11.16
C HIS D 186 5.17 3.81 11.04
N THR D 187 6.39 3.65 11.56
CA THR D 187 7.16 2.43 11.37
C THR D 187 6.34 1.19 11.68
N PRO D 188 6.22 0.28 10.69
CA PRO D 188 5.50 -1.00 10.82
C PRO D 188 6.42 -2.16 11.19
N PHE D 189 7.54 -1.86 11.83
CA PHE D 189 8.49 -2.87 12.29
C PHE D 189 9.28 -2.31 13.46
N GLY D 190 10.06 -3.15 14.13
CA GLY D 190 10.96 -2.62 15.12
C GLY D 190 11.57 -3.60 16.09
N ASP D 191 12.88 -3.77 16.01
CA ASP D 191 13.64 -4.51 17.02
C ASP D 191 14.43 -3.58 17.93
N MET D 192 14.63 -4.01 19.17
CA MET D 192 15.47 -3.25 20.10
C MET D 192 16.96 -3.56 19.91
N PHE D 193 17.79 -2.51 19.92
CA PHE D 193 19.25 -2.67 19.84
C PHE D 193 19.95 -1.97 21.01
N ILE D 194 21.20 -2.33 21.24
CA ILE D 194 22.08 -1.50 22.06
C ILE D 194 23.28 -1.13 21.20
N SER D 195 23.78 0.10 21.39
CA SER D 195 25.06 0.52 20.83
C SER D 195 25.98 0.98 21.97
N GLN D 196 27.29 0.99 21.73
CA GLN D 196 28.25 1.29 22.79
C GLN D 196 29.21 2.43 22.46
N SER D 197 29.45 3.31 23.43
CA SER D 197 30.36 4.44 23.26
C SER D 197 31.39 4.58 24.38
N PRO D 198 32.66 4.84 24.03
CA PRO D 198 33.61 5.20 25.08
C PRO D 198 33.42 6.64 25.55
N ASP D 199 32.84 7.50 24.72
CA ASP D 199 32.79 8.93 25.07
C ASP D 199 31.47 9.67 24.90
N MET D 200 30.38 8.97 24.57
CA MET D 200 29.09 9.62 24.29
C MET D 200 29.14 10.54 23.07
N LYS D 201 30.02 10.24 22.12
CA LYS D 201 30.05 10.99 20.89
C LYS D 201 30.05 10.02 19.73
N TYR D 202 30.91 9.02 19.84
CA TYR D 202 31.08 8.03 18.81
C TYR D 202 30.47 6.74 19.29
N TRP D 203 29.63 6.14 18.45
CA TRP D 203 28.92 4.92 18.82
C TRP D 203 29.29 3.77 17.92
N GLY D 204 29.31 2.57 18.49
CA GLY D 204 29.71 1.39 17.75
C GLY D 204 29.42 0.12 18.53
N GLU D 205 29.93 -1.00 18.02
CA GLU D 205 29.71 -2.32 18.61
C GLU D 205 28.22 -2.54 18.86
N HIS D 206 27.44 -2.33 17.78
CA HIS D 206 25.99 -2.48 17.78
C HIS D 206 25.56 -3.92 18.03
N ARG D 207 24.61 -4.10 18.93
CA ARG D 207 24.19 -5.45 19.29
C ARG D 207 22.67 -5.58 19.30
N HIS D 208 22.18 -6.63 18.66
CA HIS D 208 20.75 -6.93 18.68
C HIS D 208 20.31 -7.41 20.06
N VAL D 209 19.22 -6.84 20.57
CA VAL D 209 18.64 -7.27 21.84
C VAL D 209 17.55 -8.32 21.62
N MET D 210 16.46 -7.88 21.01
CA MET D 210 15.33 -8.76 20.71
C MET D 210 14.36 -8.07 19.75
N GLY D 211 13.42 -8.85 19.22
CA GLY D 211 12.41 -8.31 18.32
C GLY D 211 11.01 -8.71 18.76
N PRO D 212 10.00 -8.34 17.96
CA PRO D 212 8.60 -8.74 18.23
C PRO D 212 8.48 -10.25 18.44
N LEU D 213 7.66 -10.67 19.39
CA LEU D 213 7.57 -12.10 19.68
C LEU D 213 6.13 -12.54 19.92
N ARG D 214 5.58 -12.22 21.10
CA ARG D 214 4.21 -12.57 21.42
C ARG D 214 3.21 -11.67 20.67
N ALA D 215 1.93 -12.07 20.69
CA ALA D 215 0.91 -11.41 19.88
C ALA D 215 0.78 -9.93 20.24
N TRP D 216 0.75 -9.64 21.53
CA TRP D 216 0.55 -8.27 22.00
C TRP D 216 1.70 -7.34 21.59
N GLU D 217 2.78 -7.95 21.11
CA GLU D 217 4.00 -7.26 20.76
C GLU D 217 4.49 -7.71 19.39
N SER D 218 3.56 -8.16 18.55
CA SER D 218 3.87 -8.83 17.29
C SER D 218 4.33 -7.92 16.18
N LYS D 219 3.99 -6.64 16.26
CA LYS D 219 4.21 -5.75 15.15
C LYS D 219 5.53 -5.01 15.34
N LYS D 220 5.75 -4.45 16.53
CA LYS D 220 7.04 -3.83 16.84
C LYS D 220 7.22 -3.65 18.34
N ILE D 221 8.47 -3.51 18.75
CA ILE D 221 8.76 -3.21 20.15
C ILE D 221 9.76 -2.06 20.26
N GLY D 222 9.85 -1.47 21.46
CA GLY D 222 10.85 -0.46 21.75
C GLY D 222 11.10 -0.31 23.26
N ALA D 223 12.22 0.30 23.62
CA ALA D 223 12.56 0.44 25.04
C ALA D 223 11.72 1.54 25.64
N GLY D 224 11.42 1.42 26.93
CA GLY D 224 10.62 2.42 27.60
C GLY D 224 11.46 3.27 28.53
N PRO D 225 11.29 3.11 29.85
CA PRO D 225 12.09 3.86 30.83
C PRO D 225 13.55 3.39 30.95
N ILE D 226 14.32 4.17 31.69
CA ILE D 226 15.69 3.83 32.07
C ILE D 226 15.71 2.43 32.66
N PRO D 227 16.65 1.60 32.20
CA PRO D 227 16.80 0.27 32.81
C PRO D 227 17.14 0.37 34.32
N ILE D 228 16.49 -0.45 35.13
CA ILE D 228 16.74 -0.52 36.55
C ILE D 228 17.74 -1.64 36.86
N GLU D 229 18.84 -1.33 37.57
CA GLU D 229 19.87 -2.32 37.86
C GLU D 229 19.51 -3.18 39.06
N THR D 230 19.78 -4.48 38.96
CA THR D 230 19.21 -5.46 39.88
C THR D 230 20.10 -6.71 40.04
N SER D 231 19.92 -7.46 41.13
CA SER D 231 20.67 -8.71 41.37
C SER D 231 20.46 -9.76 40.27
N GLU D 232 19.31 -9.68 39.62
CA GLU D 232 18.97 -10.59 38.52
C GLU D 232 19.45 -10.09 37.18
N GLY D 233 19.77 -8.80 37.13
CA GLY D 233 20.21 -8.20 35.89
C GLY D 233 19.45 -6.91 35.64
N TRP D 234 19.44 -6.44 34.40
CA TRP D 234 18.78 -5.17 34.15
C TRP D 234 17.29 -5.38 33.96
N LEU D 235 16.49 -4.73 34.79
CA LEU D 235 15.05 -4.79 34.62
C LEU D 235 14.61 -3.69 33.67
N CYS D 236 14.09 -4.10 32.51
CA CYS D 236 13.74 -3.15 31.49
C CYS D 236 12.27 -3.28 31.10
N PHE D 237 11.50 -2.26 31.46
CA PHE D 237 10.14 -2.14 30.99
C PHE D 237 10.20 -1.71 29.52
N TYR D 238 9.38 -2.33 28.68
CA TYR D 238 9.38 -2.01 27.26
C TYR D 238 7.95 -1.98 26.71
N HIS D 239 7.74 -1.24 25.62
CA HIS D 239 6.45 -1.23 24.95
C HIS D 239 6.46 -2.17 23.75
N GLY D 240 5.28 -2.70 23.44
CA GLY D 240 5.12 -3.59 22.29
C GLY D 240 3.80 -3.27 21.60
N VAL D 241 3.76 -3.51 20.29
CA VAL D 241 2.59 -3.14 19.51
C VAL D 241 1.92 -4.35 18.85
N LEU D 242 0.59 -4.40 18.96
CA LEU D 242 -0.23 -5.30 18.17
C LEU D 242 -0.94 -4.48 17.06
N GLU D 243 -1.07 -5.03 15.86
CA GLU D 243 -1.85 -4.36 14.82
C GLU D 243 -3.24 -4.95 14.60
N SER D 244 -4.28 -4.18 14.93
CA SER D 244 -5.66 -4.55 14.61
C SER D 244 -6.05 -3.99 13.23
N CYS D 245 -7.29 -4.21 12.82
CA CYS D 245 -7.74 -3.70 11.53
C CYS D 245 -7.92 -2.18 11.56
N ASN D 246 -7.97 -1.62 12.76
CA ASN D 246 -8.18 -0.19 12.91
C ASN D 246 -6.93 0.57 13.33
N GLY D 247 -5.78 -0.10 13.35
CA GLY D 247 -4.56 0.56 13.79
C GLY D 247 -3.69 -0.19 14.81
N PHE D 248 -3.03 0.58 15.67
CA PHE D 248 -2.07 0.03 16.62
C PHE D 248 -2.61 0.05 18.06
N VAL D 249 -2.29 -1.00 18.82
CA VAL D 249 -2.54 -1.03 20.25
C VAL D 249 -1.16 -1.10 20.95
N TYR D 250 -0.83 -0.07 21.72
CA TYR D 250 0.43 -0.02 22.46
C TYR D 250 0.26 -0.51 23.91
N SER D 251 0.98 -1.56 24.27
CA SER D 251 0.94 -2.11 25.63
C SER D 251 2.36 -2.12 26.17
N PHE D 252 2.56 -2.40 27.47
CA PHE D 252 3.95 -2.60 27.91
C PHE D 252 4.18 -3.70 28.96
N SER D 253 5.39 -4.27 28.93
CA SER D 253 5.73 -5.38 29.81
C SER D 253 7.15 -5.18 30.33
N ALA D 254 7.78 -6.25 30.80
CA ALA D 254 9.15 -6.14 31.29
C ALA D 254 9.99 -7.34 30.86
N CYS D 255 11.29 -7.11 30.74
CA CYS D 255 12.25 -8.19 30.53
C CYS D 255 13.46 -8.02 31.48
N ILE D 256 14.32 -9.01 31.51
CA ILE D 256 15.52 -8.93 32.34
C ILE D 256 16.72 -9.19 31.45
N LEU D 257 17.63 -8.22 31.41
CA LEU D 257 18.80 -8.35 30.56
C LEU D 257 20.08 -8.68 31.36
N ASP D 258 20.95 -9.46 30.73
CA ASP D 258 22.21 -9.87 31.36
C ASP D 258 23.00 -8.64 31.83
N LYS D 259 23.53 -8.71 33.04
CA LYS D 259 24.12 -7.57 33.73
C LYS D 259 25.32 -6.96 32.98
N ASP D 260 26.13 -7.80 32.35
CA ASP D 260 27.39 -7.35 31.71
C ASP D 260 27.35 -7.32 30.18
N GLU D 261 26.45 -8.10 29.59
CA GLU D 261 26.20 -8.04 28.16
C GLU D 261 24.70 -7.89 27.96
N PRO D 262 24.21 -6.64 28.05
CA PRO D 262 22.76 -6.41 28.15
C PRO D 262 22.01 -6.62 26.84
N TRP D 263 22.66 -6.99 25.75
CA TRP D 263 21.92 -7.40 24.56
C TRP D 263 21.37 -8.82 24.68
N LYS D 264 21.78 -9.55 25.72
CA LYS D 264 21.36 -10.93 25.91
C LYS D 264 20.20 -11.03 26.90
N VAL D 265 19.05 -11.50 26.42
CA VAL D 265 17.86 -11.60 27.26
C VAL D 265 17.94 -12.81 28.20
N LYS D 266 17.64 -12.59 29.47
CA LYS D 266 17.60 -13.68 30.45
C LYS D 266 16.16 -14.12 30.64
N TYR D 267 15.29 -13.16 30.85
CA TYR D 267 13.87 -13.45 30.90
C TYR D 267 13.06 -12.40 30.14
N ARG D 268 11.84 -12.75 29.78
CA ARG D 268 10.99 -11.87 28.99
C ARG D 268 9.54 -12.26 29.20
N CYS D 269 8.77 -11.40 29.86
CA CYS D 269 7.38 -11.74 30.19
C CYS D 269 6.53 -11.97 28.93
N ALA D 270 5.89 -13.13 28.84
CA ALA D 270 5.05 -13.48 27.69
C ALA D 270 3.80 -12.61 27.61
N GLU D 271 3.37 -12.11 28.76
CA GLU D 271 2.19 -11.28 28.82
C GLU D 271 2.57 -9.81 28.90
N TYR D 272 1.66 -8.93 28.49
CA TYR D 272 1.85 -7.52 28.77
C TYR D 272 1.62 -7.35 30.27
N LEU D 273 2.13 -6.28 30.85
CA LEU D 273 1.90 -6.01 32.26
C LEU D 273 0.88 -4.92 32.42
N LEU D 274 0.65 -4.21 31.31
CA LEU D 274 -0.37 -3.20 31.28
C LEU D 274 -0.69 -2.86 29.83
N SER D 275 -1.98 -2.68 29.56
CA SER D 275 -2.48 -2.46 28.21
C SER D 275 -3.61 -1.44 28.24
N PRO D 276 -3.90 -0.77 27.12
CA PRO D 276 -4.95 0.26 27.12
C PRO D 276 -6.33 -0.31 27.43
N GLN D 277 -6.92 0.12 28.54
CA GLN D 277 -8.19 -0.44 28.97
C GLN D 277 -9.13 0.59 29.59
N LYS D 278 -8.58 1.65 30.18
CA LYS D 278 -9.45 2.70 30.75
C LYS D 278 -9.75 3.77 29.71
N ILE D 279 -10.75 4.60 30.00
CA ILE D 279 -11.26 5.54 29.02
C ILE D 279 -10.21 6.58 28.58
N TYR D 280 -9.29 6.95 29.48
CA TYR D 280 -8.23 7.92 29.17
C TYR D 280 -7.03 7.27 28.48
N GLU D 281 -7.07 5.95 28.36
CA GLU D 281 -6.05 5.19 27.64
C GLU D 281 -6.52 4.81 26.24
N CYS D 282 -7.83 4.75 26.06
CA CYS D 282 -8.40 4.22 24.83
C CYS D 282 -8.90 5.32 23.94
N VAL D 283 -9.26 6.45 24.54
CA VAL D 283 -9.84 7.57 23.80
C VAL D 283 -8.92 8.79 23.90
N GLY D 284 -8.60 9.39 22.76
CA GLY D 284 -7.70 10.51 22.73
C GLY D 284 -7.12 10.76 21.37
N ASP D 285 -6.07 11.57 21.31
CA ASP D 285 -5.42 11.92 20.06
C ASP D 285 -5.03 10.66 19.29
N VAL D 286 -4.52 9.66 20.02
CA VAL D 286 -4.16 8.36 19.43
C VAL D 286 -4.76 7.26 20.29
N GLN D 287 -5.76 6.55 19.75
CA GLN D 287 -6.48 5.59 20.58
C GLN D 287 -5.59 4.44 21.04
N ASN D 288 -5.90 3.87 22.19
CA ASN D 288 -5.25 2.65 22.68
C ASN D 288 -3.72 2.72 22.77
N VAL D 289 -3.23 3.69 23.51
CA VAL D 289 -1.81 3.76 23.78
C VAL D 289 -1.50 3.95 25.26
N THR D 290 -0.66 3.06 25.79
CA THR D 290 -0.08 3.24 27.12
C THR D 290 1.43 3.11 26.94
N PHE D 291 2.16 4.20 27.15
CA PHE D 291 3.55 4.28 26.71
C PHE D 291 4.44 4.78 27.85
N PRO D 292 5.22 3.87 28.48
CA PRO D 292 6.05 4.19 29.65
C PRO D 292 7.39 4.86 29.33
N CYS D 293 7.62 6.07 29.82
CA CYS D 293 8.94 6.66 29.58
C CYS D 293 9.77 6.83 30.87
N ALA D 294 9.14 6.78 32.04
CA ALA D 294 9.91 6.93 33.28
C ALA D 294 9.39 6.06 34.42
N THR D 295 10.31 5.56 35.25
CA THR D 295 9.92 5.02 36.55
C THR D 295 10.78 5.57 37.68
N LEU D 296 10.17 5.65 38.87
CA LEU D 296 10.88 5.95 40.11
C LEU D 296 10.99 4.68 40.93
N VAL D 297 12.18 4.42 41.47
CA VAL D 297 12.44 3.23 42.27
C VAL D 297 12.96 3.58 43.67
N ASP D 298 12.22 3.17 44.70
CA ASP D 298 12.70 3.27 46.09
C ASP D 298 13.51 2.02 46.44
N ALA D 299 14.83 2.15 46.37
CA ALA D 299 15.72 1.02 46.63
C ALA D 299 15.49 0.42 48.02
N ASP D 300 15.04 1.24 48.96
CA ASP D 300 14.76 0.74 50.30
C ASP D 300 13.65 -0.31 50.31
N THR D 301 12.56 -0.04 49.58
CA THR D 301 11.38 -0.91 49.63
C THR D 301 11.15 -1.74 48.36
N GLY D 302 11.72 -1.30 47.23
CA GLY D 302 11.46 -1.94 45.95
C GLY D 302 10.21 -1.42 45.28
N ARG D 303 9.59 -0.41 45.89
CA ARG D 303 8.40 0.22 45.32
C ARG D 303 8.74 0.93 44.00
N ILE D 304 7.92 0.72 42.98
CA ILE D 304 8.10 1.40 41.69
C ILE D 304 6.91 2.29 41.36
N ALA D 305 7.18 3.51 40.92
CA ALA D 305 6.13 4.38 40.40
C ALA D 305 6.38 4.61 38.92
N ILE D 306 5.40 4.28 38.09
CA ILE D 306 5.60 4.31 36.64
C ILE D 306 4.85 5.47 36.02
N TYR D 307 5.58 6.29 35.27
CA TYR D 307 4.97 7.35 34.47
C TYR D 307 4.74 6.85 33.04
N TYR D 308 3.50 6.89 32.56
CA TYR D 308 3.23 6.43 31.19
C TYR D 308 2.20 7.31 30.46
N GLY D 309 2.47 7.51 29.17
CA GLY D 309 1.58 8.27 28.31
C GLY D 309 0.28 7.55 28.05
N CYS D 310 -0.82 8.30 27.98
CA CYS D 310 -2.09 7.68 27.67
C CYS D 310 -2.74 8.33 26.45
N ALA D 311 -2.96 7.51 25.44
CA ALA D 311 -3.69 7.92 24.26
C ALA D 311 -3.01 9.12 23.57
N ASP D 312 -1.69 9.23 23.74
CA ASP D 312 -0.91 10.39 23.28
C ASP D 312 -1.58 11.69 23.66
N THR D 313 -2.17 11.71 24.86
CA THR D 313 -3.01 12.81 25.27
C THR D 313 -2.62 13.34 26.64
N CYS D 314 -2.35 12.43 27.57
CA CYS D 314 -2.08 12.80 28.97
C CYS D 314 -1.07 11.85 29.62
N VAL D 315 -0.62 12.21 30.81
CA VAL D 315 0.35 11.38 31.54
C VAL D 315 -0.31 10.67 32.72
N SER D 316 -0.08 9.38 32.85
CA SER D 316 -0.66 8.70 34.00
C SER D 316 0.38 7.98 34.86
N MET D 317 -0.05 7.47 36.01
CA MET D 317 0.86 6.77 36.90
C MET D 317 0.36 5.37 37.24
N ALA D 318 1.30 4.45 37.43
CA ALA D 318 0.96 3.13 37.90
C ALA D 318 2.01 2.68 38.91
N PHE D 319 1.67 1.68 39.72
CA PHE D 319 2.53 1.20 40.80
C PHE D 319 2.74 -0.31 40.77
N THR D 320 3.92 -0.72 41.18
CA THR D 320 4.24 -2.12 41.38
C THR D 320 5.56 -2.17 42.18
N THR D 321 6.08 -3.36 42.43
CA THR D 321 7.34 -3.46 43.16
C THR D 321 8.35 -4.24 42.33
N VAL D 322 9.63 -4.10 42.65
CA VAL D 322 10.67 -4.82 41.93
C VAL D 322 10.44 -6.32 42.06
N ASP D 323 10.15 -6.79 43.28
CA ASP D 323 9.91 -8.22 43.51
C ASP D 323 8.73 -8.79 42.71
N ASP D 324 7.59 -8.09 42.77
CA ASP D 324 6.38 -8.51 42.06
C ASP D 324 6.66 -8.73 40.57
N VAL D 325 7.25 -7.74 39.93
CA VAL D 325 7.61 -7.80 38.51
C VAL D 325 8.61 -8.91 38.18
N VAL D 326 9.74 -8.90 38.89
CA VAL D 326 10.78 -9.90 38.67
C VAL D 326 10.22 -11.31 38.80
N ASP D 327 9.42 -11.56 39.84
CA ASP D 327 8.86 -12.90 40.03
C ASP D 327 7.92 -13.26 38.89
N TYR D 328 7.10 -12.30 38.45
CA TYR D 328 6.15 -12.60 37.40
C TYR D 328 6.89 -12.83 36.08
N VAL D 329 7.88 -11.98 35.81
CA VAL D 329 8.67 -12.07 34.59
C VAL D 329 9.36 -13.43 34.51
N LYS D 330 9.93 -13.86 35.63
CA LYS D 330 10.66 -15.11 35.63
C LYS D 330 9.72 -16.31 35.54
N SER D 331 8.53 -16.21 36.13
CA SER D 331 7.57 -17.31 36.08
C SER D 331 6.71 -17.33 34.81
N HIS D 332 6.70 -16.24 34.04
CA HIS D 332 5.92 -16.21 32.79
C HIS D 332 6.77 -15.86 31.60
N SER D 333 8.00 -16.38 31.58
CA SER D 333 8.96 -16.03 30.55
C SER D 333 8.67 -16.70 29.21
N SER D 334 8.77 -15.92 28.13
CA SER D 334 8.82 -16.44 26.77
C SER D 334 10.10 -17.25 26.61
N VAL D 335 11.05 -16.67 25.88
CA VAL D 335 12.32 -17.35 25.58
C VAL D 335 13.52 -16.46 25.87
N MET E 1 -16.61 47.38 17.68
CA MET E 1 -15.83 46.24 17.18
C MET E 1 -14.71 46.74 16.30
N LYS E 2 -13.52 46.16 16.49
CA LYS E 2 -12.31 46.60 15.80
C LYS E 2 -12.31 46.21 14.32
N THR E 3 -13.05 45.14 14.00
CA THR E 3 -13.13 44.62 12.65
C THR E 3 -14.58 44.61 12.20
N GLN E 4 -14.88 45.27 11.10
CA GLN E 4 -16.28 45.39 10.70
C GLN E 4 -16.72 44.30 9.73
N ILE E 5 -17.97 43.90 9.90
CA ILE E 5 -18.60 42.95 9.01
C ILE E 5 -19.15 43.71 7.82
N ILE E 6 -18.95 43.16 6.62
CA ILE E 6 -19.46 43.77 5.41
C ILE E 6 -20.51 42.88 4.74
N ASN E 7 -21.56 43.50 4.26
CA ASN E 7 -22.68 42.80 3.64
C ASN E 7 -23.28 41.75 4.55
N GLY E 8 -23.07 41.90 5.85
CA GLY E 8 -23.63 41.00 6.82
C GLY E 8 -25.12 41.24 7.06
N VAL E 9 -25.66 40.60 8.08
CA VAL E 9 -27.05 40.80 8.46
C VAL E 9 -27.12 41.04 9.96
N SER E 10 -28.25 41.57 10.41
CA SER E 10 -28.46 41.81 11.82
C SER E 10 -29.14 40.60 12.42
N LEU E 11 -28.43 39.96 13.36
CA LEU E 11 -28.94 38.74 13.99
C LEU E 11 -28.97 38.88 15.50
N PRO E 12 -29.89 39.69 16.03
CA PRO E 12 -29.96 39.83 17.49
C PRO E 12 -30.35 38.50 18.15
N ASN E 13 -31.08 37.67 17.42
CA ASN E 13 -31.54 36.36 17.91
C ASN E 13 -30.55 35.22 17.65
N ILE E 14 -29.28 35.56 17.42
CA ILE E 14 -28.27 34.55 17.12
C ILE E 14 -28.12 33.64 18.33
N PRO E 15 -28.12 32.30 18.08
CA PRO E 15 -27.79 31.38 19.18
C PRO E 15 -26.49 31.81 19.82
N TRP E 16 -26.45 31.86 21.14
CA TRP E 16 -25.30 32.44 21.82
C TRP E 16 -25.17 32.00 23.28
N GLN E 17 -23.93 31.77 23.68
CA GLN E 17 -23.59 31.65 25.10
C GLN E 17 -22.31 32.45 25.32
N ASP E 18 -22.14 32.99 26.51
CA ASP E 18 -20.96 33.81 26.79
C ASP E 18 -19.77 32.94 27.08
N LYS E 19 -18.57 33.49 26.87
CA LYS E 19 -17.34 32.73 27.05
C LYS E 19 -17.04 32.49 28.52
N PRO E 20 -17.06 31.21 28.95
CA PRO E 20 -16.79 30.81 30.33
C PRO E 20 -15.53 31.43 30.88
N ALA E 21 -15.58 31.84 32.15
CA ALA E 21 -14.47 32.53 32.79
C ALA E 21 -13.17 31.76 32.69
N ASP E 22 -13.23 30.44 32.80
CA ASP E 22 -12.02 29.62 32.81
C ASP E 22 -11.56 29.26 31.40
N CYS E 23 -12.38 29.57 30.40
CA CYS E 23 -12.01 29.26 29.02
C CYS E 23 -10.90 30.17 28.52
N LYS E 24 -9.77 29.59 28.18
CA LYS E 24 -8.60 30.35 27.74
C LYS E 24 -8.43 30.32 26.21
N ASP E 25 -9.39 29.71 25.52
CA ASP E 25 -9.31 29.53 24.06
C ASP E 25 -10.08 30.60 23.29
N VAL E 26 -9.79 30.72 22.00
CA VAL E 26 -10.47 31.68 21.13
C VAL E 26 -11.93 31.30 20.92
N ILE E 27 -12.16 30.00 20.79
CA ILE E 27 -13.50 29.48 20.53
C ILE E 27 -13.94 28.62 21.70
N TRP E 28 -15.21 28.71 22.09
CA TRP E 28 -15.70 27.86 23.17
C TRP E 28 -16.94 27.10 22.69
N ARG E 29 -17.06 25.87 23.14
CA ARG E 29 -18.17 25.02 22.75
C ARG E 29 -19.43 25.32 23.55
N TYR E 30 -20.58 25.24 22.87
CA TYR E 30 -21.90 25.19 23.50
C TYR E 30 -21.93 24.11 24.60
N ASP E 31 -22.57 24.44 25.72
CA ASP E 31 -22.44 23.65 26.94
C ASP E 31 -23.38 22.43 26.98
N ALA E 32 -24.15 22.23 25.92
CA ALA E 32 -25.02 21.06 25.85
C ALA E 32 -24.97 20.36 24.47
N ASN E 33 -23.76 20.26 23.90
CA ASN E 33 -23.54 19.49 22.68
C ASN E 33 -23.83 18.01 22.91
N PRO E 34 -24.27 17.30 21.87
CA PRO E 34 -24.60 17.78 20.52
C PRO E 34 -25.98 18.43 20.45
N ILE E 35 -26.20 19.34 19.49
CA ILE E 35 -27.51 19.97 19.36
C ILE E 35 -28.39 19.17 18.44
N ILE E 36 -27.77 18.38 17.58
CA ILE E 36 -28.52 17.43 16.78
C ILE E 36 -27.92 16.05 16.97
N PRO E 37 -28.62 15.18 17.67
CA PRO E 37 -28.07 13.86 17.97
C PRO E 37 -28.27 12.90 16.79
N ARG E 38 -27.50 11.81 16.78
CA ARG E 38 -27.50 10.88 15.65
C ARG E 38 -28.86 10.31 15.33
N ASP E 39 -29.72 10.21 16.33
CA ASP E 39 -30.98 9.46 16.15
C ASP E 39 -32.22 10.35 16.11
N GLN E 40 -32.04 11.63 15.80
CA GLN E 40 -33.15 12.56 15.82
C GLN E 40 -34.22 12.21 14.79
N LEU E 41 -33.86 11.45 13.76
CA LEU E 41 -34.84 10.97 12.78
C LEU E 41 -35.02 9.47 12.94
N PRO E 42 -36.23 8.97 12.64
CA PRO E 42 -36.51 7.53 12.76
C PRO E 42 -35.56 6.66 11.93
N THR E 43 -35.09 7.20 10.80
CA THR E 43 -34.29 6.44 9.84
C THR E 43 -32.81 6.79 9.86
N SER E 44 -32.38 7.64 10.80
CA SER E 44 -31.03 8.17 10.73
C SER E 44 -30.01 7.43 11.57
N ASN E 45 -28.91 7.08 10.92
CA ASN E 45 -27.75 6.51 11.55
C ASN E 45 -26.90 7.59 12.20
N SER E 46 -26.83 8.73 11.52
CA SER E 46 -26.03 9.86 11.96
C SER E 46 -26.46 11.12 11.21
N ILE E 47 -26.28 12.28 11.86
CA ILE E 47 -26.59 13.58 11.26
C ILE E 47 -25.45 14.51 11.59
N PHE E 48 -24.74 15.00 10.58
CA PHE E 48 -23.53 15.79 10.84
C PHE E 48 -23.19 16.62 9.62
N ASN E 49 -22.09 17.38 9.69
CA ASN E 49 -21.62 18.17 8.54
C ASN E 49 -22.74 18.95 7.81
N SER E 50 -23.31 19.95 8.46
CA SER E 50 -24.56 20.53 8.00
C SER E 50 -24.60 22.07 7.86
N ALA E 51 -25.43 22.54 6.92
CA ALA E 51 -25.46 23.93 6.48
C ALA E 51 -26.68 24.69 7.02
N VAL E 52 -26.45 25.89 7.54
CA VAL E 52 -27.49 26.66 8.19
C VAL E 52 -27.42 28.14 7.77
N VAL E 53 -28.59 28.72 7.46
CA VAL E 53 -28.69 30.15 7.18
C VAL E 53 -29.89 30.77 7.92
N PRO E 54 -29.82 32.09 8.18
CA PRO E 54 -31.03 32.76 8.66
C PRO E 54 -32.10 32.75 7.57
N TYR E 55 -33.31 32.32 7.90
CA TYR E 55 -34.40 32.31 6.94
C TYR E 55 -35.75 32.27 7.68
N GLU E 56 -36.59 33.28 7.47
CA GLU E 56 -37.89 33.37 8.11
C GLU E 56 -38.89 32.49 7.41
N SER E 57 -39.65 31.74 8.20
CA SER E 57 -40.52 30.71 7.66
C SER E 57 -41.56 30.28 8.69
N GLU E 58 -42.52 29.48 8.25
CA GLU E 58 -43.59 29.00 9.12
C GLU E 58 -43.07 28.26 10.36
N LYS E 59 -41.84 27.79 10.29
CA LYS E 59 -41.31 26.92 11.31
C LYS E 59 -40.15 27.54 12.08
N GLY E 60 -39.81 28.78 11.76
CA GLY E 60 -38.78 29.46 12.53
C GLY E 60 -38.01 30.57 11.83
N LYS E 61 -36.86 30.92 12.40
CA LYS E 61 -36.06 32.04 11.92
C LYS E 61 -34.80 31.59 11.16
N PHE E 62 -34.52 30.29 11.22
CA PHE E 62 -33.36 29.71 10.55
C PHE E 62 -33.80 28.49 9.73
N ALA E 63 -33.12 28.24 8.61
CA ALA E 63 -33.29 26.99 7.89
C ALA E 63 -31.93 26.37 7.58
N GLY E 64 -31.94 25.18 6.98
CA GLY E 64 -30.70 24.54 6.63
C GLY E 64 -30.83 23.29 5.79
N VAL E 65 -29.70 22.80 5.29
CA VAL E 65 -29.66 21.55 4.54
C VAL E 65 -28.72 20.60 5.28
N PHE E 66 -29.22 19.42 5.62
CA PHE E 66 -28.57 18.58 6.60
C PHE E 66 -28.08 17.28 5.99
N ARG E 67 -26.84 16.92 6.31
CA ARG E 67 -26.35 15.62 5.88
C ARG E 67 -26.91 14.56 6.80
N VAL E 68 -27.70 13.67 6.22
CA VAL E 68 -28.28 12.56 6.95
C VAL E 68 -27.87 11.24 6.31
N ASP E 69 -27.23 10.37 7.08
CA ASP E 69 -26.88 9.04 6.61
C ASP E 69 -27.90 8.03 7.19
N ASP E 70 -28.58 7.26 6.33
CA ASP E 70 -29.60 6.35 6.86
C ASP E 70 -29.00 5.02 7.37
N LYS E 71 -29.86 4.04 7.61
CA LYS E 71 -29.42 2.78 8.21
C LYS E 71 -28.94 1.79 7.13
N CYS E 72 -28.88 2.28 5.90
CA CYS E 72 -28.16 1.60 4.82
C CYS E 72 -26.75 2.18 4.77
N ARG E 73 -26.52 3.22 5.58
CA ARG E 73 -25.36 4.13 5.48
C ARG E 73 -25.31 4.85 4.11
N ASN E 74 -26.46 4.97 3.44
CA ASN E 74 -26.59 5.84 2.28
C ASN E 74 -26.40 7.27 2.73
N MET E 75 -25.79 8.11 1.89
CA MET E 75 -25.64 9.53 2.21
C MET E 75 -26.67 10.41 1.48
N GLU E 76 -27.42 11.20 2.25
CA GLU E 76 -28.55 12.00 1.78
C GLU E 76 -28.56 13.42 2.34
N LEU E 77 -29.37 14.28 1.73
CA LEU E 77 -29.60 15.64 2.19
C LEU E 77 -31.07 15.83 2.60
N HIS E 78 -31.28 16.43 3.76
CA HIS E 78 -32.62 16.70 4.27
C HIS E 78 -32.73 18.20 4.58
N ALA E 79 -33.84 18.83 4.23
CA ALA E 79 -34.09 20.21 4.63
C ALA E 79 -34.54 20.27 6.10
N GLY E 80 -34.22 21.37 6.77
CA GLY E 80 -34.61 21.54 8.16
C GLY E 80 -34.84 22.98 8.58
N PHE E 81 -35.62 23.17 9.64
CA PHE E 81 -35.94 24.53 10.12
C PHE E 81 -35.82 24.64 11.64
N SER E 82 -35.67 25.86 12.14
CA SER E 82 -35.49 26.08 13.57
C SER E 82 -35.85 27.51 13.98
N LYS E 83 -36.42 27.65 15.17
CA LYS E 83 -36.78 28.97 15.68
C LYS E 83 -35.58 29.64 16.35
N ASP E 84 -34.80 28.87 17.10
CA ASP E 84 -33.68 29.41 17.89
C ASP E 84 -32.30 29.04 17.34
N GLY E 85 -32.28 28.23 16.29
CA GLY E 85 -31.03 27.79 15.68
C GLY E 85 -30.33 26.67 16.43
N ILE E 86 -31.02 26.10 17.41
CA ILE E 86 -30.42 25.04 18.23
C ILE E 86 -31.27 23.78 18.15
N HIS E 87 -32.56 23.91 18.42
CA HIS E 87 -33.47 22.77 18.35
C HIS E 87 -34.09 22.70 16.98
N TRP E 88 -33.73 21.67 16.22
CA TRP E 88 -34.04 21.64 14.79
C TRP E 88 -35.16 20.70 14.43
N ASP E 89 -35.96 21.14 13.47
CA ASP E 89 -37.01 20.31 12.89
C ASP E 89 -36.56 19.90 11.50
N ILE E 90 -36.15 18.65 11.37
CA ILE E 90 -35.55 18.15 10.14
C ILE E 90 -36.53 17.25 9.43
N ASN E 91 -36.78 17.55 8.15
CA ASN E 91 -37.62 16.72 7.31
C ASN E 91 -37.20 15.28 7.41
N PRO E 92 -38.18 14.37 7.56
CA PRO E 92 -37.89 12.93 7.65
C PRO E 92 -37.39 12.34 6.33
N ASP E 93 -37.74 12.93 5.19
CA ASP E 93 -37.30 12.38 3.91
C ASP E 93 -36.28 13.28 3.20
N ARG E 94 -35.52 12.69 2.28
CA ARG E 94 -34.48 13.41 1.56
C ARG E 94 -35.05 14.43 0.59
N ILE E 95 -34.29 15.50 0.38
CA ILE E 95 -34.54 16.42 -0.71
C ILE E 95 -34.53 15.65 -2.03
N VAL E 96 -35.61 15.78 -2.78
CA VAL E 96 -35.67 15.24 -4.13
C VAL E 96 -35.55 16.40 -5.09
N PHE E 97 -34.40 16.53 -5.75
CA PHE E 97 -34.17 17.69 -6.59
C PHE E 97 -35.05 17.70 -7.83
N GLU E 98 -35.51 18.90 -8.17
CA GLU E 98 -35.99 19.17 -9.50
C GLU E 98 -34.86 19.82 -10.29
N GLN E 99 -34.82 19.57 -11.58
CA GLN E 99 -33.86 20.19 -12.47
C GLN E 99 -34.28 21.60 -12.84
N ALA E 100 -33.39 22.57 -12.63
CA ALA E 100 -33.64 23.95 -13.04
C ALA E 100 -33.97 24.03 -14.53
N GLU E 101 -33.19 23.32 -15.35
CA GLU E 101 -33.42 23.25 -16.79
C GLU E 101 -33.65 21.79 -17.19
N LYS E 102 -34.41 21.61 -18.27
CA LYS E 102 -34.72 20.30 -18.81
C LYS E 102 -33.47 19.62 -19.36
N SER E 103 -32.48 20.42 -19.73
CA SER E 103 -31.27 19.90 -20.36
C SER E 103 -30.38 19.10 -19.40
N THR E 104 -30.72 19.06 -18.12
CA THR E 104 -29.94 18.28 -17.14
C THR E 104 -30.70 17.08 -16.57
N GLU E 105 -31.82 16.74 -17.21
CA GLU E 105 -32.65 15.61 -16.77
C GLU E 105 -31.91 14.29 -16.83
N GLU E 106 -31.32 13.98 -17.98
CA GLU E 106 -30.57 12.73 -18.16
C GLU E 106 -29.43 12.60 -17.15
N VAL E 107 -28.59 13.63 -17.12
CA VAL E 107 -27.29 13.55 -16.46
C VAL E 107 -27.38 13.53 -14.93
N ASN E 108 -28.37 14.22 -14.37
CA ASN E 108 -28.46 14.37 -12.93
C ASN E 108 -29.36 13.32 -12.29
N GLN E 109 -28.91 12.07 -12.35
CA GLN E 109 -29.57 11.00 -11.61
C GLN E 109 -29.08 11.05 -10.17
N TRP E 110 -29.96 10.82 -9.20
CA TRP E 110 -29.51 10.85 -7.82
C TRP E 110 -28.69 9.61 -7.48
N GLY E 111 -27.57 9.83 -6.80
CA GLY E 111 -26.73 8.74 -6.32
C GLY E 111 -26.50 8.90 -4.83
N TYR E 112 -25.74 9.92 -4.45
CA TYR E 112 -25.64 10.30 -3.05
C TYR E 112 -25.29 11.79 -2.90
N GLY E 113 -25.36 12.29 -1.67
CA GLY E 113 -25.08 13.68 -1.43
C GLY E 113 -24.64 13.89 0.00
N TYR E 114 -23.57 14.65 0.20
CA TYR E 114 -23.14 14.94 1.56
C TYR E 114 -22.38 16.26 1.66
N ASP E 115 -22.24 16.71 2.90
CA ASP E 115 -21.49 17.89 3.26
C ASP E 115 -21.96 19.12 2.47
N PRO E 116 -23.22 19.51 2.66
CA PRO E 116 -23.66 20.69 1.94
C PRO E 116 -23.20 21.99 2.59
N ARG E 117 -23.07 23.02 1.78
CA ARG E 117 -22.90 24.37 2.25
C ARG E 117 -23.99 25.20 1.56
N VAL E 118 -24.49 26.20 2.28
CA VAL E 118 -25.60 27.01 1.80
C VAL E 118 -25.40 28.50 2.13
N CYS E 119 -25.62 29.35 1.13
CA CYS E 119 -25.63 30.79 1.36
C CYS E 119 -26.57 31.50 0.41
N PHE E 120 -27.04 32.68 0.81
CA PHE E 120 -27.87 33.52 -0.02
C PHE E 120 -26.99 34.34 -0.95
N ILE E 121 -27.34 34.36 -2.24
CA ILE E 121 -26.71 35.27 -3.20
C ILE E 121 -27.74 36.02 -4.02
N GLU E 122 -27.63 37.35 -3.98
CA GLU E 122 -28.52 38.33 -4.63
C GLU E 122 -30.02 38.03 -4.52
N ASP E 123 -30.50 36.91 -5.02
CA ASP E 123 -31.95 36.67 -4.99
C ASP E 123 -32.41 35.25 -4.62
N ARG E 124 -31.49 34.40 -4.17
CA ARG E 124 -31.85 33.05 -3.75
C ARG E 124 -30.80 32.40 -2.85
N PHE E 125 -31.12 31.21 -2.36
CA PHE E 125 -30.17 30.42 -1.58
C PHE E 125 -29.52 29.37 -2.48
N TRP E 126 -28.18 29.37 -2.52
CA TRP E 126 -27.44 28.39 -3.32
C TRP E 126 -26.90 27.27 -2.43
N VAL E 127 -27.18 26.03 -2.84
CA VAL E 127 -26.66 24.83 -2.19
C VAL E 127 -25.57 24.20 -3.03
N THR E 128 -24.39 24.02 -2.44
CA THR E 128 -23.39 23.11 -2.98
C THR E 128 -23.24 21.90 -2.04
N TRP E 129 -22.87 20.74 -2.60
CA TRP E 129 -22.61 19.55 -1.81
C TRP E 129 -21.75 18.56 -2.59
N CYS E 130 -21.21 17.57 -1.91
CA CYS E 130 -20.47 16.54 -2.63
C CYS E 130 -21.49 15.60 -3.29
N ASN E 131 -21.64 15.74 -4.60
CA ASN E 131 -22.64 15.00 -5.36
C ASN E 131 -22.01 13.84 -6.12
N ALA E 132 -22.67 12.68 -6.13
CA ALA E 132 -22.20 11.58 -6.97
C ALA E 132 -22.60 11.77 -8.42
N TYR E 133 -21.62 11.72 -9.31
CA TYR E 133 -21.92 11.60 -10.71
C TYR E 133 -21.35 10.27 -11.21
N GLY E 134 -22.22 9.31 -11.50
CA GLY E 134 -21.77 7.96 -11.81
C GLY E 134 -20.97 7.37 -10.65
N TRP E 135 -21.46 7.62 -9.44
CA TRP E 135 -20.83 7.18 -8.19
C TRP E 135 -19.42 7.70 -7.97
N LYS E 136 -19.11 8.85 -8.57
CA LYS E 136 -17.84 9.52 -8.28
C LYS E 136 -18.13 10.89 -7.66
N PRO E 137 -17.34 11.28 -6.64
CA PRO E 137 -17.57 12.57 -5.99
C PRO E 137 -17.22 13.78 -6.86
N THR E 138 -18.19 14.67 -7.08
CA THR E 138 -17.89 16.02 -7.58
C THR E 138 -18.76 17.04 -6.81
N ILE E 139 -18.78 18.30 -7.25
CA ILE E 139 -19.56 19.31 -6.54
C ILE E 139 -20.93 19.53 -7.21
N GLY E 140 -21.99 19.33 -6.43
CA GLY E 140 -23.34 19.55 -6.92
C GLY E 140 -23.74 20.98 -6.69
N VAL E 141 -24.58 21.50 -7.58
CA VAL E 141 -25.11 22.85 -7.46
C VAL E 141 -26.64 22.84 -7.56
N ALA E 142 -27.29 23.58 -6.67
CA ALA E 142 -28.73 23.77 -6.74
C ALA E 142 -29.11 25.10 -6.14
N TYR E 143 -30.35 25.52 -6.36
CA TYR E 143 -30.84 26.71 -5.68
C TYR E 143 -32.25 26.52 -5.18
N THR E 144 -32.66 27.41 -4.29
CA THR E 144 -33.97 27.34 -3.68
C THR E 144 -34.36 28.74 -3.22
N PHE E 145 -35.67 29.00 -3.24
CA PHE E 145 -36.22 30.27 -2.78
C PHE E 145 -36.85 30.12 -1.40
N ASP E 146 -37.29 28.91 -1.10
CA ASP E 146 -38.12 28.67 0.08
C ASP E 146 -37.70 27.46 0.92
N PHE E 147 -36.58 26.82 0.56
CA PHE E 147 -36.13 25.59 1.23
C PHE E 147 -37.21 24.53 1.24
N LYS E 148 -37.97 24.48 0.16
CA LYS E 148 -39.04 23.51 0.01
C LYS E 148 -38.87 22.78 -1.32
N THR E 149 -38.65 23.56 -2.37
CA THR E 149 -38.32 23.01 -3.66
C THR E 149 -36.86 23.34 -3.95
N PHE E 150 -36.12 22.37 -4.46
CA PHE E 150 -34.73 22.59 -4.80
C PHE E 150 -34.48 22.37 -6.29
N TYR E 151 -33.82 23.33 -6.93
CA TYR E 151 -33.57 23.25 -8.37
C TYR E 151 -32.10 22.98 -8.66
N GLN E 152 -31.84 21.78 -9.18
CA GLN E 152 -30.48 21.33 -9.41
C GLN E 152 -29.93 21.85 -10.73
N CYS E 153 -28.67 22.26 -10.69
CA CYS E 153 -27.99 22.73 -11.89
C CYS E 153 -26.94 21.72 -12.37
N GLU E 154 -26.06 22.14 -13.27
CA GLU E 154 -24.94 21.30 -13.68
C GLU E 154 -23.96 21.15 -12.53
N ASN E 155 -23.40 19.96 -12.36
CA ASN E 155 -22.23 19.80 -11.48
C ASN E 155 -21.16 20.78 -11.96
N ALA E 156 -20.56 21.50 -11.03
CA ALA E 156 -19.62 22.56 -11.40
C ALA E 156 -18.36 22.01 -12.07
N PHE E 157 -17.91 20.83 -11.61
CA PHE E 157 -16.63 20.28 -12.05
C PHE E 157 -16.67 18.79 -12.42
N LEU E 158 -15.58 18.33 -13.00
CA LEU E 158 -15.30 16.91 -13.12
C LEU E 158 -14.96 16.31 -11.76
N PRO E 159 -15.29 15.03 -11.55
CA PRO E 159 -14.71 14.30 -10.41
C PRO E 159 -13.19 14.33 -10.57
N PHE E 160 -12.40 14.13 -9.53
CA PHE E 160 -12.83 13.87 -8.16
C PHE E 160 -12.60 15.14 -7.35
N ASN E 161 -13.66 15.61 -6.68
CA ASN E 161 -13.65 16.91 -6.04
C ASN E 161 -14.62 16.93 -4.87
N ARG E 162 -14.32 17.74 -3.86
CA ARG E 162 -15.11 17.75 -2.62
C ARG E 162 -14.88 19.11 -1.96
N ASN E 163 -15.73 19.47 -0.99
CA ASN E 163 -15.60 20.70 -0.21
C ASN E 163 -15.79 21.94 -1.07
N GLY E 164 -16.85 21.94 -1.88
CA GLY E 164 -17.21 23.08 -2.70
C GLY E 164 -18.01 24.09 -1.90
N VAL E 165 -17.47 25.29 -1.74
CA VAL E 165 -18.08 26.32 -0.92
C VAL E 165 -18.11 27.63 -1.67
N LEU E 166 -19.30 28.18 -1.88
CA LEU E 166 -19.51 29.41 -2.64
C LEU E 166 -19.21 30.67 -1.83
N PHE E 167 -18.54 31.64 -2.43
CA PHE E 167 -18.46 32.96 -1.80
C PHE E 167 -19.86 33.58 -1.90
N PRO E 168 -20.25 34.39 -0.90
CA PRO E 168 -21.65 34.83 -0.77
C PRO E 168 -22.07 35.92 -1.75
N ARG E 169 -21.16 36.35 -2.62
CA ARG E 169 -21.50 37.34 -3.63
C ARG E 169 -20.59 37.16 -4.84
N LYS E 170 -20.87 37.87 -5.92
CA LYS E 170 -19.96 37.88 -7.06
C LYS E 170 -18.76 38.74 -6.73
N ILE E 171 -17.61 38.36 -7.26
CA ILE E 171 -16.38 39.15 -7.13
C ILE E 171 -15.89 39.43 -8.54
N ASN E 172 -15.64 40.70 -8.81
CA ASN E 172 -15.32 41.15 -10.17
C ASN E 172 -16.24 40.59 -11.23
N GLY E 173 -17.52 40.48 -10.90
CA GLY E 173 -18.51 40.06 -11.87
C GLY E 173 -18.59 38.55 -12.06
N LYS E 174 -17.91 37.81 -11.19
CA LYS E 174 -17.87 36.36 -11.29
C LYS E 174 -18.19 35.68 -9.96
N TYR E 175 -19.05 34.66 -10.01
CA TYR E 175 -19.20 33.73 -8.89
C TYR E 175 -17.87 33.04 -8.61
N VAL E 176 -17.55 32.89 -7.33
CA VAL E 176 -16.30 32.28 -6.88
C VAL E 176 -16.56 31.13 -5.91
N MET E 177 -15.96 29.97 -6.18
CA MET E 177 -16.15 28.80 -5.34
C MET E 177 -14.83 28.13 -4.91
N PHE E 178 -14.69 27.91 -3.61
CA PHE E 178 -13.69 26.98 -3.07
C PHE E 178 -14.01 25.58 -3.60
N SER E 179 -12.99 24.81 -3.96
CA SER E 179 -13.18 23.36 -4.01
C SER E 179 -11.90 22.73 -3.53
N ARG E 180 -11.76 21.43 -3.74
CA ARG E 180 -10.65 20.69 -3.17
C ARG E 180 -10.51 19.37 -3.92
N PRO E 181 -9.70 19.36 -4.98
CA PRO E 181 -9.42 18.16 -5.76
C PRO E 181 -9.01 16.99 -4.85
N SER E 182 -9.60 15.83 -5.13
CA SER E 182 -9.47 14.65 -4.28
C SER E 182 -9.26 13.42 -5.16
N ASP E 183 -9.56 12.23 -4.63
CA ASP E 183 -9.52 11.02 -5.45
C ASP E 183 -10.77 10.18 -5.21
N SER E 184 -10.70 8.90 -5.59
CA SER E 184 -11.85 8.02 -5.46
C SER E 184 -11.99 7.37 -4.07
N GLY E 185 -10.94 7.46 -3.26
CA GLY E 185 -10.97 6.84 -1.95
C GLY E 185 -10.91 7.85 -0.81
N HIS E 186 -10.29 7.42 0.28
CA HIS E 186 -10.02 8.28 1.43
C HIS E 186 -8.81 9.16 1.15
N THR E 187 -9.06 10.21 0.38
CA THR E 187 -8.04 11.13 -0.10
C THR E 187 -6.94 11.49 0.92
N PRO E 188 -5.69 11.09 0.64
CA PRO E 188 -4.51 11.35 1.47
C PRO E 188 -3.74 12.60 1.04
N PHE E 189 -4.44 13.56 0.42
CA PHE E 189 -3.83 14.81 -0.02
C PHE E 189 -4.95 15.83 -0.06
N GLY E 190 -4.61 17.11 -0.20
CA GLY E 190 -5.63 18.12 -0.37
C GLY E 190 -5.21 19.57 -0.23
N ASP E 191 -5.19 20.29 -1.34
CA ASP E 191 -5.07 21.76 -1.36
C ASP E 191 -6.40 22.41 -1.68
N MET E 192 -6.64 23.58 -1.11
CA MET E 192 -7.82 24.36 -1.48
C MET E 192 -7.54 25.18 -2.76
N PHE E 193 -8.56 25.27 -3.62
CA PHE E 193 -8.54 26.07 -4.84
C PHE E 193 -9.77 26.98 -4.88
N ILE E 194 -9.74 28.00 -5.74
CA ILE E 194 -10.97 28.65 -6.17
C ILE E 194 -11.12 28.52 -7.67
N SER E 195 -12.38 28.53 -8.09
CA SER E 195 -12.73 28.52 -9.49
C SER E 195 -13.77 29.61 -9.69
N GLN E 196 -13.90 30.07 -10.92
CA GLN E 196 -14.74 31.24 -11.20
C GLN E 196 -15.71 30.98 -12.33
N SER E 197 -16.88 31.62 -12.25
CA SER E 197 -17.94 31.42 -13.23
C SER E 197 -18.79 32.66 -13.41
N PRO E 198 -19.04 33.08 -14.66
CA PRO E 198 -19.95 34.20 -14.92
C PRO E 198 -21.43 33.84 -14.80
N ASP E 199 -21.77 32.56 -14.95
CA ASP E 199 -23.17 32.13 -15.02
C ASP E 199 -23.56 30.95 -14.12
N MET E 200 -22.64 30.49 -13.28
CA MET E 200 -22.83 29.29 -12.45
C MET E 200 -23.00 28.00 -13.24
N LYS E 201 -22.62 28.01 -14.51
CA LYS E 201 -22.65 26.78 -15.29
C LYS E 201 -21.25 26.42 -15.75
N TYR E 202 -20.54 27.40 -16.28
CA TYR E 202 -19.20 27.17 -16.80
C TYR E 202 -18.17 27.75 -15.85
N TRP E 203 -17.13 26.96 -15.56
CA TRP E 203 -16.15 27.31 -14.55
C TRP E 203 -14.74 27.37 -15.12
N GLY E 204 -13.96 28.33 -14.64
CA GLY E 204 -12.59 28.47 -15.09
C GLY E 204 -11.80 29.47 -14.27
N GLU E 205 -10.64 29.87 -14.78
CA GLU E 205 -9.71 30.73 -14.07
C GLU E 205 -9.45 30.19 -12.66
N HIS E 206 -9.06 28.92 -12.61
CA HIS E 206 -8.78 28.22 -11.36
C HIS E 206 -7.50 28.76 -10.72
N ARG E 207 -7.56 29.00 -9.42
CA ARG E 207 -6.43 29.57 -8.71
C ARG E 207 -6.18 28.79 -7.44
N HIS E 208 -4.91 28.50 -7.16
CA HIS E 208 -4.53 27.80 -5.95
C HIS E 208 -4.59 28.74 -4.75
N VAL E 209 -5.33 28.32 -3.73
CA VAL E 209 -5.42 29.09 -2.50
C VAL E 209 -4.23 28.75 -1.59
N MET E 210 -4.30 27.59 -0.97
CA MET E 210 -3.23 27.14 -0.11
C MET E 210 -3.28 25.63 0.05
N GLY E 211 -2.29 25.10 0.76
CA GLY E 211 -2.17 23.67 0.99
C GLY E 211 -1.77 23.34 2.42
N PRO E 212 -1.62 22.05 2.72
CA PRO E 212 -1.17 21.59 4.03
C PRO E 212 0.11 22.30 4.47
N LEU E 213 0.13 22.84 5.68
CA LEU E 213 1.28 23.59 6.14
C LEU E 213 1.75 23.14 7.54
N ARG E 214 1.04 23.53 8.60
CA ARG E 214 1.42 23.12 9.96
C ARG E 214 1.13 21.63 10.24
N ALA E 215 1.62 21.12 11.36
CA ALA E 215 1.45 19.71 11.71
C ALA E 215 -0.02 19.27 11.80
N TRP E 216 -0.89 20.10 12.37
CA TRP E 216 -2.27 19.72 12.61
C TRP E 216 -3.08 19.65 11.31
N GLU E 217 -2.48 20.20 10.26
CA GLU E 217 -3.11 20.34 8.97
C GLU E 217 -2.15 19.78 7.92
N SER E 218 -1.28 18.86 8.33
CA SER E 218 -0.20 18.40 7.49
C SER E 218 -0.60 17.44 6.37
N LYS E 219 -1.72 16.74 6.52
CA LYS E 219 -2.08 15.72 5.54
C LYS E 219 -2.97 16.29 4.42
N LYS E 220 -3.98 17.04 4.82
CA LYS E 220 -4.84 17.72 3.83
C LYS E 220 -5.68 18.80 4.50
N ILE E 221 -6.22 19.68 3.69
CA ILE E 221 -7.10 20.76 4.15
C ILE E 221 -8.29 20.93 3.23
N GLY E 222 -9.31 21.62 3.71
CA GLY E 222 -10.51 21.86 2.91
C GLY E 222 -11.31 23.04 3.45
N ALA E 223 -12.12 23.64 2.59
CA ALA E 223 -12.94 24.77 2.96
C ALA E 223 -13.99 24.31 3.92
N GLY E 224 -14.31 25.15 4.91
CA GLY E 224 -15.37 24.85 5.84
C GLY E 224 -16.67 25.53 5.46
N PRO E 225 -17.08 26.52 6.25
CA PRO E 225 -18.33 27.28 6.03
C PRO E 225 -18.19 28.41 5.00
N ILE E 226 -19.31 29.07 4.70
CA ILE E 226 -19.29 30.20 3.77
C ILE E 226 -18.33 31.26 4.27
N PRO E 227 -17.49 31.78 3.37
CA PRO E 227 -16.61 32.88 3.74
C PRO E 227 -17.39 34.05 4.34
N ILE E 228 -16.81 34.71 5.33
CA ILE E 228 -17.40 35.93 5.93
C ILE E 228 -16.68 37.18 5.44
N GLU E 229 -17.42 38.14 4.87
CA GLU E 229 -16.76 39.35 4.36
C GLU E 229 -16.51 40.33 5.49
N THR E 230 -15.31 40.88 5.49
CA THR E 230 -14.75 41.55 6.66
C THR E 230 -13.92 42.77 6.21
N SER E 231 -13.70 43.74 7.10
CA SER E 231 -12.79 44.86 6.83
C SER E 231 -11.40 44.41 6.39
N GLU E 232 -10.98 43.26 6.92
CA GLU E 232 -9.64 42.70 6.68
C GLU E 232 -9.57 41.85 5.43
N GLY E 233 -10.70 41.51 4.84
CA GLY E 233 -10.72 40.56 3.77
C GLY E 233 -11.72 39.44 4.05
N TRP E 234 -11.56 38.30 3.38
CA TRP E 234 -12.48 37.17 3.57
C TRP E 234 -12.04 36.28 4.74
N LEU E 235 -12.90 36.19 5.75
CA LEU E 235 -12.61 35.36 6.91
C LEU E 235 -13.10 33.96 6.61
N CYS E 236 -12.17 33.01 6.58
CA CYS E 236 -12.55 31.67 6.15
C CYS E 236 -12.12 30.64 7.18
N PHE E 237 -13.11 30.05 7.84
CA PHE E 237 -12.86 28.88 8.67
C PHE E 237 -12.61 27.73 7.71
N TYR E 238 -11.66 26.87 8.03
CA TYR E 238 -11.31 25.74 7.16
C TYR E 238 -10.87 24.52 7.99
N HIS E 239 -10.99 23.32 7.42
CA HIS E 239 -10.53 22.14 8.18
C HIS E 239 -9.15 21.71 7.71
N GLY E 240 -8.43 21.06 8.62
CA GLY E 240 -7.10 20.54 8.37
C GLY E 240 -6.98 19.16 9.02
N VAL E 241 -6.09 18.32 8.48
CA VAL E 241 -5.97 16.94 8.94
C VAL E 241 -4.55 16.56 9.32
N LEU E 242 -4.39 15.94 10.49
CA LEU E 242 -3.15 15.28 10.91
C LEU E 242 -3.30 13.74 10.85
N GLU E 243 -2.30 13.07 10.29
CA GLU E 243 -2.37 11.61 10.17
C GLU E 243 -1.55 10.89 11.25
N SER E 244 -2.25 10.19 12.15
CA SER E 244 -1.58 9.35 13.13
C SER E 244 -1.47 7.89 12.65
N CYS E 245 -0.87 7.03 13.46
CA CYS E 245 -0.77 5.63 13.09
C CYS E 245 -2.15 4.99 13.04
N ASN E 246 -3.13 5.62 13.69
CA ASN E 246 -4.47 5.04 13.78
C ASN E 246 -5.50 5.64 12.84
N GLY E 247 -5.11 6.68 12.09
CA GLY E 247 -6.05 7.31 11.18
C GLY E 247 -5.91 8.81 11.09
N PHE E 248 -7.05 9.48 10.97
CA PHE E 248 -7.08 10.90 10.71
C PHE E 248 -7.63 11.68 11.89
N VAL E 249 -7.06 12.85 12.14
CA VAL E 249 -7.63 13.79 13.11
C VAL E 249 -7.96 15.11 12.40
N TYR E 250 -9.24 15.46 12.39
CA TYR E 250 -9.75 16.64 11.72
C TYR E 250 -9.94 17.82 12.68
N SER E 251 -9.12 18.86 12.55
CA SER E 251 -9.34 20.07 13.34
C SER E 251 -9.76 21.20 12.41
N PHE E 252 -10.08 22.38 12.96
CA PHE E 252 -10.31 23.52 12.07
C PHE E 252 -9.78 24.81 12.66
N SER E 253 -9.58 25.79 11.77
CA SER E 253 -8.98 27.05 12.14
C SER E 253 -9.49 28.09 11.17
N ALA E 254 -8.69 29.12 10.93
CA ALA E 254 -9.16 30.18 10.07
C ALA E 254 -8.01 30.90 9.40
N CYS E 255 -8.32 31.46 8.23
CA CYS E 255 -7.38 32.28 7.48
C CYS E 255 -8.12 33.52 6.98
N ILE E 256 -7.35 34.52 6.57
CA ILE E 256 -7.91 35.74 5.99
C ILE E 256 -7.37 35.88 4.59
N LEU E 257 -8.28 36.03 3.64
CA LEU E 257 -7.90 36.10 2.22
C LEU E 257 -8.17 37.49 1.63
N ASP E 258 -7.36 37.86 0.64
CA ASP E 258 -7.51 39.14 -0.02
C ASP E 258 -8.92 39.39 -0.58
N LYS E 259 -9.41 40.62 -0.38
CA LYS E 259 -10.80 40.94 -0.71
C LYS E 259 -11.15 40.70 -2.16
N ASP E 260 -10.20 41.01 -3.06
CA ASP E 260 -10.44 41.05 -4.50
C ASP E 260 -9.92 39.82 -5.21
N GLU E 261 -8.93 39.18 -4.61
CA GLU E 261 -8.39 37.94 -5.14
C GLU E 261 -8.23 36.94 -4.00
N PRO E 262 -9.35 36.27 -3.67
CA PRO E 262 -9.53 35.39 -2.51
C PRO E 262 -8.48 34.26 -2.46
N TRP E 263 -7.84 33.95 -3.58
CA TRP E 263 -6.82 32.91 -3.57
C TRP E 263 -5.49 33.36 -2.96
N LYS E 264 -5.36 34.66 -2.69
CA LYS E 264 -4.16 35.16 -2.03
C LYS E 264 -4.40 35.26 -0.51
N VAL E 265 -3.53 34.67 0.29
CA VAL E 265 -3.79 34.61 1.72
C VAL E 265 -3.06 35.72 2.46
N LYS E 266 -3.81 36.52 3.21
CA LYS E 266 -3.24 37.63 3.98
C LYS E 266 -2.68 37.10 5.28
N TYR E 267 -3.53 36.37 6.01
CA TYR E 267 -3.14 35.71 7.24
C TYR E 267 -3.68 34.29 7.26
N ARG E 268 -2.97 33.44 7.98
CA ARG E 268 -3.36 32.05 8.19
C ARG E 268 -2.95 31.66 9.60
N CYS E 269 -3.92 31.30 10.44
CA CYS E 269 -3.58 30.93 11.81
C CYS E 269 -2.75 29.66 11.86
N ALA E 270 -1.65 29.66 12.60
CA ALA E 270 -0.75 28.51 12.67
C ALA E 270 -1.28 27.41 13.60
N GLU E 271 -2.25 27.77 14.43
CA GLU E 271 -2.83 26.82 15.37
C GLU E 271 -4.22 26.44 14.91
N TYR E 272 -4.65 25.25 15.28
CA TYR E 272 -6.08 24.95 15.17
C TYR E 272 -6.81 25.86 16.18
N LEU E 273 -8.08 26.10 15.94
CA LEU E 273 -8.93 26.86 16.87
C LEU E 273 -9.88 25.94 17.63
N LEU E 274 -10.04 24.72 17.13
CA LEU E 274 -10.86 23.70 17.81
C LEU E 274 -10.46 22.36 17.24
N SER E 275 -10.40 21.35 18.09
CA SER E 275 -9.88 20.05 17.69
C SER E 275 -10.65 19.00 18.48
N PRO E 276 -10.65 17.74 18.00
CA PRO E 276 -11.46 16.72 18.67
C PRO E 276 -10.97 16.41 20.09
N GLN E 277 -11.77 16.76 21.10
CA GLN E 277 -11.33 16.57 22.48
C GLN E 277 -12.44 16.03 23.39
N LYS E 278 -13.69 16.39 23.12
CA LYS E 278 -14.81 15.89 23.93
C LYS E 278 -15.26 14.51 23.48
N ILE E 279 -15.98 13.82 24.35
CA ILE E 279 -16.36 12.44 24.11
C ILE E 279 -17.12 12.33 22.78
N TYR E 280 -17.97 13.32 22.47
CA TYR E 280 -18.80 13.25 21.25
C TYR E 280 -18.03 13.64 19.99
N GLU E 281 -16.80 14.13 20.18
CA GLU E 281 -15.93 14.46 19.06
C GLU E 281 -14.95 13.32 18.77
N CYS E 282 -14.59 12.57 19.81
CA CYS E 282 -13.58 11.53 19.69
C CYS E 282 -14.19 10.15 19.53
N VAL E 283 -15.46 10.00 19.89
CA VAL E 283 -16.13 8.70 19.78
C VAL E 283 -17.36 8.75 18.89
N GLY E 284 -17.36 7.93 17.84
CA GLY E 284 -18.48 7.83 16.93
C GLY E 284 -18.13 6.99 15.71
N ASP E 285 -18.89 7.17 14.62
CA ASP E 285 -18.66 6.46 13.38
C ASP E 285 -17.26 6.70 12.83
N VAL E 286 -16.77 7.93 12.94
CA VAL E 286 -15.39 8.22 12.58
C VAL E 286 -14.73 8.98 13.73
N GLN E 287 -13.76 8.37 14.39
CA GLN E 287 -13.23 8.96 15.60
C GLN E 287 -12.47 10.24 15.25
N ASN E 288 -12.44 11.17 16.21
CA ASN E 288 -11.60 12.37 16.13
C ASN E 288 -11.87 13.24 14.91
N VAL E 289 -13.13 13.65 14.77
CA VAL E 289 -13.51 14.56 13.71
C VAL E 289 -14.30 15.74 14.24
N THR E 290 -13.78 16.95 14.00
CA THR E 290 -14.56 18.18 14.16
C THR E 290 -14.58 18.94 12.84
N PHE E 291 -15.75 19.03 12.23
CA PHE E 291 -15.85 19.40 10.81
C PHE E 291 -16.84 20.51 10.57
N PRO E 292 -16.38 21.77 10.52
CA PRO E 292 -17.30 22.91 10.40
C PRO E 292 -17.87 23.09 9.00
N CYS E 293 -19.19 23.25 8.90
CA CYS E 293 -19.79 23.46 7.58
C CYS E 293 -20.64 24.72 7.48
N ALA E 294 -20.78 25.45 8.59
CA ALA E 294 -21.63 26.65 8.58
C ALA E 294 -21.34 27.54 9.78
N THR E 295 -21.46 28.85 9.59
CA THR E 295 -21.48 29.77 10.73
C THR E 295 -22.60 30.77 10.58
N LEU E 296 -23.00 31.33 11.73
CA LEU E 296 -23.91 32.46 11.81
C LEU E 296 -23.13 33.64 12.35
N VAL E 297 -23.28 34.79 11.70
CA VAL E 297 -22.58 36.01 12.06
C VAL E 297 -23.60 37.11 12.35
N ASP E 298 -23.55 37.68 13.55
CA ASP E 298 -24.38 38.85 13.83
C ASP E 298 -23.55 40.10 13.55
N ALA E 299 -23.82 40.75 12.42
CA ALA E 299 -23.04 41.91 11.99
C ALA E 299 -23.07 43.07 13.00
N ASP E 300 -24.14 43.14 13.80
CA ASP E 300 -24.23 44.16 14.85
C ASP E 300 -23.18 43.99 15.95
N THR E 301 -22.93 42.76 16.33
CA THR E 301 -22.09 42.46 17.48
C THR E 301 -20.80 41.72 17.11
N GLY E 302 -20.83 41.03 15.98
CA GLY E 302 -19.68 40.27 15.52
C GLY E 302 -19.61 38.93 16.24
N ARG E 303 -20.75 38.51 16.78
CA ARG E 303 -20.84 37.23 17.45
C ARG E 303 -20.94 36.15 16.41
N ILE E 304 -20.30 35.01 16.66
CA ILE E 304 -20.35 33.90 15.72
C ILE E 304 -20.82 32.61 16.37
N ALA E 305 -21.82 32.00 15.75
CA ALA E 305 -22.24 30.66 16.07
C ALA E 305 -21.73 29.70 14.99
N ILE E 306 -20.88 28.75 15.39
CA ILE E 306 -20.30 27.80 14.46
C ILE E 306 -20.97 26.43 14.59
N TYR E 307 -21.47 25.90 13.46
CA TYR E 307 -21.97 24.53 13.41
C TYR E 307 -20.85 23.62 12.91
N TYR E 308 -20.61 22.52 13.62
CA TYR E 308 -19.64 21.53 13.14
C TYR E 308 -20.06 20.08 13.44
N GLY E 309 -19.73 19.19 12.51
CA GLY E 309 -19.99 17.77 12.67
C GLY E 309 -18.99 17.17 13.63
N CYS E 310 -19.46 16.21 14.42
CA CYS E 310 -18.64 15.59 15.45
C CYS E 310 -18.56 14.08 15.24
N ALA E 311 -17.36 13.60 14.92
CA ALA E 311 -17.13 12.18 14.78
C ALA E 311 -18.07 11.53 13.72
N ASP E 312 -18.47 12.34 12.75
CA ASP E 312 -19.39 11.92 11.70
C ASP E 312 -20.67 11.30 12.28
N THR E 313 -21.09 11.83 13.42
CA THR E 313 -22.19 11.24 14.15
C THR E 313 -23.25 12.27 14.45
N CYS E 314 -22.82 13.40 14.98
CA CYS E 314 -23.79 14.39 15.43
C CYS E 314 -23.36 15.80 15.08
N VAL E 315 -24.25 16.77 15.29
CA VAL E 315 -23.96 18.18 15.04
C VAL E 315 -23.82 18.93 16.36
N SER E 316 -22.74 19.68 16.49
CA SER E 316 -22.51 20.48 17.68
C SER E 316 -22.37 21.94 17.31
N MET E 317 -22.37 22.79 18.32
CA MET E 317 -22.22 24.21 18.11
C MET E 317 -21.00 24.74 18.90
N ALA E 318 -20.49 25.89 18.48
CA ALA E 318 -19.44 26.58 19.22
C ALA E 318 -19.50 28.08 18.93
N PHE E 319 -18.94 28.87 19.86
CA PHE E 319 -19.06 30.32 19.75
C PHE E 319 -17.71 31.01 19.73
N THR E 320 -17.69 32.19 19.13
CA THR E 320 -16.54 33.08 19.16
C THR E 320 -16.96 34.40 18.56
N THR E 321 -16.03 35.34 18.45
CA THR E 321 -16.35 36.63 17.82
C THR E 321 -15.35 36.95 16.71
N VAL E 322 -15.82 37.70 15.72
CA VAL E 322 -15.00 38.10 14.59
C VAL E 322 -13.73 38.81 15.04
N ASP E 323 -13.86 39.71 16.01
CA ASP E 323 -12.69 40.38 16.57
C ASP E 323 -11.71 39.38 17.17
N ASP E 324 -12.24 38.45 17.95
CA ASP E 324 -11.39 37.48 18.64
C ASP E 324 -10.65 36.59 17.64
N VAL E 325 -11.35 36.15 16.61
CA VAL E 325 -10.73 35.26 15.62
C VAL E 325 -9.69 36.01 14.78
N VAL E 326 -10.08 37.16 14.24
CA VAL E 326 -9.17 38.00 13.44
C VAL E 326 -7.90 38.35 14.22
N ASP E 327 -8.07 38.87 15.43
CA ASP E 327 -6.93 39.16 16.30
C ASP E 327 -5.96 37.98 16.42
N TYR E 328 -6.50 36.81 16.78
CA TYR E 328 -5.68 35.62 16.99
C TYR E 328 -5.03 35.16 15.69
N VAL E 329 -5.82 35.10 14.61
CA VAL E 329 -5.30 34.80 13.28
C VAL E 329 -4.06 35.64 12.97
N LYS E 330 -4.20 36.96 13.07
CA LYS E 330 -3.07 37.86 12.78
C LYS E 330 -1.91 37.69 13.76
N SER E 331 -2.22 37.57 15.05
CA SER E 331 -1.14 37.45 16.03
C SER E 331 -0.41 36.09 16.00
N HIS E 332 -1.00 35.08 15.37
CA HIS E 332 -0.31 33.79 15.27
C HIS E 332 -0.21 33.32 13.82
N SER E 333 0.14 34.25 12.94
CA SER E 333 0.11 33.97 11.52
C SER E 333 1.23 33.05 11.06
N SER E 334 0.87 32.08 10.24
CA SER E 334 1.80 31.14 9.61
C SER E 334 2.60 31.85 8.52
N VAL E 335 2.07 31.83 7.30
CA VAL E 335 2.74 32.44 6.13
C VAL E 335 1.74 33.03 5.13
N MET F 1 -47.94 -16.47 15.57
CA MET F 1 -46.84 -15.97 14.76
C MET F 1 -47.07 -16.26 13.29
N LYS F 2 -46.66 -15.32 12.45
CA LYS F 2 -46.88 -15.43 11.00
C LYS F 2 -45.86 -16.36 10.37
N THR F 3 -44.62 -16.24 10.81
CA THR F 3 -43.59 -17.14 10.31
C THR F 3 -43.34 -18.21 11.35
N GLN F 4 -43.37 -19.46 10.93
CA GLN F 4 -43.19 -20.58 11.85
C GLN F 4 -41.72 -20.96 11.98
N ILE F 5 -41.33 -21.32 13.19
CA ILE F 5 -40.02 -21.90 13.42
C ILE F 5 -40.09 -23.38 13.12
N ILE F 6 -39.18 -23.85 12.27
CA ILE F 6 -39.14 -25.24 11.85
C ILE F 6 -37.96 -25.96 12.50
N ASN F 7 -38.19 -27.17 12.98
CA ASN F 7 -37.17 -27.93 13.71
C ASN F 7 -36.52 -27.11 14.81
N GLY F 8 -37.31 -26.25 15.45
CA GLY F 8 -36.83 -25.46 16.57
C GLY F 8 -37.00 -26.21 17.87
N VAL F 9 -36.76 -25.53 18.98
CA VAL F 9 -36.93 -26.11 20.30
C VAL F 9 -37.72 -25.16 21.20
N SER F 10 -38.33 -25.73 22.23
CA SER F 10 -39.10 -24.96 23.19
C SER F 10 -38.17 -24.38 24.26
N LEU F 11 -38.16 -23.06 24.39
CA LEU F 11 -37.27 -22.38 25.33
C LEU F 11 -38.02 -21.32 26.14
N PRO F 12 -38.97 -21.72 27.00
CA PRO F 12 -39.67 -20.70 27.78
C PRO F 12 -38.73 -19.89 28.68
N ASN F 13 -37.57 -20.46 29.00
CA ASN F 13 -36.58 -19.83 29.86
C ASN F 13 -35.52 -19.02 29.10
N ILE F 14 -35.74 -18.76 27.81
CA ILE F 14 -34.83 -17.95 27.02
C ILE F 14 -34.59 -16.60 27.70
N PRO F 15 -33.32 -16.15 27.77
CA PRO F 15 -33.06 -14.81 28.31
C PRO F 15 -33.89 -13.79 27.53
N TRP F 16 -34.56 -12.89 28.25
CA TRP F 16 -35.52 -12.01 27.62
C TRP F 16 -35.79 -10.74 28.42
N GLN F 17 -35.80 -9.62 27.69
CA GLN F 17 -36.36 -8.38 28.19
C GLN F 17 -37.32 -7.93 27.11
N ASP F 18 -38.44 -7.31 27.49
CA ASP F 18 -39.38 -6.83 26.47
C ASP F 18 -38.86 -5.58 25.77
N LYS F 19 -39.38 -5.34 24.58
CA LYS F 19 -39.04 -4.15 23.81
C LYS F 19 -39.62 -2.90 24.47
N PRO F 20 -38.73 -1.95 24.82
CA PRO F 20 -39.16 -0.69 25.44
C PRO F 20 -40.13 0.06 24.54
N ALA F 21 -40.99 0.90 25.13
CA ALA F 21 -42.00 1.62 24.38
C ALA F 21 -41.39 2.69 23.48
N ASP F 22 -40.29 3.30 23.95
CA ASP F 22 -39.62 4.35 23.19
C ASP F 22 -38.87 3.79 21.97
N CYS F 23 -38.69 2.48 21.92
CA CYS F 23 -37.80 1.85 20.95
C CYS F 23 -38.39 1.77 19.55
N LYS F 24 -37.64 2.27 18.57
CA LYS F 24 -38.10 2.30 17.19
C LYS F 24 -37.30 1.34 16.28
N ASP F 25 -36.57 0.41 16.89
CA ASP F 25 -35.71 -0.48 16.11
C ASP F 25 -36.23 -1.90 16.08
N VAL F 26 -35.80 -2.68 15.09
CA VAL F 26 -36.16 -4.09 15.00
C VAL F 26 -35.52 -4.89 16.15
N ILE F 27 -34.35 -4.43 16.60
CA ILE F 27 -33.57 -5.12 17.63
C ILE F 27 -33.20 -4.19 18.76
N TRP F 28 -33.46 -4.62 20.00
CA TRP F 28 -33.16 -3.78 21.15
C TRP F 28 -32.17 -4.43 22.10
N ARG F 29 -31.30 -3.62 22.70
CA ARG F 29 -30.25 -4.17 23.53
C ARG F 29 -30.72 -4.48 24.92
N TYR F 30 -30.14 -5.52 25.48
CA TYR F 30 -30.26 -5.85 26.90
C TYR F 30 -29.83 -4.65 27.74
N ASP F 31 -30.59 -4.28 28.76
CA ASP F 31 -30.29 -3.02 29.46
C ASP F 31 -29.08 -3.04 30.39
N ALA F 32 -28.43 -4.19 30.56
CA ALA F 32 -27.25 -4.23 31.43
C ALA F 32 -26.00 -4.78 30.75
N ASN F 33 -25.81 -4.41 29.48
CA ASN F 33 -24.63 -4.82 28.73
C ASN F 33 -23.37 -4.20 29.30
N PRO F 34 -22.24 -4.94 29.24
CA PRO F 34 -22.14 -6.27 28.66
C PRO F 34 -22.50 -7.39 29.66
N ILE F 35 -22.87 -8.56 29.15
CA ILE F 35 -23.23 -9.67 30.03
C ILE F 35 -21.98 -10.45 30.43
N ILE F 36 -20.93 -10.34 29.63
CA ILE F 36 -19.63 -10.91 29.99
C ILE F 36 -18.55 -9.85 29.80
N PRO F 37 -17.98 -9.36 30.91
CA PRO F 37 -16.96 -8.30 30.82
C PRO F 37 -15.60 -8.89 30.44
N ARG F 38 -14.68 -8.04 30.00
CA ARG F 38 -13.38 -8.48 29.47
C ARG F 38 -12.51 -9.22 30.48
N ASP F 39 -12.76 -8.96 31.76
CA ASP F 39 -11.88 -9.44 32.81
C ASP F 39 -12.58 -10.48 33.69
N GLN F 40 -13.60 -11.14 33.16
CA GLN F 40 -14.31 -12.12 33.97
C GLN F 40 -13.38 -13.28 34.38
N LEU F 41 -12.42 -13.62 33.54
CA LEU F 41 -11.42 -14.63 33.89
C LEU F 41 -10.17 -13.96 34.42
N PRO F 42 -9.43 -14.63 35.32
CA PRO F 42 -8.20 -14.04 35.84
C PRO F 42 -7.18 -13.77 34.72
N THR F 43 -7.25 -14.56 33.66
CA THR F 43 -6.28 -14.45 32.57
C THR F 43 -6.81 -13.77 31.32
N SER F 44 -8.07 -13.33 31.34
CA SER F 44 -8.69 -12.82 30.12
C SER F 44 -8.34 -11.36 29.83
N ASN F 45 -7.84 -11.09 28.63
CA ASN F 45 -7.73 -9.73 28.11
C ASN F 45 -9.07 -9.25 27.53
N SER F 46 -9.83 -10.19 27.00
CA SER F 46 -11.10 -9.90 26.33
C SER F 46 -11.84 -11.20 26.14
N ILE F 47 -13.15 -11.13 26.27
CA ILE F 47 -13.99 -12.25 25.96
C ILE F 47 -15.08 -11.74 25.02
N PHE F 48 -15.14 -12.30 23.81
CA PHE F 48 -16.12 -11.85 22.83
C PHE F 48 -16.44 -12.93 21.80
N ASN F 49 -17.16 -12.54 20.75
CA ASN F 49 -17.50 -13.44 19.62
C ASN F 49 -17.82 -14.90 19.98
N SER F 50 -18.83 -15.15 20.82
CA SER F 50 -18.98 -16.47 21.42
C SER F 50 -20.25 -17.26 21.13
N ALA F 51 -20.10 -18.57 21.16
CA ALA F 51 -21.14 -19.51 20.75
C ALA F 51 -21.95 -19.98 21.93
N VAL F 52 -23.27 -20.09 21.75
CA VAL F 52 -24.17 -20.42 22.84
C VAL F 52 -25.32 -21.32 22.37
N VAL F 53 -25.59 -22.41 23.10
CA VAL F 53 -26.75 -23.27 22.84
C VAL F 53 -27.48 -23.70 24.10
N PRO F 54 -28.75 -24.12 23.95
CA PRO F 54 -29.38 -24.83 25.07
C PRO F 54 -28.65 -26.13 25.33
N TYR F 55 -28.43 -26.43 26.60
CA TYR F 55 -27.86 -27.70 27.02
C TYR F 55 -28.05 -27.89 28.51
N GLU F 56 -28.70 -28.99 28.87
CA GLU F 56 -29.04 -29.28 30.26
C GLU F 56 -27.81 -29.87 30.94
N SER F 57 -27.27 -29.13 31.90
CA SER F 57 -26.03 -29.53 32.57
C SER F 57 -26.17 -29.53 34.10
N GLU F 58 -25.14 -30.04 34.78
CA GLU F 58 -25.03 -29.90 36.23
C GLU F 58 -24.83 -28.45 36.62
N LYS F 59 -24.42 -27.62 35.65
CA LYS F 59 -24.07 -26.24 35.95
C LYS F 59 -25.03 -25.23 35.34
N GLY F 60 -26.06 -25.72 34.66
CA GLY F 60 -27.04 -24.80 34.12
C GLY F 60 -27.90 -25.38 33.02
N LYS F 61 -28.52 -24.47 32.27
CA LYS F 61 -29.44 -24.80 31.18
C LYS F 61 -28.87 -24.44 29.80
N PHE F 62 -27.75 -23.70 29.81
CA PHE F 62 -27.07 -23.32 28.57
C PHE F 62 -25.59 -23.63 28.68
N ALA F 63 -25.00 -24.00 27.55
CA ALA F 63 -23.57 -24.13 27.48
C ALA F 63 -23.08 -23.30 26.30
N GLY F 64 -21.77 -23.10 26.24
CA GLY F 64 -21.18 -22.38 25.14
C GLY F 64 -19.71 -22.64 24.95
N VAL F 65 -19.19 -22.16 23.82
CA VAL F 65 -17.76 -22.08 23.59
C VAL F 65 -17.41 -20.61 23.45
N PHE F 66 -16.38 -20.17 24.16
CA PHE F 66 -16.11 -18.75 24.25
C PHE F 66 -14.74 -18.41 23.72
N ARG F 67 -14.69 -17.42 22.82
CA ARG F 67 -13.42 -16.88 22.41
C ARG F 67 -12.85 -16.08 23.59
N VAL F 68 -11.71 -16.51 24.07
CA VAL F 68 -11.04 -15.78 25.14
C VAL F 68 -9.66 -15.38 24.65
N ASP F 69 -9.33 -14.09 24.73
CA ASP F 69 -8.00 -13.67 24.37
C ASP F 69 -7.27 -13.35 25.69
N ASP F 70 -6.08 -13.90 25.87
CA ASP F 70 -5.41 -13.79 27.15
C ASP F 70 -4.45 -12.62 27.14
N LYS F 71 -3.66 -12.49 28.20
CA LYS F 71 -2.79 -11.33 28.36
C LYS F 71 -1.50 -11.46 27.55
N CYS F 72 -1.39 -12.55 26.79
CA CYS F 72 -0.43 -12.63 25.69
C CYS F 72 -1.07 -12.11 24.39
N ARG F 73 -2.38 -11.86 24.44
CA ARG F 73 -3.21 -11.62 23.26
C ARG F 73 -3.28 -12.87 22.36
N ASN F 74 -2.90 -14.03 22.91
CA ASN F 74 -3.20 -15.30 22.24
C ASN F 74 -4.70 -15.51 22.16
N MET F 75 -5.15 -16.21 21.13
CA MET F 75 -6.57 -16.47 20.94
C MET F 75 -6.95 -17.93 21.22
N GLU F 76 -7.95 -18.12 22.08
CA GLU F 76 -8.29 -19.43 22.66
C GLU F 76 -9.78 -19.64 22.77
N LEU F 77 -10.17 -20.90 22.83
CA LEU F 77 -11.54 -21.33 23.13
C LEU F 77 -11.69 -21.93 24.55
N HIS F 78 -12.71 -21.47 25.28
CA HIS F 78 -13.03 -21.95 26.63
C HIS F 78 -14.49 -22.38 26.70
N ALA F 79 -14.74 -23.54 27.32
CA ALA F 79 -16.11 -23.96 27.56
C ALA F 79 -16.72 -23.14 28.70
N GLY F 80 -18.02 -22.87 28.59
CA GLY F 80 -18.71 -22.12 29.62
C GLY F 80 -20.11 -22.66 29.84
N PHE F 81 -20.71 -22.26 30.96
CA PHE F 81 -22.01 -22.78 31.36
C PHE F 81 -22.81 -21.70 32.05
N SER F 82 -24.13 -21.76 31.91
CA SER F 82 -24.99 -20.77 32.55
C SER F 82 -26.37 -21.32 32.85
N LYS F 83 -26.94 -20.85 33.95
CA LYS F 83 -28.28 -21.27 34.36
C LYS F 83 -29.35 -20.44 33.65
N ASP F 84 -29.10 -19.14 33.51
CA ASP F 84 -30.08 -18.24 32.90
C ASP F 84 -29.68 -17.73 31.51
N GLY F 85 -28.46 -18.04 31.07
CA GLY F 85 -27.99 -17.63 29.76
C GLY F 85 -27.45 -16.21 29.70
N ILE F 86 -27.37 -15.58 30.88
CA ILE F 86 -26.92 -14.19 31.00
C ILE F 86 -25.68 -14.12 31.88
N HIS F 87 -25.70 -14.85 32.99
CA HIS F 87 -24.54 -14.92 33.87
C HIS F 87 -23.78 -16.21 33.60
N TRP F 88 -22.50 -16.12 33.27
CA TRP F 88 -21.78 -17.31 32.79
C TRP F 88 -20.64 -17.76 33.69
N ASP F 89 -20.52 -19.07 33.81
CA ASP F 89 -19.37 -19.72 34.45
C ASP F 89 -18.48 -20.29 33.36
N ILE F 90 -17.43 -19.55 33.05
CA ILE F 90 -16.54 -19.88 31.97
C ILE F 90 -15.30 -20.58 32.53
N ASN F 91 -14.97 -21.74 31.98
CA ASN F 91 -13.75 -22.47 32.34
C ASN F 91 -12.52 -21.57 32.30
N PRO F 92 -11.69 -21.60 33.37
CA PRO F 92 -10.50 -20.76 33.50
C PRO F 92 -9.42 -21.13 32.49
N ASP F 93 -9.49 -22.36 31.97
CA ASP F 93 -8.46 -22.88 31.08
C ASP F 93 -9.04 -23.20 29.71
N ARG F 94 -8.18 -23.20 28.70
CA ARG F 94 -8.64 -23.42 27.34
C ARG F 94 -9.09 -24.86 27.11
N ILE F 95 -9.92 -25.05 26.10
CA ILE F 95 -10.19 -26.37 25.60
C ILE F 95 -8.90 -26.94 24.99
N VAL F 96 -8.54 -28.13 25.42
CA VAL F 96 -7.50 -28.93 24.78
C VAL F 96 -8.15 -30.07 24.01
N PHE F 97 -8.12 -30.00 22.68
CA PHE F 97 -8.87 -30.96 21.89
C PHE F 97 -8.26 -32.35 21.96
N GLU F 98 -9.10 -33.36 21.82
CA GLU F 98 -8.63 -34.70 21.49
C GLU F 98 -8.99 -34.95 20.04
N GLN F 99 -8.17 -35.71 19.33
CA GLN F 99 -8.47 -36.00 17.95
C GLN F 99 -9.52 -37.10 17.93
N ALA F 100 -10.55 -36.92 17.11
CA ALA F 100 -11.57 -37.94 16.96
C ALA F 100 -10.96 -39.22 16.38
N GLU F 101 -10.04 -39.04 15.43
CA GLU F 101 -9.40 -40.16 14.73
C GLU F 101 -7.89 -40.05 14.80
N LYS F 102 -7.21 -41.20 14.76
CA LYS F 102 -5.76 -41.26 14.77
C LYS F 102 -5.14 -40.46 13.61
N SER F 103 -5.83 -40.44 12.47
CA SER F 103 -5.28 -39.87 11.26
C SER F 103 -5.06 -38.34 11.30
N THR F 104 -5.57 -37.66 12.33
CA THR F 104 -5.30 -36.23 12.47
C THR F 104 -4.30 -35.91 13.57
N GLU F 105 -3.75 -36.94 14.21
CA GLU F 105 -2.80 -36.74 15.32
C GLU F 105 -1.60 -35.88 14.95
N GLU F 106 -1.07 -36.09 13.74
CA GLU F 106 0.10 -35.35 13.25
C GLU F 106 -0.25 -33.96 12.75
N VAL F 107 -1.43 -33.84 12.13
CA VAL F 107 -1.82 -32.62 11.47
C VAL F 107 -2.23 -31.52 12.41
N ASN F 108 -3.16 -31.85 13.29
CA ASN F 108 -3.81 -30.84 14.11
C ASN F 108 -3.00 -30.47 15.34
N GLN F 109 -2.06 -29.57 15.15
CA GLN F 109 -1.34 -28.97 16.26
C GLN F 109 -2.11 -27.72 16.70
N TRP F 110 -2.16 -27.46 18.00
CA TRP F 110 -2.83 -26.25 18.47
C TRP F 110 -1.95 -25.02 18.33
N GLY F 111 -2.38 -24.08 17.49
CA GLY F 111 -1.76 -22.77 17.38
C GLY F 111 -2.67 -21.67 17.93
N TYR F 112 -3.79 -21.42 17.26
CA TYR F 112 -4.83 -20.55 17.84
C TYR F 112 -6.23 -20.94 17.39
N GLY F 113 -7.22 -20.31 18.02
CA GLY F 113 -8.61 -20.52 17.63
C GLY F 113 -9.45 -19.33 18.08
N TYR F 114 -10.38 -18.90 17.23
CA TYR F 114 -11.29 -17.84 17.65
C TYR F 114 -12.62 -17.91 16.93
N ASP F 115 -13.57 -17.13 17.44
CA ASP F 115 -14.88 -16.98 16.84
C ASP F 115 -15.61 -18.30 16.57
N PRO F 116 -15.81 -19.12 17.63
CA PRO F 116 -16.56 -20.35 17.46
C PRO F 116 -18.02 -20.13 17.12
N ARG F 117 -18.57 -21.10 16.40
CA ARG F 117 -20.00 -21.25 16.26
C ARG F 117 -20.31 -22.70 16.64
N VAL F 118 -21.48 -22.93 17.24
CA VAL F 118 -21.85 -24.24 17.74
C VAL F 118 -23.32 -24.50 17.50
N CYS F 119 -23.64 -25.72 17.08
CA CYS F 119 -25.04 -26.13 16.98
C CYS F 119 -25.18 -27.62 17.10
N PHE F 120 -26.34 -28.07 17.54
CA PHE F 120 -26.64 -29.50 17.64
C PHE F 120 -27.09 -30.05 16.29
N ILE F 121 -26.58 -31.22 15.94
CA ILE F 121 -27.02 -31.93 14.73
C ILE F 121 -27.15 -33.41 15.02
N GLU F 122 -28.36 -33.94 14.94
CA GLU F 122 -28.63 -35.38 15.02
C GLU F 122 -28.28 -35.97 16.39
N ASP F 123 -27.00 -36.16 16.67
CA ASP F 123 -26.64 -36.83 17.92
C ASP F 123 -25.57 -36.11 18.76
N ARG F 124 -25.15 -34.91 18.36
CA ARG F 124 -24.05 -34.24 19.06
C ARG F 124 -23.92 -32.75 18.74
N PHE F 125 -23.09 -32.04 19.49
CA PHE F 125 -22.85 -30.62 19.20
C PHE F 125 -21.59 -30.46 18.35
N TRP F 126 -21.75 -29.79 17.22
CA TRP F 126 -20.67 -29.48 16.32
C TRP F 126 -20.13 -28.06 16.56
N VAL F 127 -18.81 -27.97 16.64
CA VAL F 127 -18.13 -26.69 16.83
C VAL F 127 -17.36 -26.37 15.57
N THR F 128 -17.51 -25.14 15.09
CA THR F 128 -16.59 -24.63 14.08
C THR F 128 -15.97 -23.35 14.60
N TRP F 129 -14.75 -23.06 14.14
CA TRP F 129 -14.06 -21.87 14.61
C TRP F 129 -12.97 -21.55 13.63
N CYS F 130 -12.41 -20.34 13.72
CA CYS F 130 -11.27 -20.00 12.86
C CYS F 130 -10.01 -20.54 13.52
N ASN F 131 -9.45 -21.55 12.86
CA ASN F 131 -8.40 -22.39 13.42
C ASN F 131 -7.09 -22.25 12.67
N ALA F 132 -5.99 -22.24 13.41
CA ALA F 132 -4.69 -22.07 12.79
C ALA F 132 -4.16 -23.39 12.32
N TYR F 133 -3.87 -23.47 11.03
CA TYR F 133 -3.12 -24.60 10.49
C TYR F 133 -1.81 -24.01 9.98
N GLY F 134 -0.71 -24.30 10.67
CA GLY F 134 0.55 -23.65 10.38
C GLY F 134 0.44 -22.13 10.43
N TRP F 135 -0.27 -21.61 11.43
CA TRP F 135 -0.48 -20.18 11.64
C TRP F 135 -1.19 -19.47 10.47
N LYS F 136 -1.92 -20.24 9.68
CA LYS F 136 -2.78 -19.69 8.64
C LYS F 136 -4.23 -20.03 8.99
N PRO F 137 -5.13 -19.04 8.86
CA PRO F 137 -6.53 -19.22 9.21
C PRO F 137 -7.33 -20.12 8.25
N THR F 138 -7.90 -21.18 8.82
CA THR F 138 -8.90 -21.98 8.11
C THR F 138 -10.07 -22.28 9.06
N ILE F 139 -10.91 -23.23 8.69
CA ILE F 139 -12.03 -23.59 9.54
C ILE F 139 -11.78 -24.91 10.30
N GLY F 140 -11.58 -24.81 11.61
CA GLY F 140 -11.48 -25.98 12.46
C GLY F 140 -12.87 -26.57 12.64
N VAL F 141 -12.91 -27.88 12.89
CA VAL F 141 -14.16 -28.62 13.06
C VAL F 141 -13.99 -29.58 14.22
N ALA F 142 -14.98 -29.62 15.10
CA ALA F 142 -14.94 -30.56 16.22
C ALA F 142 -16.37 -30.93 16.69
N TYR F 143 -16.48 -31.97 17.52
CA TYR F 143 -17.78 -32.23 18.13
C TYR F 143 -17.66 -32.55 19.62
N THR F 144 -18.80 -32.48 20.29
CA THR F 144 -18.85 -32.78 21.70
C THR F 144 -20.25 -33.23 22.08
N PHE F 145 -20.32 -34.05 23.12
CA PHE F 145 -21.60 -34.55 23.65
C PHE F 145 -21.94 -33.84 24.95
N ASP F 146 -20.92 -33.29 25.62
CA ASP F 146 -21.07 -32.83 27.00
C ASP F 146 -20.43 -31.48 27.34
N PHE F 147 -19.86 -30.82 26.32
CA PHE F 147 -19.05 -29.61 26.53
C PHE F 147 -17.97 -29.81 27.61
N LYS F 148 -17.53 -31.05 27.78
CA LYS F 148 -16.39 -31.35 28.65
C LYS F 148 -15.22 -31.83 27.81
N THR F 149 -15.49 -32.82 26.96
CA THR F 149 -14.47 -33.33 26.06
C THR F 149 -14.80 -32.89 24.64
N PHE F 150 -13.77 -32.45 23.91
CA PHE F 150 -13.96 -31.98 22.55
C PHE F 150 -13.10 -32.81 21.60
N TYR F 151 -13.76 -33.38 20.59
CA TYR F 151 -13.10 -34.25 19.63
C TYR F 151 -12.89 -33.53 18.32
N GLN F 152 -11.63 -33.24 18.03
CA GLN F 152 -11.31 -32.45 16.85
C GLN F 152 -11.31 -33.26 15.55
N CYS F 153 -11.87 -32.68 14.51
CA CYS F 153 -11.93 -33.32 13.19
C CYS F 153 -10.98 -32.62 12.21
N GLU F 154 -11.01 -33.06 10.96
CA GLU F 154 -10.18 -32.44 9.94
C GLU F 154 -10.60 -30.98 9.73
N ASN F 155 -9.62 -30.11 9.43
CA ASN F 155 -9.96 -28.77 8.99
C ASN F 155 -10.75 -28.96 7.72
N ALA F 156 -11.88 -28.27 7.63
CA ALA F 156 -12.79 -28.44 6.52
C ALA F 156 -12.18 -27.95 5.21
N PHE F 157 -11.43 -26.87 5.28
CA PHE F 157 -10.92 -26.22 4.07
C PHE F 157 -9.45 -25.90 4.15
N LEU F 158 -8.90 -25.60 2.99
CA LEU F 158 -7.62 -24.95 2.91
C LEU F 158 -7.74 -23.53 3.46
N PRO F 159 -6.64 -23.01 4.06
CA PRO F 159 -6.58 -21.56 4.30
C PRO F 159 -6.70 -20.88 2.94
N PHE F 160 -7.07 -19.59 2.85
CA PHE F 160 -7.34 -18.72 3.98
C PHE F 160 -8.85 -18.53 4.10
N ASN F 161 -9.38 -18.86 5.26
CA ASN F 161 -10.82 -18.88 5.40
C ASN F 161 -11.23 -18.60 6.83
N ARG F 162 -12.40 -18.00 7.00
CA ARG F 162 -12.91 -17.58 8.30
C ARG F 162 -14.44 -17.58 8.24
N ASN F 163 -15.10 -17.48 9.39
CA ASN F 163 -16.56 -17.46 9.47
C ASN F 163 -17.24 -18.73 8.92
N GLY F 164 -16.72 -19.88 9.35
CA GLY F 164 -17.36 -21.17 9.07
C GLY F 164 -18.54 -21.40 10.01
N VAL F 165 -19.74 -21.56 9.43
CA VAL F 165 -20.95 -21.72 10.24
C VAL F 165 -21.81 -22.85 9.64
N LEU F 166 -22.05 -23.89 10.44
CA LEU F 166 -22.83 -25.05 9.97
C LEU F 166 -24.33 -24.76 9.95
N PHE F 167 -25.03 -25.27 8.95
CA PHE F 167 -26.49 -25.32 9.01
C PHE F 167 -26.83 -26.41 10.01
N PRO F 168 -27.98 -26.30 10.70
CA PRO F 168 -28.22 -27.18 11.86
C PRO F 168 -28.87 -28.53 11.53
N ARG F 169 -28.96 -28.87 10.25
CA ARG F 169 -29.34 -30.22 9.83
C ARG F 169 -28.73 -30.46 8.47
N LYS F 170 -28.77 -31.71 8.01
CA LYS F 170 -28.39 -31.98 6.65
C LYS F 170 -29.45 -31.40 5.74
N ILE F 171 -29.03 -31.07 4.54
CA ILE F 171 -29.92 -30.57 3.49
C ILE F 171 -29.63 -31.42 2.27
N ASN F 172 -30.66 -32.07 1.75
CA ASN F 172 -30.49 -33.02 0.64
C ASN F 172 -29.40 -34.05 0.90
N GLY F 173 -29.29 -34.50 2.15
CA GLY F 173 -28.38 -35.58 2.50
C GLY F 173 -26.94 -35.20 2.80
N LYS F 174 -26.67 -33.90 2.84
CA LYS F 174 -25.31 -33.39 2.99
C LYS F 174 -25.25 -32.31 4.07
N TYR F 175 -24.15 -32.29 4.83
CA TYR F 175 -23.87 -31.17 5.72
C TYR F 175 -23.58 -29.94 4.87
N VAL F 176 -24.04 -28.79 5.33
CA VAL F 176 -23.78 -27.53 4.63
C VAL F 176 -23.18 -26.52 5.59
N MET F 177 -22.09 -25.89 5.17
CA MET F 177 -21.44 -24.90 6.01
C MET F 177 -21.23 -23.62 5.22
N PHE F 178 -21.61 -22.50 5.82
CA PHE F 178 -21.16 -21.16 5.40
C PHE F 178 -19.64 -21.09 5.55
N SER F 179 -18.93 -20.48 4.61
CA SER F 179 -17.61 -19.95 4.94
C SER F 179 -17.37 -18.62 4.23
N ARG F 180 -16.13 -18.12 4.31
CA ARG F 180 -15.83 -16.78 3.84
C ARG F 180 -14.34 -16.66 3.47
N PRO F 181 -14.00 -16.97 2.22
CA PRO F 181 -12.62 -16.92 1.74
C PRO F 181 -11.95 -15.60 2.10
N SER F 182 -10.75 -15.69 2.65
CA SER F 182 -10.05 -14.54 3.23
C SER F 182 -8.61 -14.54 2.71
N ASP F 183 -7.75 -13.77 3.38
CA ASP F 183 -6.31 -13.74 3.06
C ASP F 183 -5.49 -13.84 4.35
N SER F 184 -4.23 -13.44 4.29
CA SER F 184 -3.33 -13.67 5.44
C SER F 184 -3.31 -12.53 6.46
N GLY F 185 -4.13 -11.49 6.26
CA GLY F 185 -4.16 -10.37 7.20
C GLY F 185 -5.54 -9.88 7.59
N HIS F 186 -5.70 -8.54 7.59
CA HIS F 186 -6.97 -7.89 7.89
C HIS F 186 -7.77 -7.76 6.61
N THR F 187 -8.35 -8.88 6.22
CA THR F 187 -8.94 -9.08 4.91
C THR F 187 -9.84 -7.94 4.42
N PRO F 188 -9.44 -7.30 3.29
CA PRO F 188 -10.14 -6.18 2.69
C PRO F 188 -11.22 -6.60 1.69
N PHE F 189 -11.72 -7.83 1.82
CA PHE F 189 -12.73 -8.36 0.91
C PHE F 189 -13.51 -9.46 1.61
N GLY F 190 -14.59 -9.91 0.98
CA GLY F 190 -15.26 -11.09 1.53
C GLY F 190 -16.69 -11.34 1.11
N ASP F 191 -16.88 -12.48 0.44
CA ASP F 191 -18.18 -12.98 0.03
C ASP F 191 -18.58 -14.21 0.84
N MET F 192 -19.87 -14.38 1.06
CA MET F 192 -20.36 -15.57 1.73
C MET F 192 -20.53 -16.71 0.72
N PHE F 193 -20.02 -17.88 1.08
CA PHE F 193 -20.15 -19.11 0.27
C PHE F 193 -20.76 -20.23 1.12
N ILE F 194 -21.28 -21.26 0.48
CA ILE F 194 -21.51 -22.51 1.21
C ILE F 194 -20.70 -23.63 0.59
N SER F 195 -20.39 -24.64 1.39
CA SER F 195 -19.84 -25.88 0.90
C SER F 195 -20.66 -27.07 1.43
N GLN F 196 -20.55 -28.21 0.77
CA GLN F 196 -21.39 -29.34 1.09
C GLN F 196 -20.54 -30.57 1.34
N SER F 197 -20.93 -31.37 2.33
CA SER F 197 -20.20 -32.59 2.70
C SER F 197 -21.11 -33.77 3.04
N PRO F 198 -20.82 -34.95 2.48
CA PRO F 198 -21.62 -36.11 2.93
C PRO F 198 -21.23 -36.59 4.34
N ASP F 199 -19.99 -36.34 4.75
CA ASP F 199 -19.45 -37.02 5.91
C ASP F 199 -18.73 -36.13 6.90
N MET F 200 -18.83 -34.81 6.72
CA MET F 200 -18.10 -33.85 7.56
C MET F 200 -16.58 -33.92 7.42
N LYS F 201 -16.07 -34.56 6.37
CA LYS F 201 -14.64 -34.58 6.15
C LYS F 201 -14.26 -34.03 4.78
N TYR F 202 -14.98 -34.45 3.76
CA TYR F 202 -14.66 -34.06 2.40
C TYR F 202 -15.72 -33.06 1.99
N TRP F 203 -15.28 -31.93 1.42
CA TRP F 203 -16.16 -30.80 1.11
C TRP F 203 -16.12 -30.46 -0.37
N GLY F 204 -17.23 -29.98 -0.89
CA GLY F 204 -17.35 -29.73 -2.32
C GLY F 204 -18.71 -29.16 -2.68
N GLU F 205 -18.97 -29.03 -3.99
CA GLU F 205 -20.19 -28.40 -4.51
C GLU F 205 -20.32 -26.98 -3.96
N HIS F 206 -19.23 -26.23 -4.07
CA HIS F 206 -19.17 -24.90 -3.52
C HIS F 206 -20.12 -23.99 -4.26
N ARG F 207 -20.89 -23.21 -3.53
CA ARG F 207 -21.81 -22.28 -4.16
C ARG F 207 -21.70 -20.92 -3.49
N HIS F 208 -21.68 -19.88 -4.31
CA HIS F 208 -21.60 -18.50 -3.85
C HIS F 208 -22.97 -18.05 -3.36
N VAL F 209 -23.01 -17.55 -2.13
CA VAL F 209 -24.26 -17.04 -1.55
C VAL F 209 -24.49 -15.57 -1.96
N MET F 210 -23.59 -14.69 -1.52
CA MET F 210 -23.72 -13.27 -1.79
C MET F 210 -22.44 -12.52 -1.36
N GLY F 211 -22.31 -11.28 -1.81
CA GLY F 211 -21.18 -10.46 -1.45
C GLY F 211 -21.64 -9.08 -1.01
N PRO F 212 -20.67 -8.17 -0.76
CA PRO F 212 -20.96 -6.81 -0.28
C PRO F 212 -21.96 -6.10 -1.18
N LEU F 213 -22.81 -5.25 -0.63
CA LEU F 213 -23.84 -4.61 -1.43
C LEU F 213 -24.15 -3.18 -1.02
N ARG F 214 -24.78 -3.00 0.14
CA ARG F 214 -25.13 -1.67 0.59
C ARG F 214 -23.94 -1.04 1.28
N ALA F 215 -23.98 0.28 1.44
CA ALA F 215 -22.84 1.03 1.97
C ALA F 215 -22.35 0.51 3.33
N TRP F 216 -23.27 0.10 4.20
CA TRP F 216 -22.93 -0.36 5.55
C TRP F 216 -22.18 -1.69 5.50
N GLU F 217 -22.31 -2.40 4.38
CA GLU F 217 -21.73 -3.73 4.17
C GLU F 217 -20.90 -3.74 2.88
N SER F 218 -20.27 -2.63 2.56
CA SER F 218 -19.60 -2.49 1.26
C SER F 218 -18.19 -3.10 1.17
N LYS F 219 -17.50 -3.21 2.30
CA LYS F 219 -16.12 -3.72 2.28
C LYS F 219 -16.06 -5.24 2.24
N LYS F 220 -16.76 -5.87 3.17
CA LYS F 220 -16.86 -7.32 3.21
C LYS F 220 -18.04 -7.73 4.07
N ILE F 221 -18.47 -8.98 3.90
CA ILE F 221 -19.54 -9.57 4.72
C ILE F 221 -19.13 -10.95 5.18
N GLY F 222 -19.84 -11.50 6.17
CA GLY F 222 -19.61 -12.86 6.61
C GLY F 222 -20.73 -13.41 7.49
N ALA F 223 -20.89 -14.72 7.49
CA ALA F 223 -21.93 -15.36 8.31
C ALA F 223 -21.76 -15.10 9.80
N GLY F 224 -22.88 -14.95 10.51
CA GLY F 224 -22.89 -14.79 11.95
C GLY F 224 -23.22 -16.09 12.67
N PRO F 225 -24.37 -16.11 13.37
CA PRO F 225 -24.86 -17.28 14.14
C PRO F 225 -25.37 -18.39 13.24
N ILE F 226 -25.64 -19.56 13.82
CA ILE F 226 -26.31 -20.66 13.14
C ILE F 226 -27.62 -20.21 12.46
N PRO F 227 -27.80 -20.58 11.19
CA PRO F 227 -29.04 -20.32 10.42
C PRO F 227 -30.28 -20.85 11.14
N ILE F 228 -31.36 -20.07 11.15
CA ILE F 228 -32.60 -20.48 11.79
C ILE F 228 -33.61 -20.94 10.75
N GLU F 229 -34.14 -22.15 10.90
CA GLU F 229 -35.10 -22.67 9.90
C GLU F 229 -36.52 -22.13 10.13
N THR F 230 -37.09 -21.51 9.11
CA THR F 230 -38.44 -20.94 9.19
C THR F 230 -39.28 -21.32 7.97
N SER F 231 -40.56 -20.95 8.01
CA SER F 231 -41.48 -21.21 6.90
C SER F 231 -41.12 -20.39 5.67
N GLU F 232 -40.37 -19.30 5.86
CA GLU F 232 -39.87 -18.48 4.76
C GLU F 232 -38.53 -18.99 4.21
N GLY F 233 -37.97 -20.00 4.86
CA GLY F 233 -36.64 -20.48 4.54
C GLY F 233 -35.70 -20.25 5.71
N TRP F 234 -34.40 -20.09 5.40
CA TRP F 234 -33.36 -19.92 6.43
C TRP F 234 -33.11 -18.45 6.81
N LEU F 235 -33.33 -18.14 8.09
CA LEU F 235 -33.09 -16.81 8.62
C LEU F 235 -31.64 -16.73 9.07
N CYS F 236 -30.86 -15.88 8.40
CA CYS F 236 -29.43 -15.84 8.67
C CYS F 236 -28.96 -14.42 9.02
N PHE F 237 -28.52 -14.27 10.27
CA PHE F 237 -27.89 -13.02 10.66
C PHE F 237 -26.47 -13.09 10.15
N TYR F 238 -25.97 -11.95 9.66
CA TYR F 238 -24.65 -11.86 9.07
C TYR F 238 -24.04 -10.50 9.39
N HIS F 239 -22.71 -10.42 9.42
CA HIS F 239 -22.06 -9.13 9.62
C HIS F 239 -21.67 -8.52 8.28
N GLY F 240 -21.70 -7.18 8.23
CA GLY F 240 -21.23 -6.43 7.09
C GLY F 240 -20.31 -5.31 7.55
N VAL F 241 -19.35 -4.94 6.71
CA VAL F 241 -18.32 -3.98 7.11
C VAL F 241 -18.29 -2.74 6.22
N LEU F 242 -18.26 -1.55 6.85
CA LEU F 242 -18.02 -0.29 6.16
C LEU F 242 -16.60 0.18 6.47
N GLU F 243 -15.87 0.63 5.46
CA GLU F 243 -14.53 1.18 5.69
C GLU F 243 -14.51 2.72 5.69
N SER F 244 -14.12 3.28 6.82
CA SER F 244 -13.93 4.72 6.91
C SER F 244 -12.44 5.05 6.72
N CYS F 245 -12.07 6.31 6.85
CA CYS F 245 -10.67 6.70 6.77
C CYS F 245 -9.88 6.21 7.99
N ASN F 246 -10.57 5.96 9.10
CA ASN F 246 -9.91 5.48 10.31
C ASN F 246 -9.97 3.96 10.51
N GLY F 247 -10.70 3.24 9.65
CA GLY F 247 -10.78 1.79 9.75
C GLY F 247 -12.12 1.17 9.39
N PHE F 248 -12.43 0.05 10.05
CA PHE F 248 -13.66 -0.72 9.80
C PHE F 248 -14.74 -0.46 10.84
N VAL F 249 -16.00 -0.42 10.39
CA VAL F 249 -17.14 -0.46 11.27
C VAL F 249 -17.94 -1.76 11.05
N TYR F 250 -18.07 -2.58 12.09
CA TYR F 250 -18.80 -3.86 11.96
C TYR F 250 -20.25 -3.73 12.44
N SER F 251 -21.21 -3.89 11.52
CA SER F 251 -22.63 -3.94 11.88
C SER F 251 -23.22 -5.28 11.47
N PHE F 252 -24.45 -5.57 11.86
CA PHE F 252 -25.01 -6.81 11.36
C PHE F 252 -26.48 -6.68 11.03
N SER F 253 -26.95 -7.61 10.20
CA SER F 253 -28.32 -7.57 9.70
C SER F 253 -28.78 -9.03 9.46
N ALA F 254 -29.73 -9.21 8.56
CA ALA F 254 -30.27 -10.55 8.31
C ALA F 254 -30.71 -10.71 6.88
N CYS F 255 -30.71 -11.96 6.42
CA CYS F 255 -31.23 -12.32 5.12
C CYS F 255 -32.05 -13.60 5.24
N ILE F 256 -32.83 -13.90 4.22
CA ILE F 256 -33.57 -15.15 4.17
C ILE F 256 -33.15 -15.92 2.93
N LEU F 257 -32.72 -17.17 3.13
CA LEU F 257 -32.19 -17.97 2.05
C LEU F 257 -33.12 -19.13 1.74
N ASP F 258 -33.12 -19.55 0.48
CA ASP F 258 -33.94 -20.67 0.01
C ASP F 258 -33.77 -21.93 0.86
N LYS F 259 -34.89 -22.56 1.20
CA LYS F 259 -34.91 -23.71 2.09
C LYS F 259 -34.07 -24.86 1.59
N ASP F 260 -34.13 -25.10 0.27
CA ASP F 260 -33.53 -26.29 -0.33
C ASP F 260 -32.13 -26.00 -0.87
N GLU F 261 -31.95 -24.80 -1.42
CA GLU F 261 -30.65 -24.38 -1.95
C GLU F 261 -30.24 -23.04 -1.33
N PRO F 262 -29.66 -23.10 -0.12
CA PRO F 262 -29.52 -21.90 0.72
C PRO F 262 -28.50 -20.88 0.20
N TRP F 263 -27.84 -21.15 -0.92
CA TRP F 263 -26.99 -20.15 -1.56
C TRP F 263 -27.81 -19.17 -2.40
N LYS F 264 -29.09 -19.44 -2.53
CA LYS F 264 -30.01 -18.57 -3.26
C LYS F 264 -30.72 -17.62 -2.31
N VAL F 265 -30.55 -16.33 -2.56
CA VAL F 265 -31.06 -15.33 -1.66
C VAL F 265 -32.49 -14.97 -2.02
N LYS F 266 -33.40 -15.13 -1.06
CA LYS F 266 -34.80 -14.77 -1.26
C LYS F 266 -35.02 -13.33 -0.83
N TYR F 267 -34.54 -12.98 0.37
CA TYR F 267 -34.62 -11.60 0.82
C TYR F 267 -33.33 -11.25 1.55
N ARG F 268 -32.98 -9.97 1.51
CA ARG F 268 -31.79 -9.46 2.18
C ARG F 268 -32.04 -8.02 2.62
N CYS F 269 -31.95 -7.77 3.93
CA CYS F 269 -32.27 -6.44 4.46
C CYS F 269 -31.24 -5.40 4.02
N ALA F 270 -31.71 -4.34 3.38
CA ALA F 270 -30.80 -3.29 2.91
C ALA F 270 -30.19 -2.50 4.06
N GLU F 271 -30.82 -2.54 5.23
CA GLU F 271 -30.36 -1.82 6.40
C GLU F 271 -29.67 -2.77 7.36
N TYR F 272 -28.69 -2.26 8.11
CA TYR F 272 -28.22 -3.02 9.25
C TYR F 272 -29.39 -3.09 10.26
N LEU F 273 -29.34 -4.03 11.19
CA LEU F 273 -30.36 -4.07 12.25
C LEU F 273 -29.75 -3.66 13.57
N LEU F 274 -28.42 -3.73 13.65
CA LEU F 274 -27.70 -3.21 14.80
C LEU F 274 -26.29 -2.78 14.36
N SER F 275 -25.83 -1.66 14.88
CA SER F 275 -24.54 -1.11 14.50
C SER F 275 -23.89 -0.57 15.76
N PRO F 276 -22.57 -0.35 15.74
CA PRO F 276 -21.90 0.10 16.95
C PRO F 276 -22.31 1.50 17.40
N GLN F 277 -23.11 1.60 18.45
CA GLN F 277 -23.48 2.93 18.91
C GLN F 277 -23.27 3.22 20.41
N LYS F 278 -23.20 2.18 21.24
CA LYS F 278 -23.00 2.41 22.67
C LYS F 278 -21.53 2.48 23.00
N ILE F 279 -21.20 2.97 24.19
CA ILE F 279 -19.80 3.17 24.55
C ILE F 279 -19.00 1.86 24.49
N TYR F 280 -19.64 0.73 24.79
CA TYR F 280 -18.92 -0.55 24.88
C TYR F 280 -18.83 -1.24 23.51
N GLU F 281 -19.57 -0.71 22.54
CA GLU F 281 -19.45 -1.14 21.16
C GLU F 281 -18.45 -0.26 20.38
N CYS F 282 -18.25 0.98 20.86
CA CYS F 282 -17.39 1.92 20.14
C CYS F 282 -15.99 2.06 20.74
N VAL F 283 -15.81 1.65 21.99
CA VAL F 283 -14.51 1.81 22.61
C VAL F 283 -14.05 0.47 23.17
N GLY F 284 -12.80 0.12 22.89
CA GLY F 284 -12.23 -1.15 23.32
C GLY F 284 -11.07 -1.55 22.42
N ASP F 285 -10.78 -2.84 22.37
CA ASP F 285 -9.60 -3.33 21.66
C ASP F 285 -9.67 -3.06 20.16
N VAL F 286 -10.89 -3.13 19.62
CA VAL F 286 -11.13 -2.79 18.24
C VAL F 286 -12.38 -1.95 18.20
N GLN F 287 -12.22 -0.66 17.95
CA GLN F 287 -13.35 0.26 18.02
C GLN F 287 -14.39 -0.06 16.96
N ASN F 288 -15.64 0.18 17.31
CA ASN F 288 -16.76 0.10 16.38
C ASN F 288 -17.02 -1.32 15.85
N VAL F 289 -17.31 -2.25 16.76
CA VAL F 289 -17.59 -3.63 16.36
C VAL F 289 -18.75 -4.24 17.12
N THR F 290 -19.74 -4.70 16.36
CA THR F 290 -20.83 -5.50 16.90
C THR F 290 -20.89 -6.78 16.05
N PHE F 291 -20.64 -7.93 16.68
CA PHE F 291 -20.29 -9.13 15.93
C PHE F 291 -21.04 -10.34 16.51
N PRO F 292 -22.12 -10.77 15.84
CA PRO F 292 -22.98 -11.85 16.37
C PRO F 292 -22.50 -13.27 16.02
N CYS F 293 -22.32 -14.13 17.03
CA CYS F 293 -21.93 -15.52 16.78
C CYS F 293 -22.94 -16.57 17.30
N ALA F 294 -23.97 -16.10 17.98
CA ALA F 294 -24.97 -17.01 18.53
C ALA F 294 -26.31 -16.31 18.71
N THR F 295 -27.36 -17.08 18.51
CA THR F 295 -28.70 -16.67 18.92
C THR F 295 -29.40 -17.84 19.59
N LEU F 296 -30.28 -17.53 20.53
CA LEU F 296 -31.21 -18.51 21.07
C LEU F 296 -32.59 -18.23 20.47
N VAL F 297 -33.33 -19.27 20.15
CA VAL F 297 -34.67 -19.10 19.65
C VAL F 297 -35.66 -20.01 20.40
N ASP F 298 -36.69 -19.40 20.99
CA ASP F 298 -37.81 -20.15 21.54
C ASP F 298 -38.88 -20.35 20.46
N ALA F 299 -39.00 -21.57 19.96
CA ALA F 299 -39.92 -21.88 18.88
C ALA F 299 -41.40 -21.65 19.25
N ASP F 300 -41.73 -21.72 20.54
CA ASP F 300 -43.10 -21.48 21.00
C ASP F 300 -43.58 -20.05 20.76
N THR F 301 -42.71 -19.07 21.00
CA THR F 301 -43.09 -17.65 20.95
C THR F 301 -42.43 -16.84 19.82
N GLY F 302 -41.31 -17.33 19.30
CA GLY F 302 -40.61 -16.63 18.24
C GLY F 302 -39.60 -15.62 18.77
N ARG F 303 -39.40 -15.64 20.09
CA ARG F 303 -38.44 -14.75 20.73
C ARG F 303 -37.02 -15.18 20.39
N ILE F 304 -36.17 -14.18 20.14
CA ILE F 304 -34.76 -14.39 19.85
C ILE F 304 -33.90 -13.58 20.80
N ALA F 305 -32.98 -14.27 21.46
CA ALA F 305 -31.88 -13.63 22.18
C ALA F 305 -30.60 -13.72 21.35
N ILE F 306 -29.93 -12.60 21.15
CA ILE F 306 -28.71 -12.57 20.33
C ILE F 306 -27.49 -12.24 21.18
N TYR F 307 -26.45 -13.08 21.14
CA TYR F 307 -25.15 -12.76 21.77
C TYR F 307 -24.22 -12.16 20.73
N TYR F 308 -23.54 -11.07 21.07
CA TYR F 308 -22.65 -10.44 20.10
C TYR F 308 -21.44 -9.76 20.74
N GLY F 309 -20.26 -10.01 20.17
CA GLY F 309 -19.05 -9.34 20.58
C GLY F 309 -19.15 -7.83 20.40
N CYS F 310 -18.56 -7.11 21.35
CA CYS F 310 -18.56 -5.66 21.35
C CYS F 310 -17.14 -5.12 21.43
N ALA F 311 -16.73 -4.44 20.36
CA ALA F 311 -15.40 -3.85 20.26
C ALA F 311 -14.29 -4.87 20.54
N ASP F 312 -14.54 -6.13 20.17
CA ASP F 312 -13.58 -7.20 20.42
C ASP F 312 -13.12 -7.23 21.88
N THR F 313 -14.00 -6.82 22.79
CA THR F 313 -13.66 -6.64 24.20
C THR F 313 -14.58 -7.43 25.16
N CYS F 314 -15.88 -7.40 24.92
CA CYS F 314 -16.86 -8.04 25.81
C CYS F 314 -18.00 -8.71 25.02
N VAL F 315 -18.86 -9.44 25.73
CA VAL F 315 -20.06 -10.05 25.13
C VAL F 315 -21.33 -9.38 25.63
N SER F 316 -22.17 -8.96 24.69
CA SER F 316 -23.44 -8.29 24.98
C SER F 316 -24.62 -9.06 24.43
N MET F 317 -25.82 -8.63 24.81
CA MET F 317 -27.04 -9.31 24.39
C MET F 317 -28.01 -8.30 23.80
N ALA F 318 -28.82 -8.78 22.86
CA ALA F 318 -29.86 -8.00 22.25
C ALA F 318 -31.07 -8.89 22.06
N PHE F 319 -32.23 -8.30 21.84
CA PHE F 319 -33.44 -9.12 21.66
C PHE F 319 -34.24 -8.67 20.44
N THR F 320 -34.98 -9.62 19.90
CA THR F 320 -35.94 -9.37 18.83
C THR F 320 -36.83 -10.62 18.68
N THR F 321 -37.69 -10.62 17.66
CA THR F 321 -38.52 -11.80 17.40
C THR F 321 -38.33 -12.23 15.94
N VAL F 322 -38.68 -13.47 15.65
CA VAL F 322 -38.55 -13.98 14.30
C VAL F 322 -39.42 -13.19 13.34
N ASP F 323 -40.67 -12.93 13.75
CA ASP F 323 -41.62 -12.18 12.93
C ASP F 323 -41.12 -10.77 12.65
N ASP F 324 -40.59 -10.11 13.69
CA ASP F 324 -40.13 -8.74 13.50
C ASP F 324 -38.98 -8.70 12.51
N VAL F 325 -38.01 -9.58 12.68
CA VAL F 325 -36.90 -9.62 11.76
C VAL F 325 -37.38 -9.94 10.34
N VAL F 326 -38.10 -11.04 10.18
CA VAL F 326 -38.61 -11.45 8.86
C VAL F 326 -39.46 -10.35 8.19
N ASP F 327 -40.44 -9.79 8.91
CA ASP F 327 -41.26 -8.72 8.33
C ASP F 327 -40.39 -7.57 7.81
N TYR F 328 -39.38 -7.19 8.58
CA TYR F 328 -38.54 -6.05 8.22
C TYR F 328 -37.60 -6.39 7.08
N VAL F 329 -37.11 -7.62 7.09
CA VAL F 329 -36.24 -8.09 6.00
C VAL F 329 -36.99 -8.04 4.68
N LYS F 330 -38.21 -8.59 4.67
CA LYS F 330 -39.02 -8.67 3.47
C LYS F 330 -39.43 -7.29 2.94
N SER F 331 -39.69 -6.34 3.85
CA SER F 331 -40.19 -5.02 3.46
C SER F 331 -39.09 -3.98 3.19
N HIS F 332 -37.86 -4.31 3.57
CA HIS F 332 -36.70 -3.45 3.26
C HIS F 332 -35.64 -4.19 2.47
N SER F 333 -36.06 -5.06 1.56
CA SER F 333 -35.14 -5.99 0.92
C SER F 333 -34.34 -5.38 -0.22
N SER F 334 -33.07 -5.75 -0.26
CA SER F 334 -32.12 -5.35 -1.29
C SER F 334 -32.49 -5.95 -2.64
N VAL F 335 -31.94 -7.13 -2.93
CA VAL F 335 -32.14 -7.80 -4.22
C VAL F 335 -32.25 -9.32 -4.10
#